data_3NUZ
#
_entry.id   3NUZ
#
_cell.length_a   125.612
_cell.length_b   125.612
_cell.length_c   162.639
_cell.angle_alpha   90.000
_cell.angle_beta   90.000
_cell.angle_gamma   120.000
#
_symmetry.space_group_name_H-M   'P 32'
#
loop_
_entity.id
_entity.type
_entity.pdbx_description
1 polymer 'Putative acetyl xylan esterase'
2 water water
#
_entity_poly.entity_id   1
_entity_poly.type   'polypeptide(L)'
_entity_poly.pdbx_seq_one_letter_code
;GAQSDGWSPKDHNLIKSVREDGRFLSSYGVVHA(MSE)LRNTEPRYAFHRDFSPKEFRKWQKGLRHA(MSE)EEI(MSE)
KFPQIKNSPAPVCIKREQREGYRLEKWEFYPLPKCVSTFLVLIPDNINKPVPAILCIPGSGGNKEGLAGEPGIAPKLNDR
YKDPKLTQALNFVKEGYIAVAVDNPAAGEASDLERYTLGSNYDYDVVSRYLLELGWSYLGYASYLD(MSE)QVLNW
(MSE)KTQKHIRKDRIVVSGFSLGTEP(MSE)(MSE)VLGTLDTSIYAFVYNDFLCQTQERAEV(MSE)T(MSE)PDKNG
RRPFPNSIRHLIPDFWKNFNFPDIVAALAPRPIILTEGGLDRDLDLVRKAYAIVGTPDNVKIYHYKKFSDPDTRKNVEYL
PEGLDRNEYFR(MSE)VNVDGPNHYFKSELVVPWLRKLLEER
;
_entity_poly.pdbx_strand_id   A,B,C,D,E,F
#
# COMPACT_ATOMS: atom_id res chain seq x y z
N TRP A 7 17.06 60.73 6.96
CA TRP A 7 17.01 59.58 7.90
C TRP A 7 18.26 59.57 8.79
N SER A 8 18.19 58.88 9.92
CA SER A 8 19.31 58.78 10.85
C SER A 8 19.51 57.35 11.35
N PRO A 9 20.74 56.82 11.21
CA PRO A 9 21.07 55.48 11.69
C PRO A 9 20.56 55.15 13.10
N LYS A 10 20.84 56.03 14.06
CA LYS A 10 20.43 55.86 15.47
C LYS A 10 18.96 55.58 15.78
N ASP A 11 18.05 55.94 14.87
CA ASP A 11 16.62 55.64 15.02
C ASP A 11 16.21 54.31 14.37
N HIS A 12 17.19 53.56 13.83
CA HIS A 12 16.96 52.25 13.18
C HIS A 12 17.86 51.09 13.64
N ASN A 13 18.63 51.28 14.72
CA ASN A 13 19.54 50.21 15.22
C ASN A 13 18.85 49.02 15.90
N LEU A 14 17.60 49.19 16.30
CA LEU A 14 16.81 48.10 16.90
C LEU A 14 16.08 47.31 15.84
N ILE A 15 15.97 46.01 16.06
CA ILE A 15 15.30 45.11 15.12
C ILE A 15 14.05 44.65 15.82
N LYS A 16 13.17 45.60 16.09
CA LYS A 16 11.92 45.33 16.78
C LYS A 16 10.75 45.39 15.84
N SER A 17 9.74 44.59 16.15
CA SER A 17 8.54 44.50 15.34
C SER A 17 7.74 45.80 15.42
N VAL A 18 7.04 46.11 14.33
CA VAL A 18 6.19 47.29 14.23
C VAL A 18 4.72 46.87 14.18
N ARG A 19 4.48 45.59 14.48
CA ARG A 19 3.14 44.99 14.42
C ARG A 19 2.70 44.46 15.78
N GLU A 20 1.41 44.57 16.07
CA GLU A 20 0.84 44.05 17.31
C GLU A 20 1.04 42.53 17.42
N ASP A 21 1.08 41.82 16.28
CA ASP A 21 1.28 40.36 16.29
C ASP A 21 2.74 39.90 16.49
N GLY A 22 3.68 40.87 16.51
CA GLY A 22 5.09 40.60 16.76
C GLY A 22 5.95 40.10 15.61
N ARG A 23 5.38 40.00 14.42
CA ARG A 23 6.10 39.50 13.25
C ARG A 23 6.92 40.58 12.55
N PHE A 24 7.76 40.13 11.63
CA PHE A 24 8.65 40.99 10.84
C PHE A 24 8.37 40.76 9.36
N LEU A 25 8.27 41.85 8.58
CA LEU A 25 8.14 41.77 7.12
C LEU A 25 9.52 41.68 6.52
N SER A 26 10.46 42.46 7.06
CA SER A 26 11.83 42.45 6.55
C SER A 26 12.47 41.11 6.86
N SER A 27 13.11 40.51 5.85
CA SER A 27 13.79 39.23 6.04
C SER A 27 14.90 39.37 7.10
N TYR A 28 15.59 40.51 7.11
CA TYR A 28 16.60 40.76 8.14
C TYR A 28 15.96 40.66 9.52
N GLY A 29 14.79 41.28 9.67
CA GLY A 29 14.06 41.24 10.92
C GLY A 29 13.77 39.81 11.34
N VAL A 30 13.33 38.99 10.38
CA VAL A 30 13.01 37.58 10.59
C VAL A 30 14.19 36.70 10.96
N VAL A 31 15.24 36.72 10.15
CA VAL A 31 16.44 35.88 10.42
C VAL A 31 17.16 36.29 11.71
N HIS A 32 17.05 37.56 12.09
CA HIS A 32 17.62 38.04 13.34
C HIS A 32 16.80 37.52 14.51
N ALA A 33 15.48 37.55 14.38
CA ALA A 33 14.60 37.03 15.42
C ALA A 33 14.83 35.54 15.61
N MSE A 34 15.06 34.83 14.51
CA MSE A 34 15.32 33.39 14.56
C MSE A 34 16.56 33.09 15.40
O MSE A 34 16.53 32.24 16.29
CB MSE A 34 15.49 32.81 13.16
CG MSE A 34 14.20 32.68 12.33
SE MSE A 34 14.60 32.11 10.47
CE MSE A 34 15.70 30.60 10.89
N LEU A 35 17.67 33.78 15.11
CA LEU A 35 18.91 33.65 15.85
C LEU A 35 18.73 34.02 17.32
N ARG A 36 17.98 35.08 17.53
CA ARG A 36 17.72 35.58 18.89
C ARG A 36 17.08 34.46 19.69
N ASN A 37 16.16 33.71 19.07
CA ASN A 37 15.42 32.63 19.72
C ASN A 37 16.07 31.24 19.67
N THR A 38 17.30 31.16 19.18
CA THR A 38 18.00 29.89 19.12
C THR A 38 18.75 29.63 20.44
N GLU A 39 18.29 28.61 21.16
CA GLU A 39 18.87 28.20 22.44
C GLU A 39 19.91 27.13 22.14
N PRO A 40 21.22 27.43 22.31
CA PRO A 40 22.19 26.39 21.98
C PRO A 40 22.05 25.17 22.88
N ARG A 41 21.88 24.00 22.27
CA ARG A 41 21.65 22.74 22.99
C ARG A 41 22.68 22.47 24.09
N TYR A 42 23.96 22.69 23.79
CA TYR A 42 25.03 22.44 24.74
C TYR A 42 25.57 23.68 25.45
N ALA A 43 24.69 24.62 25.75
CA ALA A 43 25.07 25.81 26.53
C ALA A 43 25.42 25.37 27.95
N PHE A 44 26.36 26.08 28.57
CA PHE A 44 26.77 25.79 29.94
C PHE A 44 25.73 26.35 30.89
N HIS A 45 25.49 25.64 31.99
CA HIS A 45 24.57 26.06 33.03
C HIS A 45 25.35 26.04 34.34
N ARG A 46 25.40 27.18 35.03
CA ARG A 46 26.12 27.29 36.30
CA ARG A 46 26.12 27.29 36.30
C ARG A 46 25.67 26.31 37.39
N ASP A 47 24.44 25.82 37.31
CA ASP A 47 23.93 24.90 38.34
C ASP A 47 24.14 23.40 38.09
N PHE A 48 25.00 23.02 37.14
CA PHE A 48 25.26 21.61 36.86
C PHE A 48 25.87 20.90 38.08
N SER A 49 25.52 19.63 38.25
CA SER A 49 26.16 18.78 39.23
C SER A 49 27.33 18.18 38.47
N PRO A 50 28.36 17.68 39.19
CA PRO A 50 29.49 17.03 38.52
C PRO A 50 29.10 15.98 37.49
N LYS A 51 28.13 15.13 37.83
CA LYS A 51 27.68 14.07 36.92
C LYS A 51 26.96 14.62 35.68
N GLU A 52 26.23 15.73 35.84
CA GLU A 52 25.60 16.40 34.71
C GLU A 52 26.66 17.12 33.87
N PHE A 53 27.62 17.75 34.55
CA PHE A 53 28.71 18.47 33.89
C PHE A 53 29.49 17.53 32.98
N ARG A 54 29.77 16.33 33.47
CA ARG A 54 30.47 15.31 32.68
C ARG A 54 29.63 14.80 31.50
N LYS A 55 28.33 14.62 31.73
CA LYS A 55 27.40 14.16 30.70
C LYS A 55 27.24 15.19 29.57
N TRP A 56 27.29 16.47 29.96
CA TRP A 56 27.18 17.60 29.03
C TRP A 56 28.46 17.78 28.20
N GLN A 57 29.59 17.73 28.90
CA GLN A 57 30.92 17.84 28.33
C GLN A 57 31.14 16.81 27.22
N LYS A 58 30.54 15.64 27.38
CA LYS A 58 30.61 14.56 26.39
C LYS A 58 29.70 14.89 25.19
N GLY A 59 28.51 15.41 25.46
CA GLY A 59 27.56 15.77 24.39
C GLY A 59 28.09 16.86 23.47
N LEU A 60 28.71 17.87 24.07
CA LEU A 60 29.30 18.99 23.35
C LEU A 60 30.38 18.45 22.41
N ARG A 61 31.21 17.53 22.92
CA ARG A 61 32.28 16.92 22.14
C ARG A 61 31.66 16.12 20.99
N HIS A 62 30.64 15.33 21.30
CA HIS A 62 29.91 14.57 20.27
C HIS A 62 29.21 15.49 19.27
N ALA A 63 28.73 16.64 19.73
CA ALA A 63 28.09 17.62 18.85
C ALA A 63 29.12 18.27 17.93
N MSE A 64 30.30 18.55 18.49
CA MSE A 64 31.42 19.16 17.76
C MSE A 64 31.94 18.26 16.63
O MSE A 64 32.32 18.78 15.57
CB MSE A 64 32.57 19.50 18.72
CG MSE A 64 33.77 20.19 18.07
SE MSE A 64 33.51 22.06 17.68
CE MSE A 64 33.53 22.66 19.53
N GLU A 65 32.00 16.95 16.86
CA GLU A 65 32.42 16.02 15.82
C GLU A 65 31.47 16.08 14.64
N GLU A 66 30.17 16.12 14.94
CA GLU A 66 29.14 16.16 13.90
C GLU A 66 29.17 17.42 13.04
N ILE A 67 29.49 18.57 13.66
CA ILE A 67 29.48 19.82 12.89
C ILE A 67 30.83 20.08 12.21
N MSE A 68 31.92 19.51 12.72
CA MSE A 68 33.24 19.70 12.10
C MSE A 68 33.49 18.76 10.94
O MSE A 68 34.26 19.09 10.06
CB MSE A 68 34.38 19.61 13.11
CG MSE A 68 34.39 20.78 14.05
SE MSE A 68 34.48 22.47 13.11
CE MSE A 68 33.91 23.66 14.55
N LYS A 69 32.82 17.62 10.95
CA LYS A 69 32.88 16.65 9.86
C LYS A 69 34.28 16.19 9.44
N PHE A 70 35.10 15.78 10.40
CA PHE A 70 36.42 15.25 10.10
C PHE A 70 36.29 13.96 9.30
N PRO A 71 37.03 13.82 8.19
CA PRO A 71 37.01 12.53 7.48
C PRO A 71 37.77 11.43 8.23
N GLN A 72 37.52 10.17 7.86
CA GLN A 72 38.14 9.01 8.49
C GLN A 72 38.83 8.13 7.44
N SER A 76 46.88 7.67 3.10
CA SER A 76 47.44 8.78 3.87
C SER A 76 48.93 8.57 4.12
N PRO A 77 49.79 8.96 3.16
CA PRO A 77 51.21 8.76 3.38
C PRO A 77 51.67 9.51 4.61
N ALA A 78 52.68 8.98 5.27
CA ALA A 78 53.21 9.56 6.50
C ALA A 78 53.95 10.86 6.20
N PRO A 79 54.11 11.73 7.22
CA PRO A 79 54.85 12.98 7.00
C PRO A 79 56.33 12.78 6.68
N VAL A 80 56.95 13.81 6.10
CA VAL A 80 58.37 13.76 5.76
C VAL A 80 59.06 15.11 6.02
N CYS A 81 60.25 15.07 6.58
CA CYS A 81 61.05 16.24 6.83
C CYS A 81 61.72 16.62 5.53
N ILE A 82 61.47 17.84 5.03
CA ILE A 82 62.09 18.30 3.78
C ILE A 82 63.23 19.31 3.98
N LYS A 83 63.47 19.72 5.23
CA LYS A 83 64.57 20.65 5.54
C LYS A 83 64.98 20.58 7.02
N ARG A 84 66.28 20.72 7.26
CA ARG A 84 66.86 20.80 8.61
C ARG A 84 67.94 21.87 8.56
N GLU A 85 67.88 22.80 9.51
CA GLU A 85 68.85 23.88 9.58
C GLU A 85 69.15 24.22 11.03
N GLN A 86 70.43 24.43 11.33
CA GLN A 86 70.83 24.78 12.67
C GLN A 86 70.52 26.25 12.89
N ARG A 87 70.10 26.55 14.11
CA ARG A 87 69.84 27.92 14.56
C ARG A 87 70.53 28.02 15.92
N GLU A 88 70.52 29.20 16.51
CA GLU A 88 71.22 29.41 17.78
C GLU A 88 70.59 28.68 18.96
N GLY A 89 71.17 27.53 19.32
CA GLY A 89 70.73 26.72 20.45
C GLY A 89 69.56 25.77 20.18
N TYR A 90 68.96 25.87 19.00
CA TYR A 90 67.85 24.99 18.62
C TYR A 90 67.94 24.72 17.12
N ARG A 91 67.58 23.50 16.71
CA ARG A 91 67.53 23.19 15.27
C ARG A 91 66.10 23.38 14.75
N LEU A 92 65.99 23.90 13.53
CA LEU A 92 64.71 24.12 12.86
C LEU A 92 64.46 22.98 11.90
N GLU A 93 63.21 22.51 11.84
CA GLU A 93 62.84 21.45 10.91
C GLU A 93 61.53 21.80 10.24
N LYS A 94 61.48 21.65 8.91
CA LYS A 94 60.29 21.89 8.10
C LYS A 94 59.75 20.57 7.59
N TRP A 95 58.59 20.17 8.09
CA TRP A 95 57.97 18.91 7.69
C TRP A 95 56.82 19.08 6.69
N GLU A 96 56.63 18.04 5.87
CA GLU A 96 55.61 18.00 4.85
C GLU A 96 54.64 16.90 5.24
N PHE A 97 53.34 17.20 5.26
CA PHE A 97 52.36 16.14 5.57
C PHE A 97 51.27 16.18 4.52
N TYR A 98 50.58 15.05 4.42
CA TYR A 98 49.61 14.79 3.37
C TYR A 98 48.29 14.39 4.02
N PRO A 99 47.48 15.39 4.41
CA PRO A 99 46.25 15.13 5.15
C PRO A 99 45.03 14.68 4.33
N LEU A 100 44.89 15.11 3.08
CA LEU A 100 43.76 14.72 2.23
C LEU A 100 44.30 14.35 0.87
N PRO A 101 43.48 13.71 0.01
CA PRO A 101 44.00 13.42 -1.33
C PRO A 101 44.20 14.71 -2.11
N LYS A 102 45.31 14.79 -2.83
CA LYS A 102 45.71 15.95 -3.63
C LYS A 102 46.04 17.21 -2.82
N CYS A 103 46.22 17.06 -1.49
CA CYS A 103 46.58 18.14 -0.60
C CYS A 103 47.91 17.83 0.10
N VAL A 104 48.83 18.78 0.07
CA VAL A 104 50.07 18.73 0.83
C VAL A 104 50.02 19.99 1.67
N SER A 105 50.51 19.90 2.89
CA SER A 105 50.55 21.05 3.80
C SER A 105 51.94 21.02 4.42
N THR A 106 52.27 22.01 5.24
CA THR A 106 53.60 22.07 5.84
C THR A 106 53.59 22.67 7.26
N PHE A 107 54.59 22.31 8.05
CA PHE A 107 54.74 22.89 9.38
C PHE A 107 56.20 22.98 9.78
N LEU A 108 56.48 23.94 10.66
CA LEU A 108 57.83 24.17 11.19
C LEU A 108 57.93 23.64 12.60
N VAL A 109 59.06 23.00 12.91
CA VAL A 109 59.30 22.39 14.21
C VAL A 109 60.63 22.89 14.73
N LEU A 110 60.59 23.54 15.90
CA LEU A 110 61.77 24.10 16.55
C LEU A 110 62.14 23.20 17.74
N ILE A 111 63.36 22.65 17.70
CA ILE A 111 63.84 21.71 18.72
C ILE A 111 65.11 22.21 19.42
N PRO A 112 65.07 22.37 20.75
CA PRO A 112 66.31 22.77 21.43
C PRO A 112 67.45 21.76 21.21
N ASP A 113 68.69 22.24 21.23
CA ASP A 113 69.84 21.35 21.01
C ASP A 113 70.07 20.45 22.22
N ASN A 114 70.62 19.26 21.94
CA ASN A 114 70.97 18.28 22.99
C ASN A 114 69.86 17.99 24.01
N ILE A 115 68.78 17.38 23.55
CA ILE A 115 67.66 17.02 24.43
C ILE A 115 67.99 15.66 25.04
N ASN A 116 67.51 15.42 26.25
CA ASN A 116 67.70 14.14 26.91
C ASN A 116 66.34 13.47 27.05
N LYS A 117 65.60 13.85 28.08
CA LYS A 117 64.28 13.29 28.32
C LYS A 117 63.30 13.95 27.37
N PRO A 118 62.16 13.29 27.12
CA PRO A 118 61.18 13.96 26.27
C PRO A 118 60.71 15.22 26.98
N VAL A 119 60.56 16.31 26.25
CA VAL A 119 60.16 17.57 26.83
C VAL A 119 58.78 17.98 26.32
N PRO A 120 58.08 18.85 27.08
CA PRO A 120 56.80 19.35 26.60
C PRO A 120 56.91 20.00 25.23
N ALA A 121 55.85 19.89 24.43
CA ALA A 121 55.80 20.42 23.08
C ALA A 121 54.57 21.30 22.94
N ILE A 122 54.70 22.34 22.12
CA ILE A 122 53.64 23.31 21.95
C ILE A 122 53.26 23.57 20.49
N LEU A 123 51.98 23.33 20.15
CA LEU A 123 51.45 23.58 18.81
C LEU A 123 50.90 25.00 18.75
N CYS A 124 51.65 25.88 18.08
CA CYS A 124 51.33 27.30 17.98
C CYS A 124 50.54 27.57 16.71
N ILE A 125 49.49 28.36 16.83
CA ILE A 125 48.58 28.63 15.71
C ILE A 125 48.42 30.14 15.57
N PRO A 126 48.71 30.71 14.39
CA PRO A 126 48.71 32.15 14.21
C PRO A 126 47.36 32.83 14.03
N GLY A 127 47.40 34.15 14.10
CA GLY A 127 46.22 34.99 13.88
C GLY A 127 46.08 35.33 12.41
N SER A 128 44.91 35.84 12.05
CA SER A 128 44.57 36.23 10.69
C SER A 128 45.70 37.09 10.11
N GLY A 129 46.15 36.75 8.90
CA GLY A 129 47.27 37.47 8.28
C GLY A 129 48.63 36.90 8.68
N GLY A 130 48.71 36.23 9.83
CA GLY A 130 49.95 35.65 10.30
C GLY A 130 50.32 34.37 9.56
N ASN A 131 51.52 33.87 9.82
CA ASN A 131 51.98 32.63 9.20
C ASN A 131 53.05 31.95 10.06
N LYS A 132 53.23 30.65 9.83
CA LYS A 132 54.19 29.86 10.63
C LYS A 132 55.61 30.39 10.64
N GLU A 133 56.05 31.02 9.56
CA GLU A 133 57.40 31.58 9.56
C GLU A 133 57.39 32.73 10.57
N GLY A 134 56.36 33.59 10.48
CA GLY A 134 56.18 34.67 11.43
C GLY A 134 56.30 34.18 12.86
N LEU A 135 55.64 33.06 13.16
CA LEU A 135 55.70 32.50 14.52
C LEU A 135 57.12 32.04 14.87
N ALA A 136 57.80 31.38 13.92
CA ALA A 136 59.19 30.94 14.15
C ALA A 136 60.22 32.07 14.04
N GLY A 137 59.77 33.26 13.67
CA GLY A 137 60.67 34.40 13.53
C GLY A 137 61.54 34.31 12.29
N GLU A 138 61.08 33.55 11.30
CA GLU A 138 61.83 33.38 10.07
C GLU A 138 61.31 34.33 9.01
N PRO A 139 62.15 34.68 8.02
CA PRO A 139 61.65 35.54 6.95
C PRO A 139 60.65 34.76 6.10
N GLY A 140 59.67 35.46 5.53
CA GLY A 140 58.62 34.82 4.76
C GLY A 140 59.04 34.07 3.50
N ILE A 141 58.10 33.29 2.98
CA ILE A 141 58.32 32.54 1.74
C ILE A 141 58.31 33.49 0.53
N ALA A 142 57.84 34.72 0.73
CA ALA A 142 57.84 35.72 -0.33
C ALA A 142 58.19 37.10 0.25
N PRO A 143 58.59 38.05 -0.61
CA PRO A 143 58.82 39.39 -0.08
C PRO A 143 57.54 40.00 0.53
N LYS A 144 56.38 39.78 -0.11
CA LYS A 144 55.11 40.29 0.40
C LYS A 144 54.54 39.43 1.52
N LEU A 145 54.89 38.14 1.53
CA LEU A 145 54.37 37.21 2.54
C LEU A 145 55.14 37.24 3.88
N ASN A 146 56.16 38.09 4.01
CA ASN A 146 56.89 38.19 5.27
C ASN A 146 55.99 38.78 6.38
N ASP A 147 56.06 38.18 7.56
CA ASP A 147 55.24 38.58 8.71
C ASP A 147 56.01 39.67 9.50
N ARG A 148 55.65 39.89 10.76
CA ARG A 148 56.37 40.79 11.66
C ARG A 148 57.37 39.90 12.41
N TYR A 149 58.15 39.12 11.65
CA TYR A 149 59.04 38.10 12.20
C TYR A 149 60.15 38.54 13.16
N LYS A 150 60.49 39.83 13.17
CA LYS A 150 61.50 40.35 14.10
C LYS A 150 60.88 40.98 15.35
N ASP A 151 59.57 40.79 15.53
CA ASP A 151 58.83 41.33 16.67
C ASP A 151 58.54 40.19 17.65
N PRO A 152 59.02 40.30 18.90
CA PRO A 152 58.74 39.24 19.88
C PRO A 152 57.28 39.14 20.34
N LYS A 153 56.46 40.14 20.04
CA LYS A 153 55.05 40.17 20.41
C LYS A 153 54.18 39.15 19.66
N LEU A 154 54.67 38.66 18.52
CA LEU A 154 53.91 37.69 17.71
C LEU A 154 54.61 36.34 17.44
N THR A 155 55.92 36.23 17.70
CA THR A 155 56.70 35.01 17.38
C THR A 155 56.60 33.89 18.42
N GLN A 156 55.42 33.29 18.54
CA GLN A 156 55.16 32.24 19.55
C GLN A 156 56.17 31.10 19.63
N ALA A 157 56.51 30.56 18.46
CA ALA A 157 57.40 29.39 18.38
C ALA A 157 58.85 29.67 18.80
N LEU A 158 59.40 30.79 18.33
CA LEU A 158 60.75 31.21 18.68
C LEU A 158 60.81 31.43 20.18
N ASN A 159 59.82 32.17 20.66
CA ASN A 159 59.68 32.49 22.07
C ASN A 159 59.62 31.25 22.94
N PHE A 160 58.96 30.18 22.48
CA PHE A 160 58.85 28.97 23.31
C PHE A 160 59.99 27.98 23.21
N VAL A 161 60.70 27.96 22.08
CA VAL A 161 61.83 27.04 21.94
C VAL A 161 62.95 27.44 22.91
N LYS A 162 63.11 28.75 23.11
CA LYS A 162 64.11 29.32 24.02
C LYS A 162 63.86 28.90 25.49
N GLU A 163 62.62 28.55 25.79
CA GLU A 163 62.23 28.09 27.13
C GLU A 163 62.51 26.61 27.37
N GLY A 164 62.96 25.89 26.35
CA GLY A 164 63.28 24.47 26.49
C GLY A 164 62.19 23.55 25.97
N TYR A 165 61.12 24.14 25.46
CA TYR A 165 60.02 23.37 24.89
C TYR A 165 60.31 23.27 23.43
N ILE A 166 59.70 22.28 22.76
CA ILE A 166 59.82 22.19 21.31
C ILE A 166 58.54 22.81 20.74
N ALA A 167 58.71 23.80 19.88
CA ALA A 167 57.59 24.52 19.30
C ALA A 167 57.30 24.09 17.88
N VAL A 168 56.06 23.66 17.62
CA VAL A 168 55.62 23.32 16.27
C VAL A 168 54.72 24.46 15.81
N ALA A 169 55.00 25.00 14.63
CA ALA A 169 54.25 26.13 14.06
C ALA A 169 53.49 25.67 12.83
N VAL A 170 52.23 26.10 12.69
CA VAL A 170 51.36 25.74 11.56
C VAL A 170 50.78 26.98 10.89
N ASP A 171 50.23 26.77 9.69
CA ASP A 171 49.58 27.82 8.90
C ASP A 171 48.08 27.64 9.03
N ASN A 172 47.36 28.74 8.85
CA ASN A 172 45.92 28.73 8.77
C ASN A 172 45.72 28.62 7.24
N PRO A 173 44.74 27.82 6.77
CA PRO A 173 44.49 27.69 5.34
C PRO A 173 44.35 29.02 4.60
N ALA A 174 44.83 29.07 3.37
CA ALA A 174 44.78 30.27 2.52
C ALA A 174 45.84 31.33 2.82
N ALA A 175 46.67 31.11 3.87
CA ALA A 175 47.70 32.05 4.30
C ALA A 175 49.09 31.40 4.33
N GLY A 176 50.12 32.23 4.13
CA GLY A 176 51.50 31.78 4.17
C GLY A 176 51.86 30.95 2.96
N GLU A 177 52.44 29.77 3.20
CA GLU A 177 52.78 28.85 2.13
C GLU A 177 51.51 28.25 1.50
N ALA A 178 50.39 28.30 2.22
CA ALA A 178 49.10 27.82 1.73
C ALA A 178 48.31 28.91 1.01
N SER A 179 48.95 30.04 0.70
CA SER A 179 48.28 31.14 0.00
C SER A 179 48.25 30.84 -1.50
N ASP A 180 47.59 31.68 -2.28
CA ASP A 180 47.43 31.45 -3.74
C ASP A 180 48.25 32.46 -4.56
N LEU A 181 47.67 33.57 -5.00
CA LEU A 181 48.43 34.55 -5.77
C LEU A 181 48.76 35.82 -5.00
N GLU A 182 48.56 35.81 -3.69
CA GLU A 182 48.81 37.00 -2.87
C GLU A 182 50.25 37.46 -2.93
N ARG A 183 51.17 36.51 -2.95
CA ARG A 183 52.61 36.78 -3.00
C ARG A 183 53.06 37.65 -4.20
N TYR A 184 52.22 37.72 -5.24
CA TYR A 184 52.51 38.58 -6.40
C TYR A 184 51.77 39.92 -6.33
N THR A 185 50.66 39.98 -5.59
CA THR A 185 49.80 41.19 -5.58
C THR A 185 49.49 41.88 -4.24
N LEU A 186 48.76 41.22 -3.34
CA LEU A 186 48.32 41.83 -2.06
C LEU A 186 49.03 41.37 -0.77
N GLY A 187 49.80 40.29 -0.84
CA GLY A 187 50.51 39.80 0.33
C GLY A 187 49.56 39.38 1.44
N SER A 188 49.86 39.79 2.67
CA SER A 188 49.11 39.42 3.87
C SER A 188 47.58 39.59 3.87
N ASN A 189 47.03 40.30 2.89
CA ASN A 189 45.58 40.42 2.74
C ASN A 189 45.13 39.19 1.96
N TYR A 190 45.04 38.06 2.68
CA TYR A 190 44.73 36.77 2.08
C TYR A 190 43.26 36.56 1.78
N ASP A 191 42.98 35.89 0.67
CA ASP A 191 41.61 35.57 0.29
C ASP A 191 41.16 34.30 1.03
N TYR A 192 40.78 34.47 2.28
CA TYR A 192 40.26 33.38 3.11
C TYR A 192 38.82 33.05 2.75
N ASP A 193 38.10 34.05 2.24
CA ASP A 193 36.70 33.91 1.89
C ASP A 193 36.42 32.98 0.71
N VAL A 194 37.21 33.06 -0.36
CA VAL A 194 36.96 32.18 -1.51
C VAL A 194 37.18 30.70 -1.10
N VAL A 195 38.23 30.40 -0.33
CA VAL A 195 38.49 29.05 0.15
C VAL A 195 37.32 28.54 1.01
N SER A 196 36.84 29.38 1.92
CA SER A 196 35.69 29.06 2.75
C SER A 196 34.46 28.74 1.89
N ARG A 197 34.22 29.54 0.86
CA ARG A 197 33.09 29.34 -0.02
C ARG A 197 33.09 27.95 -0.71
N TYR A 198 34.22 27.49 -1.25
CA TYR A 198 34.26 26.15 -1.85
C TYR A 198 33.90 25.07 -0.82
N LEU A 199 34.51 25.20 0.36
CA LEU A 199 34.31 24.24 1.45
C LEU A 199 32.87 24.19 1.88
N LEU A 200 32.28 25.36 2.05
CA LEU A 200 30.88 25.48 2.41
C LEU A 200 29.94 24.85 1.38
N GLU A 201 30.25 25.01 0.10
CA GLU A 201 29.42 24.42 -0.97
C GLU A 201 29.41 22.90 -0.81
N LEU A 202 30.58 22.36 -0.47
CA LEU A 202 30.77 20.93 -0.25
C LEU A 202 30.44 20.42 1.17
N GLY A 203 29.63 21.18 1.93
CA GLY A 203 29.16 20.75 3.25
C GLY A 203 30.12 20.87 4.40
N TRP A 204 31.27 21.51 4.17
CA TRP A 204 32.31 21.59 5.19
C TRP A 204 32.43 23.07 5.61
N SER A 205 33.61 23.48 6.05
CA SER A 205 33.79 24.82 6.51
C SER A 205 35.28 25.09 6.62
N TYR A 206 35.63 26.36 6.66
CA TYR A 206 37.00 26.80 6.84
C TYR A 206 37.56 26.21 8.14
N LEU A 207 36.80 26.32 9.22
CA LEU A 207 37.28 25.84 10.52
C LEU A 207 37.39 24.32 10.55
N GLY A 208 36.44 23.63 9.95
CA GLY A 208 36.48 22.17 9.89
C GLY A 208 37.69 21.68 9.15
N TYR A 209 38.01 22.33 8.03
CA TYR A 209 39.17 22.00 7.22
C TYR A 209 40.44 22.41 7.95
N ALA A 210 40.47 23.61 8.50
CA ALA A 210 41.63 24.12 9.24
C ALA A 210 41.95 23.26 10.47
N SER A 211 40.92 22.77 11.14
CA SER A 211 41.09 21.93 12.33
C SER A 211 41.50 20.52 11.96
N TYR A 212 40.93 19.98 10.88
CA TYR A 212 41.31 18.64 10.43
C TYR A 212 42.80 18.59 10.13
N LEU A 213 43.31 19.62 9.44
CA LEU A 213 44.75 19.68 9.14
C LEU A 213 45.58 19.81 10.41
N ASP A 214 45.25 20.77 11.27
CA ASP A 214 46.00 20.95 12.52
C ASP A 214 45.96 19.71 13.40
N MSE A 215 44.86 18.98 13.36
CA MSE A 215 44.75 17.73 14.10
C MSE A 215 45.83 16.73 13.65
O MSE A 215 46.50 16.12 14.50
CB MSE A 215 43.37 17.10 13.95
CG MSE A 215 43.14 15.84 14.76
SE MSE A 215 43.28 16.19 16.67
CE MSE A 215 43.52 14.37 17.28
N GLN A 216 46.02 16.60 12.33
CA GLN A 216 47.00 15.65 11.79
C GLN A 216 48.40 15.96 12.30
N VAL A 217 48.73 17.25 12.41
CA VAL A 217 50.02 17.68 12.91
C VAL A 217 50.18 17.27 14.37
N LEU A 218 49.12 17.42 15.17
CA LEU A 218 49.12 17.02 16.58
C LEU A 218 49.40 15.51 16.66
N ASN A 219 48.72 14.75 15.80
CA ASN A 219 48.92 13.31 15.76
C ASN A 219 50.38 12.97 15.46
N TRP A 220 51.03 13.77 14.60
CA TRP A 220 52.44 13.62 14.33
C TRP A 220 53.26 13.92 15.57
N MSE A 221 52.91 14.99 16.27
CA MSE A 221 53.59 15.37 17.53
C MSE A 221 53.60 14.24 18.54
O MSE A 221 54.53 14.11 19.34
CB MSE A 221 52.95 16.61 18.13
CG MSE A 221 53.19 17.85 17.33
SE MSE A 221 52.25 19.32 18.10
CE MSE A 221 53.20 19.45 19.79
N LYS A 222 52.55 13.41 18.53
CA LYS A 222 52.49 12.23 19.38
C LYS A 222 53.42 11.10 18.96
N THR A 223 54.01 11.17 17.76
CA THR A 223 54.90 10.11 17.25
C THR A 223 56.39 10.37 17.46
N GLN A 224 56.76 11.51 18.06
CA GLN A 224 58.17 11.84 18.30
C GLN A 224 58.61 11.36 19.68
N LYS A 225 59.81 10.79 19.75
CA LYS A 225 60.35 10.27 21.01
C LYS A 225 60.77 11.38 21.98
N HIS A 226 61.21 12.51 21.45
CA HIS A 226 61.60 13.68 22.26
C HIS A 226 60.39 14.52 22.69
N ILE A 227 59.22 14.24 22.12
CA ILE A 227 57.99 14.91 22.49
C ILE A 227 57.35 14.12 23.62
N ARG A 228 57.12 14.79 24.74
CA ARG A 228 56.49 14.18 25.90
C ARG A 228 54.97 14.18 25.63
N LYS A 229 54.49 13.07 25.08
CA LYS A 229 53.10 12.88 24.65
C LYS A 229 51.99 13.35 25.61
N ASP A 230 52.26 13.29 26.92
CA ASP A 230 51.29 13.71 27.94
C ASP A 230 51.37 15.21 28.29
N ARG A 231 52.45 15.89 27.88
CA ARG A 231 52.60 17.32 28.10
C ARG A 231 52.60 18.09 26.78
N ILE A 232 51.48 17.96 26.05
CA ILE A 232 51.29 18.65 24.78
C ILE A 232 50.33 19.81 25.03
N VAL A 233 50.82 21.02 24.78
CA VAL A 233 50.05 22.24 24.93
C VAL A 233 49.69 22.75 23.53
N VAL A 234 48.48 23.29 23.37
CA VAL A 234 48.07 23.89 22.08
C VAL A 234 47.82 25.39 22.31
N SER A 235 48.63 26.23 21.67
CA SER A 235 48.51 27.68 21.77
C SER A 235 47.98 28.28 20.49
N GLY A 236 47.24 29.37 20.62
CA GLY A 236 46.71 30.06 19.46
C GLY A 236 46.57 31.54 19.71
N PHE A 237 46.78 32.32 18.65
CA PHE A 237 46.62 33.77 18.70
C PHE A 237 45.47 34.21 17.81
N SER A 238 44.50 34.91 18.41
CA SER A 238 43.36 35.50 17.71
C SER A 238 42.54 34.44 16.98
N LEU A 239 42.50 34.44 15.65
CA LEU A 239 41.82 33.40 14.86
C LEU A 239 42.29 31.98 15.30
N GLY A 240 43.58 31.85 15.55
CA GLY A 240 44.21 30.59 15.97
C GLY A 240 43.57 29.87 17.15
N THR A 241 42.86 30.62 18.00
CA THR A 241 42.15 30.03 19.14
C THR A 241 40.93 29.22 18.70
N GLU A 242 40.48 29.39 17.46
CA GLU A 242 39.32 28.65 16.95
C GLU A 242 39.65 27.16 16.75
N PRO A 243 40.71 26.83 15.99
CA PRO A 243 41.11 25.43 15.92
C PRO A 243 41.70 24.92 17.26
N MSE A 244 42.17 25.80 18.14
CA MSE A 244 42.68 25.39 19.45
C MSE A 244 41.52 24.75 20.22
O MSE A 244 41.71 23.73 20.88
CB MSE A 244 43.19 26.59 20.25
CG MSE A 244 43.82 26.26 21.62
SE MSE A 244 43.19 27.46 23.02
CE MSE A 244 41.43 26.70 23.27
N MSE A 245 40.34 25.38 20.14
CA MSE A 245 39.11 24.89 20.78
C MSE A 245 38.63 23.56 20.22
O MSE A 245 38.20 22.68 20.96
CB MSE A 245 37.96 25.90 20.64
CG MSE A 245 37.99 27.05 21.64
SE MSE A 245 36.42 28.23 21.52
CE MSE A 245 36.94 29.33 20.00
N VAL A 246 38.68 23.44 18.90
CA VAL A 246 38.23 22.22 18.24
C VAL A 246 39.19 21.06 18.54
N LEU A 247 40.50 21.31 18.41
CA LEU A 247 41.51 20.28 18.76
C LEU A 247 41.38 19.89 20.22
N GLY A 248 41.25 20.89 21.09
CA GLY A 248 41.08 20.67 22.52
C GLY A 248 39.82 19.87 22.85
N THR A 249 38.71 20.26 22.23
CA THR A 249 37.44 19.56 22.44
C THR A 249 37.47 18.12 21.93
N LEU A 250 37.97 17.92 20.72
CA LEU A 250 38.00 16.57 20.14
C LEU A 250 39.11 15.68 20.67
N ASP A 251 40.17 16.26 21.24
CA ASP A 251 41.25 15.47 21.80
C ASP A 251 41.43 15.75 23.31
N THR A 252 40.96 14.80 24.10
CA THR A 252 41.00 14.90 25.55
C THR A 252 42.39 14.71 26.18
N SER A 253 43.38 14.23 25.42
CA SER A 253 44.76 14.06 25.94
C SER A 253 45.59 15.33 25.88
N ILE A 254 45.15 16.32 25.12
CA ILE A 254 45.83 17.62 25.07
C ILE A 254 45.97 18.07 26.51
N TYR A 255 47.18 18.45 26.92
CA TYR A 255 47.43 18.79 28.33
C TYR A 255 46.90 20.14 28.81
N ALA A 256 47.40 21.22 28.22
CA ALA A 256 46.99 22.57 28.62
C ALA A 256 46.77 23.44 27.40
N PHE A 257 46.20 24.62 27.63
CA PHE A 257 45.79 25.54 26.55
C PHE A 257 46.15 27.00 26.75
N VAL A 258 46.39 27.71 25.65
CA VAL A 258 46.68 29.14 25.67
C VAL A 258 45.71 29.80 24.72
N TYR A 259 44.76 30.52 25.28
CA TYR A 259 43.72 31.17 24.50
C TYR A 259 44.02 32.67 24.41
N ASN A 260 44.91 33.05 23.50
CA ASN A 260 45.30 34.45 23.38
C ASN A 260 44.37 35.28 22.48
N ASP A 261 43.21 35.60 23.03
CA ASP A 261 42.22 36.44 22.37
C ASP A 261 41.13 36.67 23.40
N PHE A 262 40.37 37.75 23.28
CA PHE A 262 39.27 37.98 24.23
C PHE A 262 38.23 36.86 24.04
N LEU A 263 37.53 36.51 25.11
CA LEU A 263 36.51 35.44 25.07
C LEU A 263 35.18 36.00 24.56
N CYS A 264 34.81 35.61 23.34
CA CYS A 264 33.63 36.15 22.66
C CYS A 264 32.41 35.24 22.63
N GLN A 265 31.23 35.81 22.90
CA GLN A 265 29.95 35.10 22.74
C GLN A 265 29.54 35.55 21.32
N THR A 266 30.05 34.87 20.31
CA THR A 266 29.85 35.31 18.92
C THR A 266 28.39 35.45 18.47
N GLN A 267 27.52 34.57 18.97
CA GLN A 267 26.10 34.65 18.63
C GLN A 267 25.52 35.94 19.15
N GLU A 268 25.83 36.25 20.41
CA GLU A 268 25.34 37.49 21.01
C GLU A 268 25.90 38.71 20.30
N ARG A 269 27.12 38.59 19.79
CA ARG A 269 27.73 39.70 19.06
C ARG A 269 26.93 40.00 17.80
N ALA A 270 26.58 38.96 17.04
CA ALA A 270 25.77 39.12 15.83
C ALA A 270 24.36 39.68 16.07
N GLU A 271 23.78 39.38 17.24
CA GLU A 271 22.42 39.84 17.60
C GLU A 271 22.36 41.31 17.96
N VAL A 272 23.40 41.82 18.61
CA VAL A 272 23.42 43.21 19.08
C VAL A 272 24.20 44.23 18.23
N MSE A 273 25.12 43.78 17.39
CA MSE A 273 25.88 44.70 16.53
C MSE A 273 25.01 45.00 15.31
O MSE A 273 25.34 44.63 14.19
CB MSE A 273 27.22 44.10 16.15
CG MSE A 273 28.19 45.11 15.54
SE MSE A 273 29.84 44.32 14.95
CE MSE A 273 30.47 43.63 16.64
N THR A 274 23.89 45.68 15.52
CA THR A 274 22.91 45.92 14.46
C THR A 274 22.79 47.38 13.98
N MSE A 275 23.51 48.30 14.63
CA MSE A 275 23.52 49.70 14.21
C MSE A 275 23.90 49.79 12.75
O MSE A 275 24.95 49.28 12.37
CB MSE A 275 24.56 50.50 15.00
CG MSE A 275 24.80 51.92 14.51
SE MSE A 275 23.55 53.22 15.20
CE MSE A 275 24.27 53.27 17.01
N PRO A 276 23.05 50.42 11.93
CA PRO A 276 23.44 50.52 10.52
C PRO A 276 24.46 51.64 10.28
N ASP A 277 25.17 51.54 9.16
CA ASP A 277 26.15 52.56 8.79
C ASP A 277 25.42 53.57 7.90
N LYS A 278 26.17 54.56 7.42
CA LYS A 278 25.67 55.65 6.54
C LYS A 278 24.83 55.18 5.33
N ASN A 279 25.12 53.98 4.82
CA ASN A 279 24.38 53.39 3.69
C ASN A 279 23.29 52.36 4.08
N GLY A 280 22.92 52.34 5.35
CA GLY A 280 21.89 51.41 5.84
C GLY A 280 22.34 49.99 6.09
N ARG A 281 23.58 49.69 5.72
CA ARG A 281 24.11 48.35 5.87
C ARG A 281 24.45 48.04 7.34
N ARG A 282 24.20 46.80 7.72
CA ARG A 282 24.55 46.27 9.03
C ARG A 282 25.56 45.15 8.75
N PRO A 283 26.86 45.47 8.73
CA PRO A 283 27.81 44.40 8.38
C PRO A 283 27.84 43.31 9.45
N PHE A 284 28.21 42.09 9.07
CA PHE A 284 28.24 40.99 10.04
C PHE A 284 29.51 41.17 10.90
N PRO A 285 29.52 40.67 12.15
CA PRO A 285 30.74 40.89 12.92
C PRO A 285 32.03 40.38 12.29
N ASN A 286 31.95 39.33 11.48
CA ASN A 286 33.12 38.81 10.80
C ASN A 286 32.71 38.10 9.50
N SER A 287 33.71 37.61 8.77
CA SER A 287 33.52 36.98 7.46
C SER A 287 33.21 35.48 7.47
N ILE A 288 32.86 34.95 6.29
CA ILE A 288 32.52 33.52 6.16
C ILE A 288 33.63 32.54 6.54
N ARG A 289 34.81 33.06 6.84
CA ARG A 289 35.90 32.28 7.40
C ARG A 289 35.45 31.69 8.74
N HIS A 290 34.55 32.40 9.42
CA HIS A 290 34.02 32.00 10.72
C HIS A 290 32.62 31.35 10.64
N LEU A 291 32.22 30.92 9.45
CA LEU A 291 30.91 30.30 9.27
C LEU A 291 31.01 28.78 9.31
N ILE A 292 30.48 28.18 10.37
CA ILE A 292 30.38 26.72 10.54
C ILE A 292 28.90 26.41 10.75
N PRO A 293 28.19 25.99 9.69
CA PRO A 293 26.75 25.74 9.82
C PRO A 293 26.36 24.91 11.05
N ASP A 294 25.30 25.36 11.72
CA ASP A 294 24.75 24.80 12.96
C ASP A 294 25.65 24.95 14.18
N PHE A 295 26.58 25.89 14.16
CA PHE A 295 27.46 26.09 15.31
C PHE A 295 26.61 26.56 16.48
N TRP A 296 25.83 27.61 16.23
CA TRP A 296 24.98 28.22 17.25
C TRP A 296 23.78 27.43 17.75
N LYS A 297 23.45 26.33 17.09
CA LYS A 297 22.39 25.42 17.58
C LYS A 297 22.93 24.55 18.70
N ASN A 298 24.26 24.41 18.73
CA ASN A 298 24.96 23.56 19.67
C ASN A 298 25.64 24.31 20.82
N PHE A 299 26.38 25.35 20.51
CA PHE A 299 27.15 26.04 21.54
C PHE A 299 27.79 27.34 21.10
N ASN A 300 28.40 28.00 22.09
CA ASN A 300 29.17 29.21 21.92
C ASN A 300 30.55 29.01 22.55
N PHE A 301 31.50 29.85 22.19
CA PHE A 301 32.88 29.75 22.65
C PHE A 301 33.06 29.54 24.15
N PRO A 302 32.43 30.38 25.00
CA PRO A 302 32.55 30.19 26.45
C PRO A 302 32.12 28.80 26.92
N ASP A 303 31.10 28.24 26.26
CA ASP A 303 30.63 26.89 26.58
C ASP A 303 31.69 25.85 26.30
N ILE A 304 32.39 26.03 25.19
CA ILE A 304 33.40 25.10 24.70
C ILE A 304 34.63 25.13 25.59
N VAL A 305 35.09 26.34 25.88
CA VAL A 305 36.26 26.52 26.77
C VAL A 305 35.95 25.92 28.13
N ALA A 306 34.73 26.16 28.61
CA ALA A 306 34.29 25.58 29.88
C ALA A 306 34.43 24.06 29.82
N ALA A 307 34.01 23.46 28.70
CA ALA A 307 34.08 22.00 28.51
C ALA A 307 35.50 21.43 28.55
N LEU A 308 36.50 22.26 28.28
CA LEU A 308 37.91 21.85 28.35
C LEU A 308 38.32 21.55 29.81
N ALA A 309 37.57 22.06 30.79
CA ALA A 309 37.84 21.75 32.19
C ALA A 309 37.82 20.23 32.42
N PRO A 310 38.65 19.72 33.35
CA PRO A 310 39.58 20.37 34.27
C PRO A 310 40.97 20.75 33.70
N ARG A 311 41.17 20.61 32.39
CA ARG A 311 42.50 20.84 31.82
C ARG A 311 42.96 22.32 31.90
N PRO A 312 44.23 22.57 32.28
CA PRO A 312 44.76 23.92 32.43
C PRO A 312 44.67 24.87 31.23
N ILE A 313 44.16 26.08 31.47
CA ILE A 313 44.05 27.06 30.39
C ILE A 313 44.29 28.47 30.88
N ILE A 314 44.94 29.28 30.05
CA ILE A 314 45.12 30.69 30.36
C ILE A 314 44.44 31.51 29.26
N LEU A 315 43.55 32.42 29.65
CA LEU A 315 42.95 33.38 28.72
C LEU A 315 43.70 34.67 29.04
N THR A 316 44.26 35.29 28.01
CA THR A 316 45.17 36.42 28.21
C THR A 316 44.62 37.82 27.89
N GLU A 317 43.50 37.92 27.19
CA GLU A 317 42.95 39.20 26.73
C GLU A 317 41.48 39.48 27.06
N GLY A 318 41.04 39.03 28.24
CA GLY A 318 39.69 39.31 28.72
C GLY A 318 38.47 38.85 27.93
N GLY A 319 37.44 39.70 27.96
CA GLY A 319 36.13 39.45 27.38
C GLY A 319 35.14 39.98 28.40
N LEU A 320 33.85 39.72 28.23
CA LEU A 320 32.82 40.18 29.18
C LEU A 320 32.97 39.34 30.47
N ASP A 321 32.91 39.99 31.63
CA ASP A 321 33.11 39.27 32.91
C ASP A 321 32.20 38.07 33.05
N ARG A 322 30.95 38.21 32.61
CA ARG A 322 29.98 37.11 32.61
C ARG A 322 30.59 35.83 32.02
N ASP A 323 31.19 35.95 30.85
CA ASP A 323 31.78 34.81 30.15
C ASP A 323 33.03 34.29 30.84
N LEU A 324 33.86 35.19 31.34
CA LEU A 324 35.04 34.79 32.10
C LEU A 324 34.60 33.98 33.33
N ASP A 325 33.59 34.49 34.04
CA ASP A 325 33.03 33.81 35.21
C ASP A 325 32.35 32.49 34.89
N LEU A 326 31.80 32.36 33.68
CA LEU A 326 31.24 31.10 33.22
C LEU A 326 32.35 30.04 33.25
N VAL A 327 33.50 30.40 32.71
CA VAL A 327 34.64 29.49 32.64
C VAL A 327 35.18 29.17 34.03
N ARG A 328 35.30 30.18 34.90
CA ARG A 328 35.77 29.95 36.27
C ARG A 328 34.87 28.95 36.99
N LYS A 329 33.56 29.15 36.84
CA LYS A 329 32.55 28.30 37.47
C LYS A 329 32.59 26.85 36.97
N ALA A 330 32.93 26.66 35.69
CA ALA A 330 33.08 25.32 35.14
C ALA A 330 34.26 24.61 35.82
N TYR A 331 35.37 25.34 36.01
CA TYR A 331 36.55 24.79 36.65
C TYR A 331 36.34 24.43 38.12
N ALA A 332 35.66 25.29 38.88
CA ALA A 332 35.34 25.01 40.28
C ALA A 332 34.43 23.79 40.48
N ILE A 333 33.52 23.53 39.53
CA ILE A 333 32.59 22.38 39.63
C ILE A 333 33.32 21.04 39.66
N VAL A 334 34.36 20.88 38.85
CA VAL A 334 35.15 19.64 38.83
C VAL A 334 36.19 19.58 39.98
N GLY A 335 36.38 20.70 40.68
CA GLY A 335 37.28 20.75 41.84
C GLY A 335 38.68 21.23 41.55
N THR A 336 38.85 21.99 40.46
CA THR A 336 40.15 22.53 40.08
C THR A 336 39.96 23.98 39.67
N PRO A 337 39.48 24.83 40.60
CA PRO A 337 39.22 26.25 40.29
C PRO A 337 40.43 27.05 39.85
N ASP A 338 41.61 26.66 40.30
CA ASP A 338 42.85 27.37 39.98
C ASP A 338 43.57 26.85 38.71
N ASN A 339 42.99 25.86 38.02
CA ASN A 339 43.55 25.38 36.74
C ASN A 339 43.27 26.35 35.60
N VAL A 340 42.23 27.15 35.73
CA VAL A 340 41.92 28.19 34.75
C VAL A 340 42.51 29.50 35.28
N LYS A 341 43.22 30.24 34.42
CA LYS A 341 43.86 31.51 34.78
C LYS A 341 43.44 32.59 33.78
N ILE A 342 42.97 33.73 34.28
CA ILE A 342 42.47 34.80 33.41
C ILE A 342 43.23 36.10 33.61
N TYR A 343 43.31 36.89 32.54
CA TYR A 343 43.89 38.23 32.58
C TYR A 343 43.07 39.10 31.64
N HIS A 344 42.90 40.38 31.99
CA HIS A 344 42.26 41.36 31.11
C HIS A 344 43.38 42.07 30.39
N TYR A 345 43.03 42.92 29.41
CA TYR A 345 44.01 43.79 28.81
C TYR A 345 44.37 44.73 29.96
N LYS A 346 45.57 45.29 29.94
CA LYS A 346 45.98 46.23 31.00
C LYS A 346 45.09 47.48 31.09
N LYS A 347 44.51 47.91 29.97
CA LYS A 347 43.64 49.10 29.95
C LYS A 347 42.33 48.91 30.73
N PHE A 348 41.83 47.67 30.74
CA PHE A 348 40.61 47.31 31.43
C PHE A 348 40.87 46.51 32.70
N SER A 349 42.07 46.66 33.27
CA SER A 349 42.42 45.92 34.49
C SER A 349 41.72 46.47 35.73
N ASP A 350 41.50 47.79 35.78
CA ASP A 350 40.79 48.40 36.90
C ASP A 350 39.28 48.05 36.74
N PRO A 351 38.67 47.39 37.75
CA PRO A 351 37.23 47.02 37.62
C PRO A 351 36.25 48.16 37.32
N ASP A 352 36.62 49.41 37.64
CA ASP A 352 35.78 50.57 37.33
C ASP A 352 35.69 50.87 35.82
N THR A 353 36.58 50.24 35.03
CA THR A 353 36.55 50.38 33.57
C THR A 353 35.66 49.32 32.90
N ARG A 354 35.25 48.30 33.67
CA ARG A 354 34.39 47.21 33.18
C ARG A 354 33.02 47.21 33.87
N LYS A 355 32.05 46.51 33.27
CA LYS A 355 30.68 46.41 33.78
C LYS A 355 30.18 44.96 33.78
N ASN A 356 29.45 44.58 34.83
CA ASN A 356 28.81 43.26 34.92
C ASN A 356 27.40 43.40 34.44
N VAL A 357 27.10 42.79 33.31
CA VAL A 357 25.76 42.75 32.79
C VAL A 357 25.60 41.32 32.33
N GLU A 358 24.40 40.79 32.48
CA GLU A 358 24.12 39.40 32.15
C GLU A 358 23.85 39.28 30.65
N TYR A 359 23.35 40.36 30.04
CA TYR A 359 23.13 40.43 28.60
C TYR A 359 23.72 41.72 28.06
N LEU A 360 24.26 41.68 26.85
CA LEU A 360 24.83 42.89 26.24
C LEU A 360 23.65 43.61 25.62
N PRO A 361 23.64 44.95 25.67
CA PRO A 361 22.51 45.69 25.13
C PRO A 361 22.37 45.56 23.63
N GLU A 362 21.14 45.68 23.13
CA GLU A 362 20.90 45.62 21.70
C GLU A 362 21.18 46.99 21.10
N GLY A 363 21.24 47.04 19.77
CA GLY A 363 21.40 48.29 19.03
C GLY A 363 22.78 48.93 19.09
N LEU A 364 23.80 48.10 19.24
CA LEU A 364 25.18 48.56 19.36
C LEU A 364 25.87 48.66 18.01
N ASP A 365 26.96 49.43 17.98
CA ASP A 365 27.83 49.47 16.80
C ASP A 365 29.12 48.74 17.17
N ARG A 366 30.03 48.60 16.22
CA ARG A 366 31.30 47.91 16.44
C ARG A 366 32.10 48.50 17.61
N ASN A 367 32.36 49.81 17.59
CA ASN A 367 33.13 50.48 18.63
C ASN A 367 32.55 50.27 20.02
N GLU A 368 31.22 50.37 20.12
CA GLU A 368 30.52 50.20 21.38
C GLU A 368 30.54 48.76 21.84
N TYR A 369 30.58 47.82 20.89
CA TYR A 369 30.65 46.40 21.24
C TYR A 369 31.98 46.05 21.91
N PHE A 370 33.08 46.42 21.29
CA PHE A 370 34.41 46.10 21.82
C PHE A 370 34.72 46.78 23.16
N ARG A 371 34.06 47.90 23.47
CA ARG A 371 34.25 48.55 24.77
C ARG A 371 33.48 47.81 25.88
N MSE A 372 32.35 47.21 25.50
CA MSE A 372 31.53 46.44 26.43
C MSE A 372 32.19 45.13 26.82
O MSE A 372 32.09 44.69 27.95
CB MSE A 372 30.14 46.15 25.84
CG MSE A 372 29.14 47.30 25.89
SE MSE A 372 28.60 47.81 27.68
CE MSE A 372 28.22 46.09 28.51
N VAL A 373 32.83 44.46 25.85
CA VAL A 373 33.53 43.22 26.15
C VAL A 373 35.01 43.44 26.56
N ASN A 374 35.38 44.70 26.81
CA ASN A 374 36.68 45.07 27.39
C ASN A 374 37.91 44.77 26.52
N VAL A 375 37.76 44.93 25.21
CA VAL A 375 38.84 44.69 24.27
C VAL A 375 39.52 45.99 23.86
N ASP A 376 40.86 46.00 23.96
CA ASP A 376 41.72 47.12 23.62
C ASP A 376 42.50 46.73 22.36
N GLY A 377 41.97 47.12 21.19
CA GLY A 377 42.54 46.78 19.88
C GLY A 377 44.02 47.06 19.67
N PRO A 378 44.46 48.32 19.90
CA PRO A 378 45.88 48.70 19.73
C PRO A 378 46.89 47.75 20.39
N ASN A 379 46.56 47.21 21.56
CA ASN A 379 47.46 46.31 22.29
C ASN A 379 47.08 44.82 22.19
N HIS A 380 46.51 44.46 21.04
CA HIS A 380 46.14 43.09 20.72
C HIS A 380 47.36 42.41 20.08
N TYR A 381 48.02 41.55 20.84
CA TYR A 381 49.20 40.80 20.38
C TYR A 381 49.41 39.58 21.29
N PHE A 382 50.28 38.65 20.90
CA PHE A 382 50.50 37.44 21.71
C PHE A 382 51.22 37.83 23.01
N LYS A 383 50.51 37.68 24.12
CA LYS A 383 51.01 38.09 25.43
C LYS A 383 52.03 37.08 26.01
N SER A 384 53.25 37.11 25.47
CA SER A 384 54.33 36.22 25.90
C SER A 384 54.75 36.46 27.35
N GLU A 385 54.60 37.70 27.81
CA GLU A 385 54.97 38.08 29.18
C GLU A 385 54.03 37.50 30.24
N LEU A 386 52.83 37.09 29.82
CA LEU A 386 51.85 36.44 30.69
C LEU A 386 51.89 34.92 30.48
N VAL A 387 51.90 34.51 29.22
CA VAL A 387 51.88 33.10 28.83
C VAL A 387 53.14 32.33 29.27
N VAL A 388 54.32 32.90 29.08
CA VAL A 388 55.57 32.21 29.42
C VAL A 388 55.69 31.88 30.91
N PRO A 389 55.64 32.89 31.81
CA PRO A 389 55.72 32.57 33.25
C PRO A 389 54.65 31.56 33.72
N TRP A 390 53.46 31.59 33.11
CA TRP A 390 52.39 30.66 33.44
C TRP A 390 52.78 29.24 33.01
N LEU A 391 53.32 29.10 31.80
CA LEU A 391 53.78 27.78 31.35
C LEU A 391 54.89 27.25 32.25
N ARG A 392 55.80 28.12 32.67
CA ARG A 392 56.89 27.72 33.58
C ARG A 392 56.32 27.05 34.83
N LYS A 393 55.36 27.75 35.45
CA LYS A 393 54.72 27.27 36.66
C LYS A 393 54.09 25.90 36.48
N LEU A 394 53.29 25.77 35.42
CA LEU A 394 52.62 24.51 35.13
C LEU A 394 53.60 23.34 34.96
N LEU A 395 54.69 23.58 34.23
CA LEU A 395 55.66 22.55 33.88
C LEU A 395 56.95 22.47 34.71
N GLU A 396 57.16 23.38 35.66
CA GLU A 396 58.36 23.32 36.51
C GLU A 396 58.34 22.02 37.29
N GLU A 397 57.25 21.83 38.04
CA GLU A 397 57.03 20.64 38.88
C GLU A 397 58.20 20.40 39.82
N TRP B 7 54.59 40.28 -12.88
CA TRP B 7 53.69 39.10 -12.87
C TRP B 7 52.63 39.27 -13.95
N SER B 8 51.90 38.19 -14.28
CA SER B 8 50.87 38.24 -15.30
C SER B 8 49.72 37.28 -14.96
N PRO B 9 48.47 37.80 -14.92
CA PRO B 9 47.30 36.98 -14.61
C PRO B 9 47.10 35.74 -15.49
N LYS B 10 47.48 35.83 -16.77
CA LYS B 10 47.34 34.72 -17.73
C LYS B 10 48.35 33.58 -17.60
N ASP B 11 49.29 33.70 -16.65
CA ASP B 11 50.24 32.61 -16.36
C ASP B 11 49.78 31.82 -15.14
N HIS B 12 48.69 32.25 -14.52
CA HIS B 12 48.18 31.61 -13.30
C HIS B 12 46.69 31.22 -13.32
N ASN B 13 46.05 31.29 -14.48
CA ASN B 13 44.60 30.97 -14.58
C ASN B 13 44.25 29.48 -14.50
N LEU B 14 45.24 28.62 -14.68
CA LEU B 14 45.02 27.18 -14.64
C LEU B 14 45.40 26.75 -13.24
N ILE B 15 44.52 26.00 -12.58
CA ILE B 15 44.80 25.53 -11.21
C ILE B 15 45.40 24.15 -11.29
N LYS B 16 46.64 24.03 -11.79
CA LYS B 16 47.28 22.73 -11.94
C LYS B 16 48.53 22.52 -11.06
N SER B 17 48.61 21.35 -10.43
CA SER B 17 49.72 21.01 -9.55
C SER B 17 51.07 21.04 -10.27
N VAL B 18 52.09 21.50 -9.56
CA VAL B 18 53.47 21.57 -10.07
C VAL B 18 54.36 20.46 -9.53
N ARG B 19 53.81 19.57 -8.71
CA ARG B 19 54.55 18.48 -8.08
C ARG B 19 54.29 17.15 -8.75
N GLU B 20 55.26 16.24 -8.70
CA GLU B 20 55.12 14.90 -9.26
C GLU B 20 53.96 14.10 -8.66
N ASP B 21 53.68 14.28 -7.36
CA ASP B 21 52.55 13.57 -6.72
C ASP B 21 51.17 14.17 -7.04
N GLY B 22 51.18 15.36 -7.63
CA GLY B 22 49.95 16.03 -8.05
C GLY B 22 49.16 16.73 -6.97
N ARG B 23 49.75 16.82 -5.76
CA ARG B 23 49.08 17.45 -4.64
C ARG B 23 49.28 18.96 -4.76
N PHE B 24 48.43 19.73 -4.07
CA PHE B 24 48.51 21.20 -4.08
C PHE B 24 48.89 21.75 -2.69
N LEU B 25 49.79 22.73 -2.64
CA LEU B 25 50.11 23.42 -1.35
C LEU B 25 49.04 24.44 -1.03
N SER B 26 48.62 25.21 -2.03
CA SER B 26 47.63 26.25 -1.85
C SER B 26 46.26 25.66 -1.56
N SER B 27 45.59 26.25 -0.58
CA SER B 27 44.27 25.82 -0.18
C SER B 27 43.26 26.01 -1.31
N TYR B 28 43.43 27.05 -2.10
CA TYR B 28 42.54 27.28 -3.22
C TYR B 28 42.68 26.12 -4.22
N GLY B 29 43.91 25.68 -4.44
CA GLY B 29 44.14 24.56 -5.35
C GLY B 29 43.47 23.32 -4.80
N VAL B 30 43.64 23.09 -3.50
CA VAL B 30 43.07 21.91 -2.85
C VAL B 30 41.56 21.84 -2.92
N VAL B 31 40.87 22.92 -2.57
CA VAL B 31 39.40 22.92 -2.58
C VAL B 31 38.81 22.88 -4.01
N HIS B 32 39.51 23.52 -4.94
CA HIS B 32 39.15 23.49 -6.34
C HIS B 32 39.27 22.05 -6.88
N ALA B 33 40.29 21.33 -6.43
CA ALA B 33 40.46 19.92 -6.78
C ALA B 33 39.38 19.07 -6.12
N MSE B 34 39.05 19.35 -4.87
CA MSE B 34 37.98 18.60 -4.21
C MSE B 34 36.65 18.75 -4.96
O MSE B 34 35.91 17.78 -5.11
CB MSE B 34 37.81 19.06 -2.77
CG MSE B 34 38.88 18.60 -1.80
SE MSE B 34 38.68 19.61 -0.12
CE MSE B 34 36.76 19.58 -0.03
N LEU B 35 36.36 19.95 -5.44
CA LEU B 35 35.16 20.24 -6.19
C LEU B 35 35.19 19.55 -7.53
N ARG B 36 36.37 19.50 -8.13
CA ARG B 36 36.52 18.89 -9.43
C ARG B 36 36.33 17.37 -9.37
N ASN B 37 36.58 16.79 -8.19
CA ASN B 37 36.42 15.36 -7.94
C ASN B 37 35.15 15.05 -7.14
N THR B 38 34.12 15.86 -7.35
CA THR B 38 32.83 15.71 -6.70
C THR B 38 31.85 15.31 -7.78
N GLU B 39 31.44 14.06 -7.75
CA GLU B 39 30.50 13.51 -8.73
C GLU B 39 29.13 13.70 -8.16
N PRO B 40 28.25 14.48 -8.83
CA PRO B 40 26.92 14.63 -8.25
C PRO B 40 26.18 13.28 -8.17
N ARG B 41 25.65 12.96 -7.00
CA ARG B 41 25.01 11.67 -6.77
C ARG B 41 23.82 11.40 -7.69
N TYR B 42 23.08 12.46 -8.00
CA TYR B 42 21.90 12.35 -8.86
C TYR B 42 22.08 13.08 -10.16
N ALA B 43 23.28 12.99 -10.72
CA ALA B 43 23.58 13.54 -12.03
C ALA B 43 22.80 12.70 -13.05
N PHE B 44 22.33 13.34 -14.11
CA PHE B 44 21.59 12.65 -15.16
C PHE B 44 22.52 11.87 -16.04
N HIS B 45 22.00 10.77 -16.60
CA HIS B 45 22.73 9.93 -17.53
C HIS B 45 21.83 9.73 -18.74
N ARG B 46 22.33 10.14 -19.90
CA ARG B 46 21.55 10.09 -21.15
C ARG B 46 21.04 8.69 -21.53
N ASP B 47 21.69 7.65 -21.04
CA ASP B 47 21.27 6.28 -21.36
C ASP B 47 20.46 5.55 -20.26
N PHE B 48 19.77 6.31 -19.40
CA PHE B 48 18.86 5.70 -18.40
C PHE B 48 17.65 5.12 -19.12
N SER B 49 17.09 4.02 -18.59
CA SER B 49 15.87 3.45 -19.13
C SER B 49 14.73 4.18 -18.42
N PRO B 50 13.50 4.06 -18.95
CA PRO B 50 12.37 4.71 -18.27
C PRO B 50 12.20 4.22 -16.82
N LYS B 51 12.62 2.99 -16.55
CA LYS B 51 12.54 2.41 -15.22
C LYS B 51 13.54 3.09 -14.29
N GLU B 52 14.78 3.25 -14.78
CA GLU B 52 15.85 3.91 -14.03
C GLU B 52 15.60 5.42 -13.92
N PHE B 53 14.91 5.99 -14.92
CA PHE B 53 14.60 7.42 -14.92
C PHE B 53 13.65 7.75 -13.78
N ARG B 54 12.60 6.95 -13.64
CA ARG B 54 11.60 7.14 -12.58
C ARG B 54 12.23 6.89 -11.20
N LYS B 55 13.22 5.99 -11.16
CA LYS B 55 13.96 5.66 -9.93
C LYS B 55 14.85 6.86 -9.58
N TRP B 56 15.65 7.28 -10.55
CA TRP B 56 16.51 8.45 -10.42
C TRP B 56 15.73 9.71 -10.02
N GLN B 57 14.64 9.98 -10.74
CA GLN B 57 13.83 11.19 -10.51
C GLN B 57 13.35 11.31 -9.05
N LYS B 58 12.95 10.17 -8.47
CA LYS B 58 12.49 10.05 -7.09
C LYS B 58 13.61 10.37 -6.11
N GLY B 59 14.80 9.83 -6.35
CA GLY B 59 15.95 10.03 -5.46
C GLY B 59 16.41 11.46 -5.42
N LEU B 60 16.38 12.11 -6.58
CA LEU B 60 16.69 13.51 -6.70
C LEU B 60 15.71 14.37 -5.91
N ARG B 61 14.42 14.03 -5.99
CA ARG B 61 13.41 14.75 -5.22
C ARG B 61 13.77 14.60 -3.74
N HIS B 62 14.01 13.35 -3.33
CA HIS B 62 14.40 13.07 -1.96
C HIS B 62 15.64 13.88 -1.55
N ALA B 63 16.68 13.87 -2.39
CA ALA B 63 17.92 14.62 -2.11
C ALA B 63 17.67 16.13 -1.97
N MSE B 64 16.72 16.65 -2.77
CA MSE B 64 16.37 18.06 -2.71
C MSE B 64 15.65 18.38 -1.39
O MSE B 64 15.79 19.49 -0.85
CB MSE B 64 15.47 18.42 -3.89
CG MSE B 64 14.98 19.86 -3.91
SE MSE B 64 16.34 21.07 -4.48
CE MSE B 64 16.16 20.71 -6.39
N GLU B 65 14.86 17.43 -0.89
CA GLU B 65 14.18 17.61 0.38
C GLU B 65 15.17 17.69 1.53
N GLU B 66 16.15 16.78 1.54
CA GLU B 66 17.13 16.75 2.63
C GLU B 66 17.94 18.05 2.71
N ILE B 67 18.35 18.58 1.56
CA ILE B 67 19.21 19.77 1.52
C ILE B 67 18.45 21.09 1.69
N MSE B 68 17.17 21.12 1.33
CA MSE B 68 16.35 22.34 1.50
C MSE B 68 15.77 22.48 2.91
O MSE B 68 15.41 23.58 3.33
CB MSE B 68 15.27 22.41 0.42
CG MSE B 68 15.84 22.59 -0.96
SE MSE B 68 16.59 24.36 -1.31
CE MSE B 68 17.86 23.85 -2.66
N LYS B 69 15.66 21.35 3.62
CA LYS B 69 15.29 21.32 5.04
C LYS B 69 14.01 22.05 5.44
N PHE B 70 12.97 21.89 4.63
CA PHE B 70 11.67 22.50 4.89
C PHE B 70 11.16 22.13 6.28
N PRO B 71 10.84 23.14 7.11
CA PRO B 71 10.23 22.80 8.38
C PRO B 71 8.85 22.23 8.08
N GLN B 72 8.48 21.18 8.79
CA GLN B 72 7.18 20.54 8.61
C GLN B 72 6.13 21.36 9.34
N ILE B 73 6.41 21.67 10.60
CA ILE B 73 5.51 22.43 11.45
C ILE B 73 5.16 23.82 10.90
N SER B 76 -0.06 27.02 12.28
CA SER B 76 0.27 27.98 11.24
C SER B 76 -0.98 28.73 10.75
N PRO B 77 -1.18 29.99 11.18
CA PRO B 77 -2.35 30.78 10.75
C PRO B 77 -2.56 30.84 9.23
N ALA B 78 -3.81 30.87 8.80
CA ALA B 78 -4.14 30.91 7.39
C ALA B 78 -3.89 32.29 6.77
N PRO B 79 -3.64 32.36 5.45
CA PRO B 79 -3.48 33.63 4.74
C PRO B 79 -4.69 34.56 4.84
N VAL B 80 -4.48 35.86 4.66
CA VAL B 80 -5.57 36.86 4.74
C VAL B 80 -5.33 38.04 3.81
N CYS B 81 -6.39 38.47 3.13
CA CYS B 81 -6.31 39.59 2.20
C CYS B 81 -6.31 40.92 2.95
N ILE B 82 -5.31 41.77 2.71
CA ILE B 82 -5.26 43.07 3.37
C ILE B 82 -5.54 44.26 2.45
N LYS B 83 -5.80 44.01 1.16
CA LYS B 83 -6.09 45.10 0.23
C LYS B 83 -6.73 44.62 -1.07
N ARG B 84 -7.77 45.34 -1.51
CA ARG B 84 -8.46 45.07 -2.78
C ARG B 84 -8.63 46.36 -3.54
N GLU B 85 -8.16 46.37 -4.78
CA GLU B 85 -8.31 47.55 -5.63
C GLU B 85 -8.71 47.09 -7.03
N GLN B 86 -9.30 48.01 -7.78
CA GLN B 86 -9.76 47.74 -9.14
C GLN B 86 -8.77 48.31 -10.16
N ARG B 87 -8.57 47.59 -11.24
CA ARG B 87 -7.76 48.05 -12.36
C ARG B 87 -8.61 47.78 -13.58
N GLU B 88 -8.12 48.15 -14.76
CA GLU B 88 -8.86 47.91 -15.99
C GLU B 88 -8.93 46.42 -16.34
N GLY B 89 -10.11 45.83 -16.20
CA GLY B 89 -10.32 44.44 -16.55
C GLY B 89 -9.86 43.40 -15.55
N TYR B 90 -9.36 43.83 -14.40
CA TYR B 90 -8.92 42.90 -13.37
C TYR B 90 -8.80 43.65 -12.06
N ARG B 91 -8.92 42.92 -10.96
CA ARG B 91 -8.71 43.49 -9.63
C ARG B 91 -7.36 43.00 -9.13
N LEU B 92 -6.79 43.72 -8.18
CA LEU B 92 -5.51 43.41 -7.55
C LEU B 92 -5.73 43.19 -6.07
N GLU B 93 -5.22 42.07 -5.56
CA GLU B 93 -5.37 41.76 -4.15
C GLU B 93 -4.00 41.54 -3.52
N LYS B 94 -3.79 42.13 -2.35
CA LYS B 94 -2.54 41.97 -1.60
C LYS B 94 -2.93 41.11 -0.42
N TRP B 95 -2.17 40.04 -0.19
CA TRP B 95 -2.46 39.08 0.87
C TRP B 95 -1.28 38.89 1.83
N GLU B 96 -1.59 38.71 3.10
CA GLU B 96 -0.59 38.38 4.12
C GLU B 96 -0.65 36.88 4.38
N PHE B 97 0.49 36.24 4.57
CA PHE B 97 0.55 34.84 4.98
C PHE B 97 1.67 34.72 6.01
N TYR B 98 1.53 33.73 6.88
CA TYR B 98 2.37 33.57 8.07
C TYR B 98 3.05 32.20 8.10
N PRO B 99 4.14 32.05 7.34
CA PRO B 99 4.83 30.76 7.16
C PRO B 99 5.69 30.25 8.32
N LEU B 100 6.27 31.16 9.09
CA LEU B 100 7.11 30.79 10.22
C LEU B 100 6.77 31.72 11.39
N PRO B 101 7.15 31.31 12.62
CA PRO B 101 6.94 32.18 13.78
C PRO B 101 7.70 33.49 13.60
N LYS B 102 7.04 34.60 13.89
CA LYS B 102 7.63 35.94 13.81
C LYS B 102 7.94 36.41 12.40
N CYS B 103 7.28 35.77 11.44
CA CYS B 103 7.45 36.07 10.04
C CYS B 103 6.08 36.27 9.39
N VAL B 104 5.97 37.37 8.65
CA VAL B 104 4.83 37.64 7.81
C VAL B 104 5.44 37.97 6.46
N SER B 105 4.79 37.50 5.39
CA SER B 105 5.25 37.81 4.06
C SER B 105 3.98 38.21 3.28
N THR B 106 4.15 38.91 2.16
CA THR B 106 3.02 39.39 1.35
C THR B 106 3.17 39.06 -0.12
N PHE B 107 2.06 38.75 -0.80
CA PHE B 107 2.06 38.49 -2.25
C PHE B 107 0.88 39.18 -2.92
N LEU B 108 1.03 39.47 -4.22
CA LEU B 108 -0.03 40.17 -4.97
C LEU B 108 -0.74 39.19 -5.89
N VAL B 109 -2.07 39.29 -6.00
CA VAL B 109 -2.87 38.41 -6.84
C VAL B 109 -3.62 39.26 -7.87
N LEU B 110 -3.37 39.02 -9.16
CA LEU B 110 -4.05 39.74 -10.24
C LEU B 110 -5.12 38.80 -10.80
N ILE B 111 -6.39 39.22 -10.75
CA ILE B 111 -7.52 38.38 -11.13
C ILE B 111 -8.44 39.05 -12.18
N PRO B 112 -8.54 38.47 -13.40
CA PRO B 112 -9.38 39.09 -14.42
C PRO B 112 -10.83 39.25 -14.01
N ASP B 113 -11.50 40.25 -14.56
CA ASP B 113 -12.92 40.48 -14.26
C ASP B 113 -13.79 39.34 -14.77
N ASN B 114 -14.95 39.20 -14.13
CA ASN B 114 -15.97 38.25 -14.53
C ASN B 114 -15.44 36.83 -14.80
N ILE B 115 -14.64 36.30 -13.90
CA ILE B 115 -14.17 34.92 -14.10
C ILE B 115 -15.37 34.01 -13.93
N ASN B 116 -15.60 33.17 -14.93
CA ASN B 116 -16.73 32.27 -14.95
C ASN B 116 -16.34 30.93 -14.30
N LYS B 117 -15.35 30.29 -14.89
CA LYS B 117 -14.86 28.99 -14.46
C LYS B 117 -13.40 29.10 -14.05
N PRO B 118 -12.86 28.09 -13.32
CA PRO B 118 -11.47 28.15 -12.91
C PRO B 118 -10.51 28.31 -14.09
N VAL B 119 -9.54 29.21 -13.95
CA VAL B 119 -8.57 29.46 -15.01
C VAL B 119 -7.18 29.11 -14.50
N PRO B 120 -6.27 28.75 -15.41
CA PRO B 120 -4.90 28.55 -14.99
C PRO B 120 -4.33 29.76 -14.24
N ALA B 121 -3.63 29.50 -13.14
CA ALA B 121 -3.00 30.56 -12.36
C ALA B 121 -1.50 30.44 -12.59
N ILE B 122 -0.77 31.55 -12.51
CA ILE B 122 0.66 31.52 -12.72
C ILE B 122 1.49 32.25 -11.65
N LEU B 123 2.26 31.46 -10.91
CA LEU B 123 3.15 31.97 -9.87
C LEU B 123 4.36 32.59 -10.56
N CYS B 124 4.51 33.91 -10.42
CA CYS B 124 5.61 34.65 -11.04
C CYS B 124 6.66 34.96 -9.99
N ILE B 125 7.94 34.80 -10.34
CA ILE B 125 9.06 35.03 -9.41
C ILE B 125 10.10 35.99 -10.05
N PRO B 126 10.42 37.10 -9.37
CA PRO B 126 11.34 38.09 -9.90
C PRO B 126 12.81 37.72 -9.83
N GLY B 127 13.65 38.52 -10.49
CA GLY B 127 15.09 38.30 -10.54
C GLY B 127 15.74 39.18 -9.50
N SER B 128 17.06 39.33 -9.60
CA SER B 128 17.84 40.17 -8.69
C SER B 128 17.42 41.63 -8.78
N GLY B 129 17.44 42.33 -7.66
CA GLY B 129 17.08 43.75 -7.60
C GLY B 129 15.66 44.17 -7.95
N GLY B 130 14.74 43.21 -8.09
CA GLY B 130 13.33 43.50 -8.43
C GLY B 130 12.37 43.16 -7.31
N ASN B 131 11.07 43.34 -7.56
CA ASN B 131 10.04 43.04 -6.56
C ASN B 131 8.68 42.69 -7.18
N LYS B 132 7.75 42.22 -6.36
CA LYS B 132 6.41 41.83 -6.83
C LYS B 132 5.58 43.00 -7.34
N GLU B 133 5.89 44.21 -6.88
CA GLU B 133 5.20 45.40 -7.34
C GLU B 133 5.60 45.65 -8.80
N GLY B 134 6.88 45.48 -9.10
CA GLY B 134 7.38 45.64 -10.46
C GLY B 134 6.76 44.63 -11.42
N LEU B 135 6.66 43.39 -10.97
CA LEU B 135 6.07 42.31 -11.75
C LEU B 135 4.60 42.59 -12.06
N ALA B 136 3.86 43.09 -11.06
CA ALA B 136 2.44 43.41 -11.23
C ALA B 136 2.21 44.72 -11.98
N GLY B 137 3.29 45.46 -12.24
CA GLY B 137 3.22 46.73 -12.95
C GLY B 137 2.69 47.80 -12.04
N GLU B 138 3.17 47.83 -10.81
CA GLU B 138 2.71 48.78 -9.80
C GLU B 138 3.90 49.49 -9.17
N PRO B 139 3.70 50.72 -8.67
CA PRO B 139 4.83 51.44 -8.07
C PRO B 139 5.34 50.79 -6.78
N GLY B 140 6.58 51.08 -6.43
CA GLY B 140 7.18 50.54 -5.22
C GLY B 140 6.55 51.10 -3.96
N ILE B 141 6.73 50.40 -2.85
CA ILE B 141 6.16 50.84 -1.56
C ILE B 141 6.77 52.15 -1.05
N ALA B 142 8.00 52.43 -1.48
CA ALA B 142 8.68 53.69 -1.15
C ALA B 142 9.29 54.22 -2.44
N PRO B 143 9.81 55.46 -2.42
CA PRO B 143 10.46 56.04 -3.59
C PRO B 143 11.62 55.25 -4.21
N LYS B 144 12.58 54.83 -3.40
CA LYS B 144 13.75 54.09 -3.87
C LYS B 144 13.50 52.60 -4.19
N LEU B 145 12.30 52.09 -3.92
CA LEU B 145 11.99 50.70 -4.26
C LEU B 145 11.15 50.56 -5.53
N ASN B 146 11.15 51.60 -6.37
CA ASN B 146 10.43 51.57 -7.64
C ASN B 146 11.20 50.73 -8.65
N ASP B 147 10.72 49.52 -8.88
CA ASP B 147 11.30 48.59 -9.85
C ASP B 147 10.95 49.14 -11.24
N ARG B 148 11.36 48.46 -12.31
CA ARG B 148 11.04 48.89 -13.67
C ARG B 148 9.58 48.49 -13.96
N TYR B 149 8.64 49.10 -13.24
CA TYR B 149 7.22 48.74 -13.32
C TYR B 149 6.48 49.20 -14.59
N LYS B 150 7.05 50.17 -15.31
CA LYS B 150 6.49 50.64 -16.58
C LYS B 150 7.22 50.00 -17.77
N ASP B 151 7.76 48.79 -17.57
CA ASP B 151 8.51 48.08 -18.61
C ASP B 151 7.91 46.69 -18.82
N PRO B 152 7.26 46.46 -19.99
CA PRO B 152 6.68 45.13 -20.24
C PRO B 152 7.76 44.02 -20.31
N LYS B 153 9.02 44.38 -20.45
CA LYS B 153 10.12 43.41 -20.44
C LYS B 153 10.32 42.77 -19.06
N LEU B 154 9.79 43.41 -17.99
CA LEU B 154 9.86 42.82 -16.65
C LEU B 154 8.50 42.60 -15.96
N THR B 155 7.44 43.27 -16.41
CA THR B 155 6.12 43.14 -15.78
C THR B 155 5.42 41.82 -16.13
N GLN B 156 5.87 40.73 -15.50
CA GLN B 156 5.29 39.40 -15.74
C GLN B 156 3.83 39.25 -15.34
N ALA B 157 3.51 39.63 -14.10
CA ALA B 157 2.17 39.47 -13.53
C ALA B 157 1.10 40.27 -14.30
N LEU B 158 1.45 41.48 -14.70
CA LEU B 158 0.55 42.30 -15.51
C LEU B 158 0.30 41.65 -16.87
N ASN B 159 1.33 41.06 -17.47
CA ASN B 159 1.19 40.43 -18.78
C ASN B 159 0.28 39.19 -18.80
N PHE B 160 0.36 38.36 -17.76
CA PHE B 160 -0.46 37.12 -17.70
C PHE B 160 -1.94 37.37 -17.40
N VAL B 161 -2.25 38.41 -16.63
CA VAL B 161 -3.64 38.75 -16.32
C VAL B 161 -4.36 39.19 -17.59
N LYS B 162 -3.64 39.87 -18.49
CA LYS B 162 -4.19 40.34 -19.76
C LYS B 162 -4.51 39.19 -20.74
N GLU B 163 -3.91 38.02 -20.51
CA GLU B 163 -4.18 36.83 -21.31
C GLU B 163 -5.30 35.98 -20.70
N GLY B 164 -5.98 36.50 -19.66
CA GLY B 164 -7.08 35.78 -19.02
C GLY B 164 -6.71 34.91 -17.84
N TYR B 165 -5.42 34.85 -17.50
CA TYR B 165 -4.95 34.03 -16.38
C TYR B 165 -4.96 34.86 -15.11
N ILE B 166 -4.94 34.18 -13.96
CA ILE B 166 -4.80 34.88 -12.68
C ILE B 166 -3.31 34.80 -12.32
N ALA B 167 -2.73 35.94 -11.92
CA ALA B 167 -1.29 36.06 -11.70
C ALA B 167 -0.90 36.41 -10.28
N VAL B 168 -0.24 35.48 -9.59
CA VAL B 168 0.24 35.68 -8.24
C VAL B 168 1.72 36.04 -8.35
N ALA B 169 2.11 37.15 -7.71
CA ALA B 169 3.49 37.64 -7.75
C ALA B 169 4.08 37.74 -6.35
N VAL B 170 5.23 37.12 -6.13
CA VAL B 170 5.86 37.10 -4.82
C VAL B 170 7.18 37.88 -4.82
N ASP B 171 7.68 38.17 -3.62
CA ASP B 171 8.98 38.82 -3.48
C ASP B 171 10.01 37.74 -3.24
N ASN B 172 11.27 38.12 -3.38
CA ASN B 172 12.42 37.30 -3.05
C ASN B 172 12.79 37.82 -1.67
N PRO B 173 13.26 36.95 -0.76
CA PRO B 173 13.67 37.47 0.53
C PRO B 173 14.70 38.59 0.41
N ALA B 174 14.57 39.60 1.26
CA ALA B 174 15.49 40.72 1.33
C ALA B 174 15.22 41.82 0.31
N ALA B 175 14.29 41.57 -0.64
CA ALA B 175 13.92 42.53 -1.69
C ALA B 175 12.50 43.10 -1.54
N GLY B 176 12.32 44.34 -1.99
CA GLY B 176 11.03 45.02 -2.00
C GLY B 176 10.48 45.27 -0.61
N GLU B 177 9.24 44.83 -0.38
CA GLU B 177 8.60 44.99 0.90
C GLU B 177 9.28 44.12 2.00
N ALA B 178 10.06 43.13 1.57
CA ALA B 178 10.80 42.29 2.50
C ALA B 178 12.22 42.83 2.75
N SER B 179 12.50 44.06 2.29
CA SER B 179 13.80 44.69 2.47
C SER B 179 13.92 45.32 3.85
N ASP B 180 15.10 45.86 4.17
CA ASP B 180 15.35 46.39 5.49
C ASP B 180 15.43 47.92 5.47
N LEU B 181 16.62 48.50 5.42
CA LEU B 181 16.78 49.96 5.45
C LEU B 181 17.06 50.54 4.08
N GLU B 182 17.05 49.69 3.06
CA GLU B 182 17.36 50.09 1.69
C GLU B 182 16.46 51.19 1.13
N ARG B 183 15.23 51.30 1.64
CA ARG B 183 14.30 52.34 1.21
C ARG B 183 14.88 53.72 1.51
N TYR B 184 15.60 53.84 2.62
CA TYR B 184 16.22 55.09 3.02
C TYR B 184 17.51 55.41 2.29
N THR B 185 18.28 54.38 1.90
CA THR B 185 19.63 54.58 1.34
C THR B 185 20.00 53.95 -0.03
N LEU B 186 20.32 52.65 -0.08
CA LEU B 186 20.82 51.99 -1.31
C LEU B 186 19.80 51.40 -2.32
N GLY B 187 18.50 51.57 -2.07
CA GLY B 187 17.46 51.10 -2.99
C GLY B 187 17.54 49.63 -3.36
N SER B 188 17.51 49.35 -4.68
CA SER B 188 17.52 47.98 -5.22
C SER B 188 18.77 47.13 -4.96
N ASN B 189 19.85 47.76 -4.50
CA ASN B 189 21.05 47.03 -4.12
C ASN B 189 20.76 46.46 -2.72
N TYR B 190 19.89 45.46 -2.69
CA TYR B 190 19.40 44.87 -1.46
C TYR B 190 20.49 44.05 -0.82
N ASP B 191 20.54 44.06 0.51
CA ASP B 191 21.57 43.29 1.21
C ASP B 191 21.08 41.86 1.41
N TYR B 192 21.15 41.07 0.33
CA TYR B 192 20.76 39.68 0.37
C TYR B 192 21.79 38.91 1.22
N ASP B 193 23.07 39.19 1.00
CA ASP B 193 24.17 38.48 1.66
C ASP B 193 24.08 38.37 3.16
N VAL B 194 23.71 39.43 3.86
CA VAL B 194 23.64 39.35 5.31
C VAL B 194 22.49 38.43 5.73
N VAL B 195 21.37 38.49 5.02
CA VAL B 195 20.26 37.58 5.31
C VAL B 195 20.74 36.12 5.10
N SER B 196 21.40 35.86 3.98
CA SER B 196 21.94 34.53 3.68
C SER B 196 22.85 34.02 4.80
N ARG B 197 23.69 34.92 5.32
CA ARG B 197 24.63 34.57 6.37
C ARG B 197 23.92 34.03 7.60
N TYR B 198 22.92 34.74 8.12
CA TYR B 198 22.15 34.26 9.24
C TYR B 198 21.62 32.85 8.97
N LEU B 199 20.90 32.66 7.87
CA LEU B 199 20.32 31.35 7.53
C LEU B 199 21.34 30.23 7.46
N LEU B 200 22.52 30.52 6.94
CA LEU B 200 23.59 29.54 6.84
C LEU B 200 24.07 29.14 8.24
N GLU B 201 24.27 30.13 9.11
CA GLU B 201 24.66 29.88 10.50
C GLU B 201 23.73 28.87 11.16
N LEU B 202 22.43 29.03 10.92
CA LEU B 202 21.42 28.13 11.48
C LEU B 202 21.07 26.91 10.64
N GLY B 203 21.97 26.48 9.76
CA GLY B 203 21.80 25.24 8.98
C GLY B 203 20.98 25.28 7.70
N TRP B 204 20.38 26.43 7.42
CA TRP B 204 19.50 26.57 6.27
C TRP B 204 20.26 27.33 5.19
N SER B 205 19.54 28.00 4.30
CA SER B 205 20.15 28.73 3.21
C SER B 205 19.14 29.72 2.71
N TYR B 206 19.58 30.67 1.90
CA TYR B 206 18.69 31.68 1.33
C TYR B 206 17.61 31.03 0.47
N LEU B 207 18.01 30.09 -0.38
CA LEU B 207 17.09 29.43 -1.29
C LEU B 207 16.09 28.54 -0.61
N GLY B 208 16.50 27.81 0.43
CA GLY B 208 15.58 26.94 1.17
C GLY B 208 14.47 27.74 1.82
N TYR B 209 14.85 28.88 2.40
CA TYR B 209 13.92 29.82 3.04
C TYR B 209 12.98 30.44 1.99
N ALA B 210 13.57 30.87 0.88
CA ALA B 210 12.83 31.45 -0.25
C ALA B 210 11.88 30.44 -0.86
N SER B 211 12.35 29.20 -1.00
CA SER B 211 11.52 28.12 -1.52
C SER B 211 10.40 27.78 -0.54
N TYR B 212 10.71 27.75 0.76
CA TYR B 212 9.71 27.42 1.78
C TYR B 212 8.59 28.47 1.84
N LEU B 213 8.97 29.75 1.84
CA LEU B 213 8.00 30.83 1.77
C LEU B 213 7.17 30.73 0.49
N ASP B 214 7.85 30.59 -0.66
CA ASP B 214 7.12 30.48 -1.93
C ASP B 214 6.23 29.23 -2.04
N MSE B 215 6.60 28.15 -1.36
CA MSE B 215 5.79 26.92 -1.37
C MSE B 215 4.43 27.12 -0.70
O MSE B 215 3.46 26.47 -1.06
CB MSE B 215 6.55 25.77 -0.70
CG MSE B 215 5.81 24.42 -0.62
SE MSE B 215 5.36 23.64 -2.37
CE MSE B 215 4.40 22.07 -1.73
N GLN B 216 4.36 28.02 0.30
CA GLN B 216 3.10 28.28 1.01
C GLN B 216 2.19 29.20 0.19
N VAL B 217 2.77 29.96 -0.73
CA VAL B 217 1.99 30.80 -1.62
C VAL B 217 1.32 29.90 -2.66
N LEU B 218 2.05 28.89 -3.11
CA LEU B 218 1.57 27.86 -4.06
C LEU B 218 0.48 27.02 -3.42
N ASN B 219 0.67 26.63 -2.16
CA ASN B 219 -0.34 25.84 -1.45
C ASN B 219 -1.64 26.63 -1.26
N TRP B 220 -1.53 27.95 -1.10
CA TRP B 220 -2.70 28.81 -0.99
C TRP B 220 -3.49 28.85 -2.30
N MSE B 221 -2.76 28.86 -3.42
CA MSE B 221 -3.36 28.87 -4.76
C MSE B 221 -4.20 27.62 -4.98
O MSE B 221 -5.27 27.67 -5.58
CB MSE B 221 -2.27 28.95 -5.83
CG MSE B 221 -1.52 30.27 -5.87
SE MSE B 221 0.00 30.20 -7.06
CE MSE B 221 -0.93 29.96 -8.74
N LYS B 222 -3.70 26.49 -4.48
CA LYS B 222 -4.43 25.24 -4.58
C LYS B 222 -5.77 25.23 -3.85
N THR B 223 -6.07 26.28 -3.07
CA THR B 223 -7.35 26.40 -2.32
C THR B 223 -8.30 27.47 -2.87
N GLN B 224 -8.00 28.05 -4.04
CA GLN B 224 -8.85 29.10 -4.63
C GLN B 224 -9.73 28.50 -5.72
N LYS B 225 -11.05 28.66 -5.58
CA LYS B 225 -11.99 28.08 -6.53
C LYS B 225 -11.84 28.63 -7.96
N HIS B 226 -11.34 29.86 -8.11
CA HIS B 226 -11.15 30.46 -9.43
C HIS B 226 -9.81 30.08 -10.08
N ILE B 227 -8.95 29.36 -9.34
CA ILE B 227 -7.68 28.86 -9.85
C ILE B 227 -7.82 27.36 -10.16
N ARG B 228 -7.83 27.02 -11.44
CA ARG B 228 -7.90 25.62 -11.84
C ARG B 228 -6.65 24.94 -11.29
N LYS B 229 -6.85 24.10 -10.28
CA LYS B 229 -5.78 23.43 -9.53
C LYS B 229 -4.74 22.68 -10.37
N ASP B 230 -5.19 21.87 -11.32
CA ASP B 230 -4.28 21.10 -12.15
C ASP B 230 -3.72 21.88 -13.36
N ARG B 231 -3.85 23.21 -13.36
CA ARG B 231 -3.29 24.04 -14.41
C ARG B 231 -2.54 25.24 -13.84
N ILE B 232 -1.69 24.98 -12.84
CA ILE B 232 -0.86 26.00 -12.19
C ILE B 232 0.52 25.96 -12.83
N VAL B 233 1.05 27.15 -13.15
CA VAL B 233 2.36 27.31 -13.78
C VAL B 233 3.25 28.15 -12.86
N VAL B 234 4.53 27.79 -12.76
CA VAL B 234 5.49 28.54 -11.93
C VAL B 234 6.49 29.19 -12.87
N SER B 235 6.49 30.53 -12.89
CA SER B 235 7.35 31.32 -13.79
C SER B 235 8.49 32.00 -13.04
N GLY B 236 9.72 31.83 -13.53
CA GLY B 236 10.89 32.43 -12.89
C GLY B 236 11.75 33.22 -13.84
N PHE B 237 12.29 34.34 -13.37
CA PHE B 237 13.19 35.20 -14.17
C PHE B 237 14.51 35.40 -13.45
N SER B 238 15.62 35.13 -14.15
CA SER B 238 16.98 35.27 -13.61
C SER B 238 17.11 34.45 -12.33
N LEU B 239 17.32 35.11 -11.19
CA LEU B 239 17.38 34.48 -9.87
C LEU B 239 16.10 33.69 -9.54
N GLY B 240 14.97 34.18 -10.03
CA GLY B 240 13.67 33.57 -9.75
C GLY B 240 13.51 32.11 -10.13
N THR B 241 14.33 31.63 -11.06
CA THR B 241 14.25 30.25 -11.51
C THR B 241 14.72 29.24 -10.47
N GLU B 242 15.50 29.70 -9.51
CA GLU B 242 16.03 28.80 -8.50
C GLU B 242 14.91 28.21 -7.65
N PRO B 243 14.05 29.04 -7.02
CA PRO B 243 12.92 28.44 -6.28
C PRO B 243 11.87 27.74 -7.16
N MSE B 244 11.75 28.16 -8.42
CA MSE B 244 10.87 27.49 -9.40
C MSE B 244 11.28 26.02 -9.45
O MSE B 244 10.45 25.14 -9.30
CB MSE B 244 11.05 28.11 -10.79
CG MSE B 244 10.08 27.59 -11.87
SE MSE B 244 11.03 27.26 -13.55
CE MSE B 244 11.75 25.50 -13.16
N MSE B 245 12.59 25.79 -9.63
CA MSE B 245 13.20 24.44 -9.63
C MSE B 245 12.96 23.64 -8.35
O MSE B 245 12.74 22.43 -8.41
CB MSE B 245 14.73 24.54 -9.80
CG MSE B 245 15.24 24.53 -11.22
SE MSE B 245 17.19 24.61 -11.30
CE MSE B 245 17.41 26.53 -11.25
N VAL B 246 13.07 24.31 -7.21
CA VAL B 246 12.86 23.63 -5.93
C VAL B 246 11.40 23.26 -5.76
N LEU B 247 10.50 24.19 -6.13
CA LEU B 247 9.05 23.97 -6.05
C LEU B 247 8.59 22.88 -7.03
N GLY B 248 9.17 22.88 -8.24
CA GLY B 248 8.84 21.89 -9.26
C GLY B 248 9.32 20.51 -8.87
N THR B 249 10.44 20.48 -8.16
CA THR B 249 11.03 19.23 -7.69
C THR B 249 10.27 18.66 -6.51
N LEU B 250 9.85 19.52 -5.59
CA LEU B 250 9.12 19.10 -4.39
C LEU B 250 7.61 18.97 -4.57
N ASP B 251 7.06 19.46 -5.68
CA ASP B 251 5.63 19.37 -5.93
C ASP B 251 5.32 18.98 -7.38
N THR B 252 4.84 17.74 -7.52
CA THR B 252 4.48 17.17 -8.82
C THR B 252 3.07 17.59 -9.31
N SER B 253 2.41 18.50 -8.59
CA SER B 253 1.07 19.00 -8.95
C SER B 253 1.16 20.11 -9.99
N ILE B 254 2.27 20.83 -10.00
CA ILE B 254 2.45 21.99 -10.88
C ILE B 254 2.40 21.50 -12.32
N TYR B 255 1.62 22.18 -13.14
CA TYR B 255 1.41 21.74 -14.53
C TYR B 255 2.54 22.03 -15.52
N ALA B 256 3.15 23.21 -15.41
CA ALA B 256 4.20 23.61 -16.33
C ALA B 256 5.17 24.60 -15.69
N PHE B 257 6.23 24.93 -16.43
CA PHE B 257 7.29 25.80 -15.95
C PHE B 257 7.83 26.77 -17.02
N VAL B 258 8.32 27.92 -16.56
CA VAL B 258 8.92 28.93 -17.42
C VAL B 258 10.27 29.29 -16.78
N TYR B 259 11.34 28.87 -17.44
CA TYR B 259 12.70 29.06 -16.94
C TYR B 259 13.35 30.24 -17.68
N ASN B 260 13.07 31.48 -17.26
CA ASN B 260 13.61 32.64 -18.00
C ASN B 260 15.00 33.05 -17.51
N ASP B 261 15.96 32.21 -17.83
CA ASP B 261 17.34 32.44 -17.50
C ASP B 261 18.09 31.39 -18.29
N PHE B 262 19.36 31.62 -18.61
CA PHE B 262 20.11 30.61 -19.36
C PHE B 262 20.30 29.40 -18.47
N LEU B 263 20.45 28.23 -19.09
CA LEU B 263 20.61 26.98 -18.34
C LEU B 263 22.07 26.82 -17.96
N CYS B 264 22.35 26.96 -16.67
CA CYS B 264 23.72 26.91 -16.15
C CYS B 264 24.12 25.65 -15.38
N GLN B 265 25.30 25.11 -15.69
CA GLN B 265 25.87 23.98 -14.94
C GLN B 265 26.81 24.73 -14.01
N THR B 266 26.27 25.18 -12.87
CA THR B 266 26.96 26.07 -11.92
C THR B 266 28.24 25.53 -11.30
N GLN B 267 28.32 24.22 -11.07
CA GLN B 267 29.53 23.60 -10.53
C GLN B 267 30.68 23.72 -11.52
N GLU B 268 30.41 23.45 -12.78
CA GLU B 268 31.44 23.58 -13.81
C GLU B 268 31.93 25.02 -13.92
N ARG B 269 31.01 25.99 -13.82
CA ARG B 269 31.35 27.41 -13.93
C ARG B 269 32.33 27.83 -12.82
N ALA B 270 32.08 27.39 -11.59
CA ALA B 270 32.97 27.66 -10.46
C ALA B 270 34.37 27.13 -10.72
N GLU B 271 34.45 25.91 -11.27
CA GLU B 271 35.70 25.25 -11.62
C GLU B 271 36.46 25.90 -12.78
N VAL B 272 35.74 26.41 -13.78
CA VAL B 272 36.37 26.98 -14.97
C VAL B 272 36.64 28.49 -14.86
N MSE B 273 35.79 29.22 -14.14
CA MSE B 273 35.99 30.65 -14.02
C MSE B 273 37.05 30.95 -12.98
O MSE B 273 36.73 31.28 -11.84
CB MSE B 273 34.69 31.36 -13.67
CG MSE B 273 34.80 32.87 -13.82
SE MSE B 273 33.16 33.78 -13.39
CE MSE B 273 31.93 32.86 -14.52
N THR B 274 38.32 30.85 -13.37
CA THR B 274 39.45 31.00 -12.43
C THR B 274 40.54 32.02 -12.79
N MSE B 275 40.42 32.68 -13.95
CA MSE B 275 41.41 33.68 -14.35
C MSE B 275 41.43 34.75 -13.25
O MSE B 275 40.38 35.27 -12.91
CB MSE B 275 41.02 34.31 -15.68
CG MSE B 275 41.82 35.55 -16.12
SE MSE B 275 43.56 35.19 -16.89
CE MSE B 275 42.94 34.38 -18.55
N PRO B 276 42.61 35.05 -12.72
CA PRO B 276 42.70 36.07 -11.69
C PRO B 276 42.67 37.49 -12.25
N ASP B 277 42.43 38.49 -11.40
CA ASP B 277 42.40 39.88 -11.82
C ASP B 277 43.75 40.56 -11.53
N LYS B 278 43.81 41.89 -11.69
CA LYS B 278 44.99 42.71 -11.40
C LYS B 278 45.54 42.47 -9.99
N ASN B 279 44.66 42.35 -9.00
CA ASN B 279 45.04 42.10 -7.60
C ASN B 279 45.11 40.61 -7.20
N GLY B 280 45.39 39.73 -8.15
CA GLY B 280 45.53 38.29 -7.87
C GLY B 280 44.33 37.49 -7.39
N ARG B 281 43.15 38.11 -7.41
CA ARG B 281 41.91 37.51 -6.89
C ARG B 281 41.10 36.74 -7.93
N ARG B 282 40.39 35.70 -7.46
CA ARG B 282 39.56 34.86 -8.30
C ARG B 282 38.14 34.89 -7.73
N PRO B 283 37.34 35.88 -8.14
CA PRO B 283 35.98 35.97 -7.59
C PRO B 283 35.14 34.74 -7.90
N PHE B 284 34.21 34.41 -7.01
CA PHE B 284 33.34 33.26 -7.20
C PHE B 284 32.30 33.71 -8.24
N PRO B 285 31.71 32.78 -9.02
CA PRO B 285 30.75 33.26 -10.02
C PRO B 285 29.54 34.03 -9.47
N ASN B 286 29.15 33.76 -8.23
CA ASN B 286 28.05 34.47 -7.59
CA ASN B 286 28.01 34.42 -7.57
C ASN B 286 28.19 34.48 -6.06
N SER B 287 27.42 35.37 -5.43
CA SER B 287 27.45 35.58 -3.99
C SER B 287 26.77 34.47 -3.19
N ILE B 288 26.85 34.59 -1.87
CA ILE B 288 26.32 33.58 -0.96
C ILE B 288 24.80 33.38 -0.95
N ARG B 289 24.07 34.14 -1.76
CA ARG B 289 22.63 33.98 -1.96
CA ARG B 289 22.64 33.91 -1.86
C ARG B 289 22.39 32.67 -2.70
N HIS B 290 23.42 32.20 -3.42
CA HIS B 290 23.34 30.98 -4.21
C HIS B 290 24.02 29.78 -3.52
N LEU B 291 24.49 29.97 -2.29
CA LEU B 291 25.15 28.92 -1.54
C LEU B 291 24.14 28.04 -0.80
N ILE B 292 24.03 26.78 -1.22
CA ILE B 292 23.23 25.77 -0.57
C ILE B 292 24.27 24.68 -0.28
N PRO B 293 24.57 24.41 1.02
CA PRO B 293 25.52 23.36 1.33
C PRO B 293 25.05 21.99 0.85
N ASP B 294 26.00 21.22 0.29
CA ASP B 294 25.78 19.91 -0.29
C ASP B 294 25.04 19.88 -1.63
N PHE B 295 24.69 21.04 -2.18
CA PHE B 295 23.96 21.10 -3.45
C PHE B 295 24.67 20.30 -4.53
N TRP B 296 25.93 20.66 -4.80
CA TRP B 296 26.73 19.99 -5.83
C TRP B 296 27.11 18.54 -5.56
N LYS B 297 27.00 18.09 -4.32
CA LYS B 297 27.22 16.66 -4.04
C LYS B 297 26.07 15.83 -4.63
N ASN B 298 24.95 16.47 -4.92
CA ASN B 298 23.76 15.80 -5.43
C ASN B 298 23.47 16.05 -6.90
N PHE B 299 23.52 17.30 -7.31
CA PHE B 299 23.17 17.65 -8.70
C PHE B 299 23.55 19.07 -9.09
N ASN B 300 23.32 19.36 -10.35
CA ASN B 300 23.46 20.70 -10.90
C ASN B 300 22.13 21.04 -11.51
N PHE B 301 21.94 22.29 -11.94
CA PHE B 301 20.64 22.71 -12.48
C PHE B 301 20.08 21.87 -13.65
N PRO B 302 20.92 21.47 -14.63
CA PRO B 302 20.44 20.67 -15.76
C PRO B 302 19.81 19.36 -15.37
N ASP B 303 20.41 18.67 -14.40
CA ASP B 303 19.88 17.41 -13.86
C ASP B 303 18.52 17.64 -13.20
N ILE B 304 18.37 18.78 -12.54
CA ILE B 304 17.11 19.16 -11.86
C ILE B 304 16.01 19.54 -12.85
N VAL B 305 16.37 20.22 -13.94
CA VAL B 305 15.40 20.63 -14.97
C VAL B 305 14.89 19.43 -15.78
N ALA B 306 15.80 18.49 -16.06
CA ALA B 306 15.47 17.27 -16.75
C ALA B 306 14.54 16.40 -15.89
N ALA B 307 14.67 16.51 -14.57
CA ALA B 307 13.83 15.75 -13.65
C ALA B 307 12.41 16.29 -13.54
N LEU B 308 12.15 17.47 -14.12
CA LEU B 308 10.79 18.02 -14.17
C LEU B 308 9.95 17.30 -15.24
N ALA B 309 10.59 16.56 -16.13
CA ALA B 309 9.90 15.80 -17.15
C ALA B 309 8.97 14.75 -16.53
N PRO B 310 7.87 14.40 -17.23
CA PRO B 310 7.38 14.86 -18.54
C PRO B 310 6.61 16.17 -18.58
N ARG B 311 6.67 16.99 -17.51
CA ARG B 311 5.87 18.23 -17.46
C ARG B 311 6.36 19.37 -18.38
N PRO B 312 5.44 20.03 -19.12
CA PRO B 312 5.86 21.08 -20.06
C PRO B 312 6.75 22.16 -19.47
N ILE B 313 7.79 22.53 -20.22
CA ILE B 313 8.73 23.55 -19.78
C ILE B 313 9.19 24.35 -20.98
N ILE B 314 9.65 25.57 -20.73
CA ILE B 314 10.25 26.42 -21.77
C ILE B 314 11.49 27.14 -21.22
N LEU B 315 12.60 27.09 -21.97
CA LEU B 315 13.84 27.77 -21.60
C LEU B 315 14.03 28.83 -22.68
N THR B 316 14.02 30.10 -22.28
CA THR B 316 14.01 31.23 -23.23
C THR B 316 15.36 31.90 -23.49
N GLU B 317 16.37 31.64 -22.66
CA GLU B 317 17.66 32.29 -22.81
C GLU B 317 18.85 31.35 -23.00
N GLY B 318 18.59 30.18 -23.58
CA GLY B 318 19.63 29.23 -23.94
C GLY B 318 20.57 28.75 -22.85
N GLY B 319 21.84 28.67 -23.22
CA GLY B 319 22.92 28.15 -22.36
C GLY B 319 23.89 27.41 -23.27
N LEU B 320 24.64 26.47 -22.71
CA LEU B 320 25.58 25.65 -23.48
C LEU B 320 24.74 24.50 -24.04
N ASP B 321 24.86 24.22 -25.34
CA ASP B 321 24.02 23.20 -25.98
C ASP B 321 24.02 21.85 -25.27
N ARG B 322 25.17 21.42 -24.77
CA ARG B 322 25.31 20.16 -24.02
C ARG B 322 24.21 19.99 -22.95
N ASP B 323 24.00 21.05 -22.18
CA ASP B 323 23.00 21.04 -21.09
C ASP B 323 21.59 21.06 -21.65
N LEU B 324 21.35 21.93 -22.63
CA LEU B 324 20.05 22.01 -23.28
C LEU B 324 19.68 20.65 -23.85
N ASP B 325 20.65 19.97 -24.46
CA ASP B 325 20.47 18.63 -25.03
C ASP B 325 20.19 17.57 -23.98
N LEU B 326 20.86 17.70 -22.84
CA LEU B 326 20.66 16.79 -21.72
C LEU B 326 19.16 16.80 -21.36
N VAL B 327 18.60 18.01 -21.27
CA VAL B 327 17.18 18.18 -20.96
C VAL B 327 16.31 17.60 -22.08
N ARG B 328 16.68 17.82 -23.34
CA ARG B 328 15.93 17.26 -24.47
C ARG B 328 15.83 15.75 -24.36
N LYS B 329 16.95 15.11 -24.03
CA LYS B 329 17.01 13.65 -23.90
C LYS B 329 16.14 13.14 -22.75
N ALA B 330 16.18 13.84 -21.62
CA ALA B 330 15.36 13.48 -20.46
C ALA B 330 13.88 13.41 -20.86
N TYR B 331 13.41 14.41 -21.59
CA TYR B 331 12.03 14.44 -22.09
C TYR B 331 11.77 13.35 -23.13
N ALA B 332 12.77 13.02 -23.95
CA ALA B 332 12.63 11.93 -24.92
C ALA B 332 12.42 10.59 -24.23
N ILE B 333 13.29 10.26 -23.28
CA ILE B 333 13.24 8.98 -22.55
C ILE B 333 11.86 8.62 -22.03
N VAL B 334 11.30 9.47 -21.17
CA VAL B 334 9.96 9.25 -20.61
C VAL B 334 8.85 9.11 -21.65
N GLY B 335 9.11 9.59 -22.88
CA GLY B 335 8.16 9.46 -24.00
C GLY B 335 7.38 10.73 -24.35
N THR B 336 7.87 11.89 -23.89
CA THR B 336 7.23 13.17 -24.13
C THR B 336 8.25 14.18 -24.69
N PRO B 337 8.85 13.86 -25.85
CA PRO B 337 9.92 14.69 -26.42
C PRO B 337 9.60 16.14 -26.78
N ASP B 338 8.37 16.41 -27.18
CA ASP B 338 8.00 17.75 -27.63
C ASP B 338 7.58 18.70 -26.49
N ASN B 339 7.41 18.17 -25.26
CA ASN B 339 7.00 19.01 -24.11
C ASN B 339 8.01 20.07 -23.70
N VAL B 340 9.29 19.86 -24.02
CA VAL B 340 10.33 20.84 -23.71
C VAL B 340 10.55 21.73 -24.94
N LYS B 341 10.45 23.05 -24.75
CA LYS B 341 10.67 24.02 -25.82
C LYS B 341 11.88 24.87 -25.45
N ILE B 342 12.82 25.01 -26.37
CA ILE B 342 14.04 25.75 -26.08
C ILE B 342 14.33 26.81 -27.12
N TYR B 343 14.84 27.94 -26.66
CA TYR B 343 15.23 29.06 -27.49
C TYR B 343 16.60 29.50 -27.02
N HIS B 344 17.29 30.22 -27.90
CA HIS B 344 18.58 30.83 -27.61
C HIS B 344 18.38 32.32 -27.71
N TYR B 345 19.29 33.09 -27.11
CA TYR B 345 19.28 34.53 -27.28
C TYR B 345 19.38 34.76 -28.78
N LYS B 346 18.68 35.77 -29.26
CA LYS B 346 18.69 36.09 -30.68
C LYS B 346 20.11 36.18 -31.23
N LYS B 347 21.01 36.80 -30.48
CA LYS B 347 22.41 36.99 -30.90
C LYS B 347 23.15 35.66 -31.17
N PHE B 348 22.82 34.62 -30.40
CA PHE B 348 23.44 33.30 -30.57
C PHE B 348 22.48 32.23 -31.11
N SER B 349 21.45 32.65 -31.87
CA SER B 349 20.46 31.72 -32.46
C SER B 349 21.08 30.91 -33.60
N ASP B 350 21.93 31.57 -34.39
CA ASP B 350 22.65 30.92 -35.49
C ASP B 350 23.64 29.91 -34.88
N PRO B 351 23.56 28.63 -35.28
CA PRO B 351 24.46 27.58 -34.78
C PRO B 351 25.94 27.92 -34.86
N ASP B 352 26.36 28.61 -35.93
CA ASP B 352 27.76 29.01 -36.11
C ASP B 352 28.31 29.87 -34.97
N THR B 353 27.45 30.57 -34.24
CA THR B 353 27.90 31.37 -33.11
C THR B 353 28.15 30.53 -31.84
N ARG B 354 27.67 29.28 -31.84
CA ARG B 354 27.79 28.38 -30.69
C ARG B 354 28.80 27.26 -30.99
N LYS B 355 29.22 26.56 -29.93
CA LYS B 355 30.19 25.46 -30.02
C LYS B 355 29.69 24.24 -29.23
N ASN B 356 29.68 23.08 -29.88
CA ASN B 356 29.24 21.82 -29.28
C ASN B 356 30.41 21.15 -28.58
N VAL B 357 30.52 21.33 -27.26
CA VAL B 357 31.60 20.74 -26.48
C VAL B 357 30.97 20.03 -25.28
N GLU B 358 31.68 19.05 -24.72
CA GLU B 358 31.23 18.27 -23.55
CA GLU B 358 31.16 18.33 -23.54
C GLU B 358 31.69 18.96 -22.26
N TYR B 359 32.87 19.55 -22.31
CA TYR B 359 33.43 20.21 -21.14
C TYR B 359 33.84 21.62 -21.54
N LEU B 360 33.66 22.57 -20.62
CA LEU B 360 34.10 23.93 -20.88
C LEU B 360 35.58 23.97 -20.66
N PRO B 361 36.27 24.90 -21.33
CA PRO B 361 37.70 24.98 -21.11
C PRO B 361 37.99 25.53 -19.72
N GLU B 362 39.15 25.15 -19.17
CA GLU B 362 39.59 25.65 -17.87
C GLU B 362 40.27 27.00 -18.05
N GLY B 363 40.46 27.71 -16.94
CA GLY B 363 41.15 28.99 -16.95
C GLY B 363 40.44 30.12 -17.65
N LEU B 364 39.11 30.11 -17.60
CA LEU B 364 38.28 31.15 -18.23
C LEU B 364 38.04 32.31 -17.29
N ASP B 365 37.93 33.51 -17.85
CA ASP B 365 37.52 34.67 -17.07
C ASP B 365 36.01 34.74 -17.22
N ARG B 366 35.39 35.79 -16.68
CA ARG B 366 33.93 35.93 -16.73
C ARG B 366 33.36 36.19 -18.13
N ASN B 367 33.95 37.14 -18.86
CA ASN B 367 33.48 37.48 -20.20
C ASN B 367 33.55 36.28 -21.11
N GLU B 368 34.71 35.62 -21.11
CA GLU B 368 34.98 34.42 -21.91
C GLU B 368 33.97 33.30 -21.61
N TYR B 369 33.64 33.09 -20.35
CA TYR B 369 32.65 32.08 -19.95
C TYR B 369 31.28 32.33 -20.59
N PHE B 370 30.73 33.53 -20.38
CA PHE B 370 29.39 33.84 -20.88
C PHE B 370 29.23 33.69 -22.38
N ARG B 371 30.31 33.97 -23.13
CA ARG B 371 30.30 33.77 -24.57
C ARG B 371 30.30 32.28 -24.88
N MSE B 372 31.07 31.49 -24.13
CA MSE B 372 31.10 30.02 -24.31
C MSE B 372 29.74 29.37 -24.04
O MSE B 372 29.39 28.37 -24.66
CB MSE B 372 32.16 29.33 -23.44
CG MSE B 372 33.59 29.31 -23.99
SE MSE B 372 33.80 28.31 -25.65
CE MSE B 372 32.97 26.61 -25.17
N VAL B 373 28.99 29.92 -23.06
CA VAL B 373 27.68 29.41 -22.70
C VAL B 373 26.53 30.20 -23.36
N ASN B 374 26.88 31.02 -24.36
CA ASN B 374 25.92 31.71 -25.23
C ASN B 374 24.91 32.67 -24.57
N VAL B 375 25.45 33.66 -23.86
CA VAL B 375 24.64 34.65 -23.15
C VAL B 375 24.89 36.05 -23.69
N ASP B 376 23.79 36.78 -23.92
CA ASP B 376 23.78 38.15 -24.43
C ASP B 376 23.27 39.00 -23.28
N GLY B 377 24.14 39.15 -22.29
CA GLY B 377 23.89 39.90 -21.04
C GLY B 377 23.00 41.13 -21.11
N PRO B 378 23.29 42.06 -22.06
CA PRO B 378 22.47 43.27 -22.24
C PRO B 378 21.01 43.02 -22.65
N ASN B 379 20.70 41.83 -23.19
CA ASN B 379 19.34 41.46 -23.61
C ASN B 379 18.65 40.48 -22.70
N HIS B 380 19.16 40.37 -21.47
CA HIS B 380 18.60 39.49 -20.46
C HIS B 380 17.39 40.20 -19.84
N TYR B 381 16.20 39.70 -20.16
CA TYR B 381 14.92 40.23 -19.66
C TYR B 381 13.83 39.15 -19.81
N PHE B 382 12.65 39.35 -19.23
CA PHE B 382 11.58 38.33 -19.35
C PHE B 382 11.04 38.28 -20.78
N LYS B 383 11.16 37.12 -21.43
CA LYS B 383 10.79 36.96 -22.83
C LYS B 383 9.30 36.73 -23.05
N SER B 384 8.48 37.73 -22.73
CA SER B 384 7.02 37.65 -22.90
C SER B 384 6.59 37.35 -24.33
N GLU B 385 7.36 37.85 -25.29
CA GLU B 385 7.12 37.62 -26.72
C GLU B 385 7.29 36.16 -27.13
N LEU B 386 7.99 35.39 -26.31
CA LEU B 386 8.19 33.96 -26.52
C LEU B 386 7.27 33.13 -25.63
N VAL B 387 7.21 33.46 -24.34
CA VAL B 387 6.43 32.69 -23.37
C VAL B 387 4.91 32.80 -23.55
N VAL B 388 4.40 34.01 -23.82
CA VAL B 388 2.95 34.17 -23.98
C VAL B 388 2.43 33.28 -25.13
N PRO B 389 3.08 33.29 -26.31
CA PRO B 389 2.61 32.38 -27.35
C PRO B 389 2.75 30.89 -26.98
N TRP B 390 3.67 30.57 -26.08
CA TRP B 390 3.87 29.20 -25.61
C TRP B 390 2.73 28.81 -24.68
N LEU B 391 2.33 29.72 -23.80
CA LEU B 391 1.23 29.48 -22.86
C LEU B 391 -0.17 29.60 -23.49
N ARG B 392 -0.31 30.35 -24.58
CA ARG B 392 -1.59 30.38 -25.30
C ARG B 392 -1.86 28.96 -25.78
N LYS B 393 -0.91 28.40 -26.53
CA LYS B 393 -1.00 27.04 -27.10
C LYS B 393 -1.20 25.94 -26.07
N LEU B 394 -0.35 25.92 -25.05
CA LEU B 394 -0.42 24.90 -24.01
C LEU B 394 -1.75 24.93 -23.28
N LEU B 395 -2.13 26.09 -22.74
CA LEU B 395 -3.39 26.21 -21.99
C LEU B 395 -4.61 26.19 -22.93
N GLU B 396 -4.91 25.00 -23.45
CA GLU B 396 -6.01 24.78 -24.39
C GLU B 396 -5.92 23.34 -24.90
N GLU B 397 -6.30 22.40 -24.04
CA GLU B 397 -6.30 20.98 -24.39
C GLU B 397 -7.59 20.64 -25.11
N TRP C 7 -33.84 -25.56 -45.34
CA TRP C 7 -32.82 -24.49 -45.38
C TRP C 7 -31.61 -24.89 -44.53
N SER C 8 -30.51 -24.15 -44.66
CA SER C 8 -29.31 -24.44 -43.89
C SER C 8 -28.63 -23.14 -43.45
N PRO C 9 -28.40 -22.96 -42.13
CA PRO C 9 -27.75 -21.72 -41.68
C PRO C 9 -26.35 -21.52 -42.25
N LYS C 10 -25.66 -22.61 -42.56
CA LYS C 10 -24.31 -22.56 -43.12
C LYS C 10 -24.25 -22.09 -44.58
N ASP C 11 -25.41 -22.05 -45.25
CA ASP C 11 -25.50 -21.52 -46.61
C ASP C 11 -25.79 -20.00 -46.60
N HIS C 12 -26.04 -19.42 -45.43
CA HIS C 12 -26.38 -18.01 -45.29
C HIS C 12 -25.59 -17.24 -44.22
N ASN C 13 -24.35 -17.65 -43.95
CA ASN C 13 -23.51 -16.93 -42.97
C ASN C 13 -22.74 -15.71 -43.53
N LEU C 14 -22.49 -15.67 -44.84
CA LEU C 14 -21.83 -14.52 -45.49
C LEU C 14 -22.85 -13.53 -45.99
N ILE C 15 -22.60 -12.24 -45.76
CA ILE C 15 -23.51 -11.20 -46.23
C ILE C 15 -22.94 -10.69 -47.53
N LYS C 16 -23.26 -11.39 -48.62
CA LYS C 16 -22.77 -11.07 -49.97
C LYS C 16 -23.87 -10.85 -50.98
N SER C 17 -23.63 -9.91 -51.90
CA SER C 17 -24.59 -9.55 -52.93
C SER C 17 -24.66 -10.61 -54.01
N VAL C 18 -25.89 -10.94 -54.43
CA VAL C 18 -26.12 -11.92 -55.49
C VAL C 18 -26.43 -11.21 -56.82
N ARG C 19 -26.09 -9.92 -56.91
CA ARG C 19 -26.30 -9.10 -58.11
C ARG C 19 -24.96 -8.70 -58.72
N GLU C 20 -25.01 -8.27 -59.98
CA GLU C 20 -23.82 -7.81 -60.70
C GLU C 20 -23.34 -6.44 -60.22
N ASP C 21 -24.28 -5.57 -59.86
CA ASP C 21 -23.93 -4.23 -59.38
C ASP C 21 -23.49 -4.22 -57.91
N GLY C 22 -23.61 -5.36 -57.23
CA GLY C 22 -23.16 -5.50 -55.85
C GLY C 22 -24.06 -4.85 -54.82
N ARG C 23 -25.34 -4.70 -55.17
CA ARG C 23 -26.31 -4.08 -54.25
C ARG C 23 -27.07 -5.14 -53.46
N PHE C 24 -27.58 -4.74 -52.31
CA PHE C 24 -28.33 -5.63 -51.43
C PHE C 24 -29.80 -5.23 -51.41
N LEU C 25 -30.66 -6.24 -51.33
CA LEU C 25 -32.10 -6.03 -51.13
C LEU C 25 -32.36 -6.02 -49.64
N SER C 26 -31.83 -7.02 -48.93
CA SER C 26 -32.08 -7.07 -47.50
C SER C 26 -31.46 -5.83 -46.90
N SER C 27 -32.19 -5.18 -46.00
CA SER C 27 -31.71 -4.01 -45.29
C SER C 27 -30.52 -4.38 -44.38
N TYR C 28 -30.47 -5.63 -43.93
CA TYR C 28 -29.35 -6.12 -43.14
C TYR C 28 -28.04 -6.01 -43.93
N GLY C 29 -28.06 -6.51 -45.16
CA GLY C 29 -26.88 -6.46 -46.01
C GLY C 29 -26.43 -5.05 -46.30
N VAL C 30 -27.39 -4.17 -46.56
CA VAL C 30 -27.14 -2.75 -46.77
C VAL C 30 -26.37 -2.16 -45.59
N VAL C 31 -26.94 -2.30 -44.40
CA VAL C 31 -26.34 -1.75 -43.18
C VAL C 31 -25.05 -2.49 -42.81
N HIS C 32 -25.00 -3.80 -43.01
CA HIS C 32 -23.75 -4.52 -42.77
C HIS C 32 -22.64 -3.94 -43.66
N ALA C 33 -22.97 -3.69 -44.92
CA ALA C 33 -22.04 -3.08 -45.88
C ALA C 33 -21.56 -1.70 -45.43
N MSE C 34 -22.46 -0.90 -44.88
CA MSE C 34 -22.10 0.44 -44.40
C MSE C 34 -21.02 0.35 -43.32
O MSE C 34 -20.10 1.14 -43.32
CB MSE C 34 -23.33 1.17 -43.84
CG MSE C 34 -24.36 1.59 -44.89
SE MSE C 34 -25.94 2.46 -44.11
CE MSE C 34 -25.09 4.00 -43.33
N LEU C 35 -21.15 -0.61 -42.42
CA LEU C 35 -20.19 -0.83 -41.35
C LEU C 35 -18.87 -1.33 -41.93
N ARG C 36 -18.96 -2.22 -42.91
CA ARG C 36 -17.82 -2.80 -43.61
C ARG C 36 -17.03 -1.70 -44.35
N ASN C 37 -17.73 -0.63 -44.75
CA ASN C 37 -17.16 0.48 -45.52
C ASN C 37 -17.00 1.74 -44.68
N THR C 38 -17.20 1.62 -43.39
CA THR C 38 -17.01 2.71 -42.47
C THR C 38 -15.55 2.67 -42.02
N GLU C 39 -14.75 3.61 -42.50
CA GLU C 39 -13.34 3.71 -42.13
C GLU C 39 -13.25 4.66 -40.93
N PRO C 40 -12.83 4.16 -39.75
CA PRO C 40 -12.72 5.05 -38.58
C PRO C 40 -11.70 6.17 -38.79
N ARG C 41 -12.08 7.40 -38.49
CA ARG C 41 -11.20 8.54 -38.74
C ARG C 41 -9.90 8.55 -37.93
N TYR C 42 -9.95 8.00 -36.71
CA TYR C 42 -8.77 7.95 -35.83
C TYR C 42 -8.30 6.53 -35.60
N ALA C 43 -8.22 5.78 -36.71
CA ALA C 43 -7.69 4.45 -36.69
C ALA C 43 -6.19 4.63 -36.64
N PHE C 44 -5.51 3.80 -35.83
CA PHE C 44 -4.06 3.88 -35.72
C PHE C 44 -3.39 3.30 -36.96
N HIS C 45 -2.35 4.01 -37.41
CA HIS C 45 -1.53 3.63 -38.54
C HIS C 45 -0.16 3.24 -37.98
N ARG C 46 0.23 1.99 -38.21
CA ARG C 46 1.51 1.46 -37.75
C ARG C 46 2.72 2.34 -38.10
N ASP C 47 2.69 2.99 -39.26
CA ASP C 47 3.81 3.80 -39.74
C ASP C 47 3.82 5.31 -39.41
N PHE C 48 3.07 5.74 -38.38
CA PHE C 48 3.11 7.14 -37.95
C PHE C 48 4.51 7.55 -37.50
N SER C 49 4.88 8.80 -37.76
CA SER C 49 6.15 9.35 -37.27
C SER C 49 5.79 9.93 -35.90
N PRO C 50 6.79 10.14 -35.02
CA PRO C 50 6.46 10.72 -33.70
C PRO C 50 5.60 11.98 -33.78
N LYS C 51 5.85 12.84 -34.77
CA LYS C 51 5.05 14.06 -34.95
C LYS C 51 3.60 13.72 -35.30
N GLU C 52 3.42 12.78 -36.21
CA GLU C 52 2.08 12.33 -36.61
C GLU C 52 1.35 11.54 -35.52
N PHE C 53 2.10 10.95 -34.60
CA PHE C 53 1.48 10.19 -33.51
C PHE C 53 0.85 11.17 -32.52
N ARG C 54 1.62 12.18 -32.13
CA ARG C 54 1.16 13.20 -31.18
C ARG C 54 -0.08 13.92 -31.70
N LYS C 55 -0.05 14.27 -32.99
CA LYS C 55 -1.17 15.01 -33.60
C LYS C 55 -2.40 14.11 -33.66
N TRP C 56 -2.19 12.86 -34.04
CA TRP C 56 -3.25 11.86 -34.08
C TRP C 56 -3.87 11.68 -32.69
N GLN C 57 -3.01 11.44 -31.70
CA GLN C 57 -3.38 11.25 -30.29
C GLN C 57 -4.23 12.45 -29.83
N LYS C 58 -3.72 13.65 -30.11
CA LYS C 58 -4.43 14.89 -29.80
C LYS C 58 -5.83 14.97 -30.43
N GLY C 59 -5.96 14.49 -31.66
CA GLY C 59 -7.25 14.47 -32.37
C GLY C 59 -8.24 13.43 -31.85
N LEU C 60 -7.74 12.26 -31.49
CA LEU C 60 -8.56 11.14 -30.99
C LEU C 60 -9.20 11.51 -29.67
N ARG C 61 -8.46 12.23 -28.84
CA ARG C 61 -8.96 12.68 -27.55
C ARG C 61 -10.13 13.64 -27.76
N HIS C 62 -9.97 14.58 -28.70
CA HIS C 62 -11.03 15.53 -29.02
C HIS C 62 -12.30 14.87 -29.55
N ALA C 63 -12.16 13.74 -30.26
CA ALA C 63 -13.32 13.01 -30.79
C ALA C 63 -14.04 12.26 -29.66
N MSE C 64 -13.26 11.75 -28.71
CA MSE C 64 -13.84 11.07 -27.57
C MSE C 64 -14.71 12.06 -26.79
O MSE C 64 -15.85 11.74 -26.44
CB MSE C 64 -12.74 10.49 -26.68
CG MSE C 64 -13.28 9.72 -25.48
SE MSE C 64 -14.16 8.14 -26.08
CE MSE C 64 -12.57 7.07 -26.50
N GLU C 65 -14.18 13.27 -26.55
CA GLU C 65 -14.93 14.34 -25.88
C GLU C 65 -16.22 14.65 -26.64
N GLU C 66 -16.10 14.68 -27.95
CA GLU C 66 -17.25 14.88 -28.84
C GLU C 66 -18.39 13.89 -28.60
N ILE C 67 -18.08 12.61 -28.81
CA ILE C 67 -19.10 11.57 -28.80
C ILE C 67 -19.60 11.15 -27.42
N MSE C 68 -18.82 11.45 -26.39
CA MSE C 68 -19.20 11.18 -25.00
C MSE C 68 -20.08 12.27 -24.40
O MSE C 68 -20.72 12.03 -23.40
CB MSE C 68 -17.95 10.95 -24.12
CG MSE C 68 -17.21 9.70 -24.49
SE MSE C 68 -18.26 8.11 -24.20
CE MSE C 68 -17.39 6.97 -25.50
N LYS C 69 -20.04 13.46 -24.99
CA LYS C 69 -20.93 14.60 -24.64
C LYS C 69 -21.10 14.95 -23.16
N PHE C 70 -19.99 15.10 -22.46
CA PHE C 70 -20.01 15.47 -21.05
C PHE C 70 -20.63 16.85 -20.82
N PRO C 71 -21.62 16.94 -19.90
CA PRO C 71 -22.21 18.25 -19.61
C PRO C 71 -21.32 19.08 -18.68
N GLN C 72 -21.58 20.38 -18.62
CA GLN C 72 -20.80 21.32 -17.79
C GLN C 72 -21.67 21.92 -16.70
N SER C 76 -23.69 22.08 -7.81
CA SER C 76 -22.79 20.94 -7.73
C SER C 76 -22.29 20.78 -6.29
N PRO C 77 -23.14 20.22 -5.40
CA PRO C 77 -22.71 20.06 -4.00
C PRO C 77 -21.47 19.16 -3.91
N ALA C 78 -20.72 19.33 -2.83
CA ALA C 78 -19.48 18.60 -2.62
C ALA C 78 -19.71 17.17 -2.13
N PRO C 79 -18.87 16.21 -2.56
CA PRO C 79 -19.00 14.85 -2.05
C PRO C 79 -18.84 14.75 -0.53
N VAL C 80 -19.82 14.16 0.18
CA VAL C 80 -19.75 13.99 1.64
C VAL C 80 -19.62 12.51 2.00
N CYS C 81 -19.02 12.25 3.16
CA CYS C 81 -18.87 10.88 3.67
C CYS C 81 -20.07 10.55 4.53
N ILE C 82 -20.63 9.35 4.34
CA ILE C 82 -21.80 8.88 5.10
C ILE C 82 -21.46 7.73 6.08
N LYS C 83 -20.37 7.00 5.82
CA LYS C 83 -19.91 5.92 6.69
C LYS C 83 -18.38 5.78 6.72
N ARG C 84 -17.85 5.42 7.89
CA ARG C 84 -16.44 5.11 8.08
C ARG C 84 -16.42 3.95 9.07
N GLU C 85 -15.95 2.79 8.62
CA GLU C 85 -15.89 1.61 9.46
C GLU C 85 -14.49 1.02 9.47
N GLN C 86 -14.06 0.56 10.64
CA GLN C 86 -12.76 -0.04 10.81
C GLN C 86 -12.84 -1.46 10.29
N ARG C 87 -11.81 -1.86 9.54
CA ARG C 87 -11.69 -3.21 9.02
C ARG C 87 -10.31 -3.69 9.46
N GLU C 88 -9.90 -4.87 9.05
CA GLU C 88 -8.61 -5.43 9.45
C GLU C 88 -7.46 -4.98 8.54
N GLY C 89 -6.75 -3.94 8.97
CA GLY C 89 -5.61 -3.36 8.24
C GLY C 89 -5.92 -2.05 7.52
N TYR C 90 -7.21 -1.74 7.39
CA TYR C 90 -7.67 -0.52 6.71
C TYR C 90 -9.05 -0.12 7.21
N ARG C 91 -9.47 1.07 6.81
CA ARG C 91 -10.83 1.56 7.09
C ARG C 91 -11.59 1.70 5.75
N LEU C 92 -12.88 1.37 5.77
CA LEU C 92 -13.72 1.43 4.59
C LEU C 92 -14.70 2.59 4.71
N GLU C 93 -14.57 3.57 3.82
CA GLU C 93 -15.46 4.73 3.80
C GLU C 93 -16.50 4.59 2.71
N LYS C 94 -17.56 5.40 2.81
CA LYS C 94 -18.62 5.45 1.81
C LYS C 94 -18.94 6.91 1.60
N TRP C 95 -18.88 7.36 0.35
CA TRP C 95 -19.14 8.76 0.03
C TRP C 95 -20.28 8.89 -0.96
N GLU C 96 -20.99 10.02 -0.87
CA GLU C 96 -22.05 10.37 -1.81
C GLU C 96 -21.49 11.51 -2.64
N PHE C 97 -21.91 11.56 -3.90
CA PHE C 97 -21.58 12.69 -4.77
C PHE C 97 -22.84 12.92 -5.55
N TYR C 98 -22.90 14.10 -6.17
CA TYR C 98 -24.11 14.58 -6.83
C TYR C 98 -23.66 15.17 -8.16
N PRO C 99 -23.46 14.31 -9.17
CA PRO C 99 -22.88 14.66 -10.48
C PRO C 99 -23.79 15.39 -11.45
N LEU C 100 -25.09 15.17 -11.32
CA LEU C 100 -26.08 15.85 -12.13
C LEU C 100 -27.20 16.20 -11.20
N PRO C 101 -28.01 17.21 -11.56
CA PRO C 101 -29.18 17.48 -10.75
C PRO C 101 -30.05 16.23 -10.76
N LYS C 102 -30.73 15.98 -9.64
CA LYS C 102 -31.62 14.82 -9.47
C LYS C 102 -30.91 13.47 -9.52
N CYS C 103 -29.59 13.48 -9.30
CA CYS C 103 -28.77 12.28 -9.28
C CYS C 103 -27.87 12.25 -8.04
N VAL C 104 -27.82 11.11 -7.36
CA VAL C 104 -26.94 10.90 -6.22
C VAL C 104 -26.29 9.57 -6.46
N SER C 105 -24.96 9.53 -6.44
CA SER C 105 -24.23 8.30 -6.67
C SER C 105 -23.34 8.05 -5.46
N THR C 106 -22.80 6.84 -5.35
CA THR C 106 -21.94 6.50 -4.21
C THR C 106 -20.72 5.70 -4.62
N PHE C 107 -19.66 5.80 -3.82
CA PHE C 107 -18.48 4.99 -4.03
C PHE C 107 -17.95 4.55 -2.68
N LEU C 108 -17.04 3.57 -2.71
CA LEU C 108 -16.38 3.08 -1.52
C LEU C 108 -14.93 3.44 -1.59
N VAL C 109 -14.29 3.47 -0.43
CA VAL C 109 -12.88 3.80 -0.31
C VAL C 109 -12.24 2.89 0.73
N LEU C 110 -11.11 2.28 0.39
CA LEU C 110 -10.36 1.42 1.32
C LEU C 110 -9.01 2.11 1.55
N ILE C 111 -8.79 2.58 2.78
CA ILE C 111 -7.60 3.34 3.16
C ILE C 111 -6.77 2.62 4.25
N PRO C 112 -5.54 2.18 3.90
CA PRO C 112 -4.72 1.49 4.92
C PRO C 112 -4.46 2.35 6.16
N ASP C 113 -4.51 1.74 7.35
CA ASP C 113 -4.31 2.50 8.60
C ASP C 113 -2.88 3.04 8.76
N ASN C 114 -2.79 4.26 9.32
CA ASN C 114 -1.52 4.98 9.55
C ASN C 114 -0.81 5.45 8.27
N ILE C 115 -1.51 6.14 7.38
CA ILE C 115 -0.88 6.67 6.16
C ILE C 115 -0.06 7.90 6.56
N ASN C 116 1.25 7.85 6.26
CA ASN C 116 2.14 8.96 6.58
C ASN C 116 2.19 9.87 5.37
N LYS C 117 2.79 9.38 4.28
CA LYS C 117 2.95 10.15 3.04
C LYS C 117 1.88 9.73 2.02
N PRO C 118 1.64 10.57 0.99
CA PRO C 118 0.68 10.22 -0.04
C PRO C 118 1.09 8.88 -0.69
N VAL C 119 0.11 8.01 -0.86
CA VAL C 119 0.32 6.68 -1.42
C VAL C 119 -0.45 6.64 -2.74
N PRO C 120 -0.01 5.80 -3.69
CA PRO C 120 -0.79 5.64 -4.92
C PRO C 120 -2.24 5.24 -4.63
N ALA C 121 -3.11 5.43 -5.62
CA ALA C 121 -4.53 5.12 -5.49
C ALA C 121 -5.00 4.50 -6.78
N ILE C 122 -5.85 3.47 -6.68
CA ILE C 122 -6.36 2.76 -7.85
C ILE C 122 -7.90 2.75 -7.92
N LEU C 123 -8.45 3.41 -8.95
CA LEU C 123 -9.89 3.45 -9.18
C LEU C 123 -10.27 2.12 -9.82
N CYS C 124 -11.10 1.36 -9.11
CA CYS C 124 -11.51 0.02 -9.50
C CYS C 124 -12.94 0.00 -10.01
N ILE C 125 -13.11 -0.38 -11.28
CA ILE C 125 -14.41 -0.42 -11.93
C ILE C 125 -14.72 -1.90 -12.23
N PRO C 126 -15.89 -2.38 -11.82
CA PRO C 126 -16.25 -3.77 -11.99
C PRO C 126 -16.86 -4.09 -13.35
N GLY C 127 -17.23 -5.36 -13.53
CA GLY C 127 -17.85 -5.84 -14.75
C GLY C 127 -19.34 -6.09 -14.66
N SER C 128 -19.85 -6.87 -15.62
CA SER C 128 -21.27 -7.20 -15.74
C SER C 128 -21.82 -7.92 -14.50
N GLY C 129 -23.02 -7.53 -14.07
CA GLY C 129 -23.64 -8.12 -12.89
C GLY C 129 -22.84 -8.01 -11.59
N GLY C 130 -21.88 -7.08 -11.53
CA GLY C 130 -21.02 -6.90 -10.37
C GLY C 130 -21.32 -5.58 -9.72
N ASN C 131 -20.79 -5.37 -8.51
CA ASN C 131 -21.01 -4.11 -7.80
C ASN C 131 -19.83 -3.74 -6.95
N LYS C 132 -19.77 -2.46 -6.57
CA LYS C 132 -18.64 -1.91 -5.80
C LYS C 132 -18.37 -2.61 -4.48
N GLU C 133 -19.42 -3.18 -3.87
CA GLU C 133 -19.27 -3.89 -2.61
C GLU C 133 -18.42 -5.14 -2.83
N GLY C 134 -18.70 -5.84 -3.94
CA GLY C 134 -17.95 -7.03 -4.35
C GLY C 134 -16.48 -6.75 -4.54
N LEU C 135 -16.15 -5.62 -5.15
CA LEU C 135 -14.75 -5.22 -5.37
C LEU C 135 -14.02 -4.92 -4.05
N ALA C 136 -14.77 -4.56 -3.00
CA ALA C 136 -14.23 -4.28 -1.66
C ALA C 136 -14.29 -5.49 -0.72
N GLY C 137 -14.84 -6.61 -1.17
CA GLY C 137 -14.98 -7.78 -0.32
C GLY C 137 -16.05 -7.61 0.74
N GLU C 138 -17.05 -6.77 0.45
CA GLU C 138 -18.17 -6.50 1.36
C GLU C 138 -19.45 -7.09 0.79
N PRO C 139 -20.42 -7.45 1.65
CA PRO C 139 -21.69 -7.93 1.12
C PRO C 139 -22.46 -6.80 0.47
N GLY C 140 -23.49 -7.13 -0.29
CA GLY C 140 -24.33 -6.14 -0.96
C GLY C 140 -25.24 -5.42 0.02
N ILE C 141 -26.08 -4.53 -0.52
CA ILE C 141 -27.03 -3.76 0.29
C ILE C 141 -28.31 -4.53 0.58
N ALA C 142 -28.71 -5.38 -0.37
CA ALA C 142 -29.86 -6.26 -0.17
C ALA C 142 -29.32 -7.66 -0.46
N PRO C 143 -29.80 -8.69 0.26
CA PRO C 143 -29.32 -10.08 0.09
C PRO C 143 -29.08 -10.51 -1.37
N LYS C 144 -30.03 -10.20 -2.26
CA LYS C 144 -29.95 -10.57 -3.67
C LYS C 144 -28.91 -9.78 -4.46
N LEU C 145 -28.46 -8.64 -3.92
CA LEU C 145 -27.44 -7.81 -4.57
C LEU C 145 -26.03 -8.20 -4.13
N ASN C 146 -25.91 -9.31 -3.41
CA ASN C 146 -24.60 -9.83 -3.04
C ASN C 146 -23.93 -10.37 -4.30
N ASP C 147 -22.66 -10.00 -4.46
CA ASP C 147 -21.85 -10.44 -5.58
C ASP C 147 -20.95 -11.54 -4.98
N ARG C 148 -20.09 -12.17 -5.78
CA ARG C 148 -19.12 -13.11 -5.23
C ARG C 148 -18.11 -12.22 -4.50
N TYR C 149 -18.48 -11.79 -3.30
CA TYR C 149 -17.65 -10.86 -2.52
C TYR C 149 -16.57 -11.60 -1.74
N LYS C 150 -16.80 -12.88 -1.45
CA LYS C 150 -15.83 -13.75 -0.79
C LYS C 150 -15.18 -14.68 -1.85
N ASP C 151 -14.63 -14.06 -2.89
CA ASP C 151 -13.97 -14.78 -3.98
C ASP C 151 -12.87 -13.87 -4.52
N PRO C 152 -11.63 -13.99 -3.98
CA PRO C 152 -10.53 -13.08 -4.40
C PRO C 152 -10.30 -12.92 -5.91
N LYS C 153 -10.87 -13.80 -6.73
CA LYS C 153 -10.79 -13.67 -8.20
C LYS C 153 -11.46 -12.39 -8.71
N LEU C 154 -12.37 -11.81 -7.92
CA LEU C 154 -13.09 -10.59 -8.31
C LEU C 154 -12.92 -9.36 -7.40
N THR C 155 -12.52 -9.53 -6.14
CA THR C 155 -12.42 -8.40 -5.20
C THR C 155 -11.28 -7.42 -5.51
N GLN C 156 -11.42 -6.65 -6.58
CA GLN C 156 -10.38 -5.69 -6.97
C GLN C 156 -9.84 -4.83 -5.84
N ALA C 157 -10.70 -3.99 -5.27
CA ALA C 157 -10.32 -3.01 -4.24
C ALA C 157 -9.75 -3.59 -2.93
N LEU C 158 -10.25 -4.75 -2.50
CA LEU C 158 -9.73 -5.41 -1.30
C LEU C 158 -8.26 -5.80 -1.51
N ASN C 159 -7.98 -6.37 -2.69
CA ASN C 159 -6.64 -6.81 -3.03
C ASN C 159 -5.61 -5.69 -3.09
N PHE C 160 -6.03 -4.50 -3.56
CA PHE C 160 -5.12 -3.35 -3.63
C PHE C 160 -4.88 -2.67 -2.27
N VAL C 161 -5.86 -2.72 -1.36
CA VAL C 161 -5.68 -2.12 -0.03
C VAL C 161 -4.70 -2.99 0.80
N LYS C 162 -4.76 -4.31 0.58
CA LYS C 162 -3.82 -5.25 1.20
C LYS C 162 -2.39 -4.98 0.74
N GLU C 163 -2.24 -4.41 -0.45
CA GLU C 163 -0.93 -4.03 -0.99
C GLU C 163 -0.47 -2.65 -0.55
N GLY C 164 -1.28 -1.94 0.25
CA GLY C 164 -0.91 -0.62 0.77
C GLY C 164 -1.45 0.57 -0.01
N TYR C 165 -2.13 0.31 -1.12
CA TYR C 165 -2.67 1.40 -1.93
C TYR C 165 -4.03 1.83 -1.42
N ILE C 166 -4.45 3.04 -1.78
CA ILE C 166 -5.80 3.50 -1.47
C ILE C 166 -6.66 2.94 -2.61
N ALA C 167 -7.72 2.21 -2.28
CA ALA C 167 -8.59 1.60 -3.28
C ALA C 167 -9.95 2.27 -3.29
N VAL C 168 -10.37 2.74 -4.47
CA VAL C 168 -11.65 3.40 -4.68
C VAL C 168 -12.48 2.50 -5.59
N ALA C 169 -13.60 2.01 -5.08
CA ALA C 169 -14.49 1.10 -5.81
C ALA C 169 -15.82 1.76 -6.18
N VAL C 170 -16.13 1.81 -7.47
CA VAL C 170 -17.36 2.43 -7.99
C VAL C 170 -18.30 1.38 -8.52
N ASP C 171 -19.56 1.77 -8.70
CA ASP C 171 -20.58 0.92 -9.31
C ASP C 171 -20.70 1.31 -10.76
N ASN C 172 -21.36 0.45 -11.54
CA ASN C 172 -21.71 0.72 -12.93
C ASN C 172 -23.19 1.13 -12.86
N PRO C 173 -23.66 2.00 -13.75
CA PRO C 173 -25.07 2.37 -13.65
C PRO C 173 -26.03 1.21 -13.87
N ALA C 174 -27.15 1.24 -13.15
CA ALA C 174 -28.18 0.20 -13.21
C ALA C 174 -27.86 -1.02 -12.36
N ALA C 175 -26.67 -1.06 -11.76
CA ALA C 175 -26.20 -2.21 -10.98
C ALA C 175 -26.00 -1.90 -9.50
N GLY C 176 -26.10 -2.94 -8.68
CA GLY C 176 -25.89 -2.83 -7.23
C GLY C 176 -26.79 -1.83 -6.52
N GLU C 177 -26.17 -0.82 -5.91
CA GLU C 177 -26.90 0.23 -5.21
C GLU C 177 -27.61 1.17 -6.20
N ALA C 178 -27.16 1.17 -7.46
CA ALA C 178 -27.78 1.98 -8.52
C ALA C 178 -28.88 1.19 -9.27
N SER C 179 -29.24 0.01 -8.77
CA SER C 179 -30.25 -0.84 -9.39
C SER C 179 -31.66 -0.37 -9.03
N ASP C 180 -32.66 -0.92 -9.71
CA ASP C 180 -34.06 -0.48 -9.53
C ASP C 180 -34.87 -1.44 -8.63
N LEU C 181 -35.40 -2.53 -9.20
CA LEU C 181 -36.22 -3.51 -8.44
C LEU C 181 -35.63 -4.92 -8.38
N GLU C 182 -34.37 -5.07 -8.82
CA GLU C 182 -33.71 -6.39 -8.87
C GLU C 182 -33.46 -6.99 -7.49
N ARG C 183 -33.44 -6.16 -6.46
CA ARG C 183 -33.23 -6.62 -5.09
C ARG C 183 -34.42 -7.41 -4.55
N TYR C 184 -35.57 -7.25 -5.19
CA TYR C 184 -36.76 -7.98 -4.84
C TYR C 184 -37.00 -9.19 -5.76
N THR C 185 -36.35 -9.20 -6.93
CA THR C 185 -36.66 -10.21 -7.93
C THR C 185 -35.52 -11.00 -8.60
N LEU C 186 -34.78 -10.36 -9.51
CA LEU C 186 -33.78 -11.04 -10.36
C LEU C 186 -32.31 -11.09 -9.91
N GLY C 187 -31.98 -10.47 -8.79
CA GLY C 187 -30.60 -10.49 -8.28
C GLY C 187 -29.61 -9.73 -9.14
N SER C 188 -28.65 -10.45 -9.73
CA SER C 188 -27.61 -9.83 -10.56
C SER C 188 -27.95 -9.68 -12.05
N ASN C 189 -29.20 -9.90 -12.46
CA ASN C 189 -29.61 -9.69 -13.86
C ASN C 189 -30.25 -8.32 -13.94
N TYR C 190 -29.40 -7.30 -13.95
CA TYR C 190 -29.83 -5.90 -13.93
C TYR C 190 -30.27 -5.42 -15.31
N ASP C 191 -31.32 -4.60 -15.35
CA ASP C 191 -31.77 -4.05 -16.62
C ASP C 191 -30.94 -2.83 -17.01
N TYR C 192 -29.76 -3.12 -17.56
CA TYR C 192 -28.87 -2.10 -18.07
C TYR C 192 -29.42 -1.44 -19.33
N ASP C 193 -30.15 -2.23 -20.13
CA ASP C 193 -30.62 -1.81 -21.44
C ASP C 193 -31.71 -0.77 -21.48
N VAL C 194 -32.64 -0.84 -20.53
CA VAL C 194 -33.72 0.13 -20.55
C VAL C 194 -33.16 1.48 -20.11
N VAL C 195 -32.16 1.46 -19.23
CA VAL C 195 -31.50 2.69 -18.79
C VAL C 195 -30.77 3.32 -19.97
N SER C 196 -30.16 2.46 -20.79
CA SER C 196 -29.45 2.88 -21.99
C SER C 196 -30.39 3.52 -23.01
N ARG C 197 -31.58 2.95 -23.14
CA ARG C 197 -32.59 3.47 -24.04
C ARG C 197 -32.96 4.91 -23.65
N TYR C 198 -33.19 5.17 -22.36
CA TYR C 198 -33.49 6.52 -21.93
C TYR C 198 -32.36 7.48 -22.31
N LEU C 199 -31.12 7.07 -22.00
CA LEU C 199 -29.94 7.87 -22.31
C LEU C 199 -29.78 8.08 -23.81
N LEU C 200 -29.98 7.04 -24.60
CA LEU C 200 -29.89 7.12 -26.06
C LEU C 200 -30.90 8.08 -26.65
N GLU C 201 -32.16 7.92 -26.26
CA GLU C 201 -33.28 8.78 -26.69
C GLU C 201 -32.98 10.27 -26.52
N LEU C 202 -32.17 10.61 -25.52
CA LEU C 202 -31.77 11.99 -25.24
C LEU C 202 -30.41 12.40 -25.81
N GLY C 203 -29.89 11.63 -26.77
CA GLY C 203 -28.62 11.97 -27.40
C GLY C 203 -27.37 11.69 -26.59
N TRP C 204 -27.46 10.75 -25.64
CA TRP C 204 -26.32 10.39 -24.80
C TRP C 204 -26.20 8.86 -24.92
N SER C 205 -25.40 8.26 -24.06
CA SER C 205 -25.16 6.83 -24.10
C SER C 205 -24.87 6.34 -22.71
N TYR C 206 -25.01 5.04 -22.52
CA TYR C 206 -24.75 4.41 -21.24
C TYR C 206 -23.32 4.65 -20.80
N LEU C 207 -22.39 4.37 -21.71
CA LEU C 207 -20.97 4.50 -21.45
C LEU C 207 -20.57 5.95 -21.19
N GLY C 208 -21.30 6.89 -21.76
CA GLY C 208 -21.03 8.32 -21.56
C GLY C 208 -21.48 8.82 -20.20
N TYR C 209 -22.53 8.18 -19.68
CA TYR C 209 -23.09 8.50 -18.37
C TYR C 209 -22.18 7.90 -17.30
N ALA C 210 -21.82 6.64 -17.52
CA ALA C 210 -20.92 5.91 -16.63
C ALA C 210 -19.59 6.63 -16.55
N SER C 211 -19.05 7.03 -17.69
CA SER C 211 -17.76 7.75 -17.76
C SER C 211 -17.83 9.13 -17.13
N TYR C 212 -18.97 9.80 -17.26
CA TYR C 212 -19.12 11.12 -16.62
C TYR C 212 -19.20 10.97 -15.09
N LEU C 213 -19.98 10.01 -14.62
CA LEU C 213 -20.05 9.75 -13.17
C LEU C 213 -18.69 9.32 -12.60
N ASP C 214 -18.02 8.40 -13.28
CA ASP C 214 -16.69 7.96 -12.85
C ASP C 214 -15.67 9.10 -12.88
N MSE C 215 -15.79 10.01 -13.84
CA MSE C 215 -14.88 11.17 -13.92
C MSE C 215 -14.99 12.11 -12.71
O MSE C 215 -14.04 12.78 -12.36
CB MSE C 215 -15.16 11.95 -15.22
CG MSE C 215 -14.22 13.11 -15.53
SE MSE C 215 -12.35 12.56 -15.74
CE MSE C 215 -11.72 14.14 -16.69
N GLN C 216 -16.18 12.17 -12.09
CA GLN C 216 -16.35 13.02 -10.90
C GLN C 216 -15.69 12.37 -9.69
N VAL C 217 -15.71 11.03 -9.61
CA VAL C 217 -15.02 10.31 -8.54
C VAL C 217 -13.50 10.49 -8.67
N LEU C 218 -13.00 10.57 -9.91
CA LEU C 218 -11.58 10.77 -10.18
C LEU C 218 -11.20 12.20 -9.83
N ASN C 219 -12.04 13.15 -10.20
CA ASN C 219 -11.84 14.56 -9.82
C ASN C 219 -11.86 14.74 -8.29
N TRP C 220 -12.54 13.84 -7.58
CA TRP C 220 -12.58 13.83 -6.12
C TRP C 220 -11.28 13.24 -5.57
N MSE C 221 -10.70 12.26 -6.26
CA MSE C 221 -9.42 11.67 -5.82
C MSE C 221 -8.29 12.71 -5.89
O MSE C 221 -7.35 12.67 -5.11
CB MSE C 221 -9.09 10.43 -6.64
CG MSE C 221 -10.01 9.25 -6.39
SE MSE C 221 -9.99 7.93 -7.81
CE MSE C 221 -8.27 7.09 -7.50
N LYS C 222 -8.40 13.66 -6.84
CA LYS C 222 -7.43 14.75 -6.99
C LYS C 222 -7.50 15.83 -5.90
N THR C 223 -8.42 15.69 -4.95
CA THR C 223 -8.58 16.63 -3.84
C THR C 223 -8.41 15.93 -2.49
N GLN C 224 -7.82 14.73 -2.50
CA GLN C 224 -7.58 13.94 -1.28
C GLN C 224 -6.09 13.90 -1.01
N LYS C 225 -5.69 14.62 0.04
CA LYS C 225 -4.29 14.78 0.44
C LYS C 225 -3.44 13.51 0.53
N HIS C 226 -4.02 12.39 0.97
CA HIS C 226 -3.24 11.14 1.09
C HIS C 226 -3.21 10.28 -0.18
N ILE C 227 -3.84 10.77 -1.25
CA ILE C 227 -3.77 10.13 -2.55
C ILE C 227 -2.75 10.92 -3.33
N ARG C 228 -1.71 10.25 -3.79
CA ARG C 228 -0.69 10.90 -4.58
C ARG C 228 -1.35 11.18 -5.93
N LYS C 229 -1.28 12.44 -6.35
CA LYS C 229 -1.96 12.90 -7.56
C LYS C 229 -1.40 12.30 -8.85
N ASP C 230 -0.07 12.20 -8.93
CA ASP C 230 0.62 11.67 -10.10
C ASP C 230 0.83 10.14 -10.14
N ARG C 231 0.16 9.41 -9.23
CA ARG C 231 0.23 7.95 -9.19
C ARG C 231 -1.17 7.35 -8.96
N ILE C 232 -2.12 7.79 -9.79
CA ILE C 232 -3.48 7.26 -9.75
C ILE C 232 -3.59 6.30 -10.92
N VAL C 233 -4.22 5.16 -10.67
CA VAL C 233 -4.38 4.10 -11.65
C VAL C 233 -5.86 3.78 -11.84
N VAL C 234 -6.30 3.61 -13.09
CA VAL C 234 -7.69 3.24 -13.35
C VAL C 234 -7.70 1.77 -13.80
N SER C 235 -8.40 0.94 -13.05
CA SER C 235 -8.48 -0.49 -13.26
C SER C 235 -9.90 -0.83 -13.64
N GLY C 236 -10.05 -1.61 -14.71
CA GLY C 236 -11.35 -2.03 -15.20
C GLY C 236 -11.43 -3.52 -15.48
N PHE C 237 -12.61 -4.10 -15.27
CA PHE C 237 -12.87 -5.51 -15.55
C PHE C 237 -14.11 -5.67 -16.42
N SER C 238 -13.99 -6.55 -17.43
CA SER C 238 -15.07 -6.90 -18.36
C SER C 238 -15.68 -5.60 -18.93
N LEU C 239 -16.91 -5.27 -18.58
CA LEU C 239 -17.56 -4.01 -18.99
C LEU C 239 -16.79 -2.76 -18.47
N GLY C 240 -16.16 -2.88 -17.31
CA GLY C 240 -15.40 -1.79 -16.68
C GLY C 240 -14.26 -1.17 -17.47
N THR C 241 -13.67 -1.94 -18.39
CA THR C 241 -12.59 -1.43 -19.21
C THR C 241 -13.02 -0.31 -20.17
N GLU C 242 -14.32 -0.20 -20.45
CA GLU C 242 -14.82 0.85 -21.33
C GLU C 242 -14.66 2.24 -20.71
N PRO C 243 -15.24 2.48 -19.50
CA PRO C 243 -15.01 3.79 -18.85
C PRO C 243 -13.55 4.04 -18.49
N MSE C 244 -12.77 2.99 -18.26
CA MSE C 244 -11.35 3.11 -18.03
C MSE C 244 -10.72 3.80 -19.25
O MSE C 244 -9.96 4.75 -19.08
CB MSE C 244 -10.70 1.74 -17.84
CG MSE C 244 -9.26 1.79 -17.38
SE MSE C 244 -8.15 0.52 -18.33
CE MSE C 244 -8.13 1.41 -20.03
N MSE C 245 -11.05 3.31 -20.46
CA MSE C 245 -10.55 3.90 -21.72
C MSE C 245 -10.99 5.31 -21.95
O MSE C 245 -10.26 6.11 -22.54
CB MSE C 245 -11.06 3.13 -22.95
CG MSE C 245 -10.20 1.97 -23.42
SE MSE C 245 -11.05 1.15 -24.96
CE MSE C 245 -12.41 0.16 -24.03
N VAL C 246 -12.22 5.61 -21.55
CA VAL C 246 -12.74 6.96 -21.71
C VAL C 246 -12.04 7.90 -20.77
N LEU C 247 -11.95 7.53 -19.49
CA LEU C 247 -11.23 8.33 -18.51
C LEU C 247 -9.80 8.55 -18.96
N GLY C 248 -9.08 7.46 -19.22
CA GLY C 248 -7.68 7.53 -19.67
C GLY C 248 -7.48 8.44 -20.85
N THR C 249 -8.41 8.39 -21.80
CA THR C 249 -8.35 9.22 -22.99
C THR C 249 -8.59 10.70 -22.67
N LEU C 250 -9.65 11.00 -21.93
CA LEU C 250 -10.00 12.37 -21.55
C LEU C 250 -9.10 13.03 -20.51
N ASP C 251 -8.58 12.22 -19.58
CA ASP C 251 -7.71 12.74 -18.51
C ASP C 251 -6.29 12.16 -18.59
N THR C 252 -5.36 13.00 -19.07
CA THR C 252 -3.96 12.65 -19.21
C THR C 252 -3.17 12.74 -17.89
N SER C 253 -3.86 13.00 -16.77
CA SER C 253 -3.24 13.05 -15.43
C SER C 253 -3.08 11.67 -14.85
N ILE C 254 -3.89 10.72 -15.31
CA ILE C 254 -3.87 9.37 -14.76
C ILE C 254 -2.50 8.77 -15.04
N TYR C 255 -1.95 8.05 -14.06
CA TYR C 255 -0.62 7.45 -14.19
C TYR C 255 -0.59 6.14 -14.98
N ALA C 256 -1.35 5.15 -14.51
CA ALA C 256 -1.35 3.81 -15.12
C ALA C 256 -2.74 3.25 -15.36
N PHE C 257 -2.78 2.10 -16.06
CA PHE C 257 -4.04 1.43 -16.42
C PHE C 257 -4.00 -0.09 -16.30
N VAL C 258 -5.12 -0.68 -15.89
CA VAL C 258 -5.27 -2.13 -15.81
C VAL C 258 -6.47 -2.53 -16.65
N TYR C 259 -6.19 -2.91 -17.90
CA TYR C 259 -7.19 -3.31 -18.86
C TYR C 259 -7.36 -4.82 -18.78
N ASN C 260 -8.19 -5.26 -17.85
CA ASN C 260 -8.44 -6.69 -17.67
C ASN C 260 -9.63 -7.19 -18.49
N ASP C 261 -9.45 -7.22 -19.79
CA ASP C 261 -10.44 -7.79 -20.69
C ASP C 261 -9.66 -8.06 -21.95
N PHE C 262 -10.16 -8.92 -22.82
CA PHE C 262 -9.47 -9.16 -24.08
C PHE C 262 -9.61 -7.90 -24.92
N LEU C 263 -8.54 -7.52 -25.60
CA LEU C 263 -8.55 -6.35 -26.45
C LEU C 263 -9.39 -6.70 -27.67
N CYS C 264 -10.56 -6.07 -27.79
CA CYS C 264 -11.48 -6.34 -28.90
C CYS C 264 -11.56 -5.21 -29.92
N GLN C 265 -11.55 -5.56 -31.21
CA GLN C 265 -11.78 -4.61 -32.30
C GLN C 265 -13.26 -4.86 -32.56
N THR C 266 -14.13 -4.12 -31.87
CA THR C 266 -15.58 -4.40 -31.91
C THR C 266 -16.29 -4.11 -33.25
N GLN C 267 -15.75 -3.22 -34.08
CA GLN C 267 -16.36 -2.94 -35.39
C GLN C 267 -16.26 -4.21 -36.22
N GLU C 268 -15.09 -4.80 -36.23
CA GLU C 268 -14.87 -6.02 -36.94
C GLU C 268 -15.71 -7.14 -36.33
N ARG C 269 -15.74 -7.24 -35.00
CA ARG C 269 -16.51 -8.32 -34.36
C ARG C 269 -17.93 -8.39 -34.90
N ALA C 270 -18.59 -7.25 -34.99
CA ALA C 270 -19.95 -7.17 -35.53
C ALA C 270 -20.02 -7.58 -37.02
N GLU C 271 -19.04 -7.14 -37.81
CA GLU C 271 -18.96 -7.50 -39.24
C GLU C 271 -18.82 -9.00 -39.47
N VAL C 272 -17.95 -9.64 -38.70
CA VAL C 272 -17.66 -11.06 -38.92
C VAL C 272 -18.64 -12.02 -38.23
N MSE C 273 -19.12 -11.70 -37.03
CA MSE C 273 -20.04 -12.61 -36.34
C MSE C 273 -21.44 -12.50 -36.95
O MSE C 273 -22.24 -11.62 -36.56
CB MSE C 273 -20.03 -12.32 -34.85
CG MSE C 273 -20.70 -13.40 -34.03
SE MSE C 273 -20.92 -12.78 -32.21
CE MSE C 273 -19.09 -12.27 -31.88
N THR C 274 -21.75 -13.38 -37.91
CA THR C 274 -23.04 -13.35 -38.63
C THR C 274 -23.66 -14.71 -38.96
N MSE C 275 -23.17 -15.80 -38.36
CA MSE C 275 -23.75 -17.13 -38.60
C MSE C 275 -25.17 -17.15 -38.03
O MSE C 275 -25.35 -16.94 -36.84
CB MSE C 275 -22.91 -18.18 -37.89
CG MSE C 275 -23.50 -19.59 -37.89
SE MSE C 275 -23.58 -20.37 -39.62
CE MSE C 275 -21.66 -20.53 -39.94
N PRO C 276 -26.18 -17.39 -38.88
CA PRO C 276 -27.52 -17.37 -38.32
C PRO C 276 -27.86 -18.58 -37.45
N ASP C 277 -28.82 -18.41 -36.53
CA ASP C 277 -29.23 -19.46 -35.63
C ASP C 277 -30.34 -20.31 -36.25
N LYS C 278 -31.00 -21.11 -35.40
CA LYS C 278 -32.13 -21.97 -35.79
C LYS C 278 -33.28 -21.20 -36.46
N ASN C 279 -33.57 -20.01 -35.95
CA ASN C 279 -34.63 -19.15 -36.51
C ASN C 279 -34.14 -18.19 -37.60
N GLY C 280 -32.87 -18.30 -37.99
CA GLY C 280 -32.31 -17.43 -39.01
C GLY C 280 -32.00 -16.03 -38.51
N ARG C 281 -31.81 -15.89 -37.20
CA ARG C 281 -31.48 -14.58 -36.60
C ARG C 281 -29.97 -14.45 -36.47
N ARG C 282 -29.48 -13.21 -36.54
CA ARG C 282 -28.07 -12.92 -36.43
C ARG C 282 -27.90 -12.00 -35.22
N PRO C 283 -27.77 -12.58 -34.02
CA PRO C 283 -27.66 -11.71 -32.86
C PRO C 283 -26.41 -10.86 -32.91
N PHE C 284 -26.56 -9.57 -32.56
CA PHE C 284 -25.46 -8.59 -32.55
C PHE C 284 -24.50 -9.00 -31.41
N PRO C 285 -23.21 -8.67 -31.52
CA PRO C 285 -22.30 -9.10 -30.45
C PRO C 285 -22.68 -8.76 -29.01
N ASN C 286 -23.23 -7.57 -28.78
CA ASN C 286 -23.59 -7.20 -27.42
C ASN C 286 -24.79 -6.27 -27.42
N SER C 287 -25.33 -6.01 -26.25
CA SER C 287 -26.54 -5.20 -26.12
C SER C 287 -26.28 -3.73 -26.32
N ILE C 288 -27.37 -2.97 -26.30
CA ILE C 288 -27.34 -1.52 -26.50
C ILE C 288 -26.57 -0.80 -25.39
N ARG C 289 -26.34 -1.49 -24.28
CA ARG C 289 -25.49 -1.00 -23.21
C ARG C 289 -24.10 -0.56 -23.73
N HIS C 290 -23.64 -1.12 -24.84
CA HIS C 290 -22.37 -0.75 -25.47
C HIS C 290 -22.50 0.18 -26.66
N LEU C 291 -23.72 0.69 -26.89
CA LEU C 291 -23.98 1.56 -28.02
C LEU C 291 -23.64 3.02 -27.72
N ILE C 292 -22.69 3.54 -28.50
CA ILE C 292 -22.35 4.94 -28.49
C ILE C 292 -22.39 5.35 -29.96
N PRO C 293 -23.38 6.17 -30.34
CA PRO C 293 -23.44 6.60 -31.74
C PRO C 293 -22.17 7.34 -32.22
N ASP C 294 -21.74 7.00 -33.44
CA ASP C 294 -20.54 7.54 -34.12
C ASP C 294 -19.20 7.04 -33.58
N PHE C 295 -19.23 6.10 -32.63
CA PHE C 295 -18.01 5.54 -32.06
C PHE C 295 -17.12 5.00 -33.18
N TRP C 296 -17.72 4.18 -34.05
CA TRP C 296 -17.01 3.55 -35.17
C TRP C 296 -16.64 4.44 -36.34
N LYS C 297 -17.27 5.61 -36.43
CA LYS C 297 -16.85 6.57 -37.43
C LYS C 297 -15.51 7.19 -37.03
N ASN C 298 -15.06 6.91 -35.80
CA ASN C 298 -13.83 7.48 -35.25
C ASN C 298 -12.77 6.47 -34.79
N PHE C 299 -13.20 5.45 -34.06
CA PHE C 299 -12.23 4.50 -33.51
C PHE C 299 -12.81 3.19 -32.99
N ASN C 300 -11.90 2.26 -32.73
CA ASN C 300 -12.19 1.00 -32.07
C ASN C 300 -11.25 0.94 -30.85
N PHE C 301 -11.43 -0.03 -29.95
CA PHE C 301 -10.59 -0.09 -28.75
C PHE C 301 -9.06 -0.13 -28.99
N PRO C 302 -8.56 -0.93 -29.96
CA PRO C 302 -7.11 -0.95 -30.20
C PRO C 302 -6.49 0.42 -30.43
N ASP C 303 -7.19 1.28 -31.14
CA ASP C 303 -6.74 2.64 -31.43
C ASP C 303 -6.66 3.48 -30.16
N ILE C 304 -7.73 3.40 -29.37
CA ILE C 304 -7.91 4.16 -28.14
C ILE C 304 -6.87 3.74 -27.12
N VAL C 305 -6.69 2.43 -26.99
CA VAL C 305 -5.65 1.88 -26.11
C VAL C 305 -4.26 2.32 -26.55
N ALA C 306 -4.04 2.32 -27.87
CA ALA C 306 -2.76 2.73 -28.43
C ALA C 306 -2.42 4.20 -28.15
N ALA C 307 -3.44 5.06 -28.07
CA ALA C 307 -3.24 6.49 -27.78
C ALA C 307 -2.95 6.81 -26.32
N LEU C 308 -3.02 5.83 -25.42
CA LEU C 308 -2.66 6.04 -24.01
C LEU C 308 -1.13 6.17 -23.84
N ALA C 309 -0.35 5.68 -24.81
CA ALA C 309 1.11 5.76 -24.72
C ALA C 309 1.59 7.21 -24.53
N PRO C 310 2.70 7.40 -23.79
CA PRO C 310 3.58 6.41 -23.17
C PRO C 310 3.19 5.97 -21.77
N ARG C 311 1.96 6.27 -21.32
CA ARG C 311 1.57 5.93 -19.97
C ARG C 311 1.40 4.40 -19.81
N PRO C 312 1.92 3.82 -18.71
CA PRO C 312 1.86 2.37 -18.52
C PRO C 312 0.48 1.70 -18.46
N ILE C 313 0.36 0.56 -19.14
CA ILE C 313 -0.89 -0.22 -19.19
C ILE C 313 -0.57 -1.70 -19.12
N ILE C 314 -1.52 -2.53 -18.64
CA ILE C 314 -1.35 -4.00 -18.65
C ILE C 314 -2.60 -4.71 -19.20
N LEU C 315 -2.42 -5.49 -20.27
CA LEU C 315 -3.52 -6.30 -20.86
C LEU C 315 -3.33 -7.77 -20.44
N THR C 316 -4.29 -8.28 -19.69
CA THR C 316 -4.20 -9.61 -19.07
C THR C 316 -5.03 -10.76 -19.66
N GLU C 317 -5.85 -10.48 -20.69
CA GLU C 317 -6.71 -11.52 -21.28
C GLU C 317 -6.63 -11.54 -22.81
N GLY C 318 -5.41 -11.33 -23.30
CA GLY C 318 -5.08 -11.38 -24.71
C GLY C 318 -6.00 -10.68 -25.68
N GLY C 319 -6.26 -11.37 -26.79
CA GLY C 319 -7.07 -10.88 -27.91
C GLY C 319 -6.40 -11.39 -29.16
N LEU C 320 -6.72 -10.81 -30.31
CA LEU C 320 -6.08 -11.19 -31.56
C LEU C 320 -4.71 -10.54 -31.51
N ASP C 321 -3.66 -11.28 -31.84
CA ASP C 321 -2.29 -10.75 -31.77
C ASP C 321 -2.10 -9.48 -32.59
N ARG C 322 -2.82 -9.39 -33.72
CA ARG C 322 -2.83 -8.18 -34.57
C ARG C 322 -3.09 -6.91 -33.78
N ASP C 323 -4.11 -6.97 -32.93
CA ASP C 323 -4.57 -5.81 -32.15
C ASP C 323 -3.62 -5.50 -30.99
N LEU C 324 -3.07 -6.53 -30.37
CA LEU C 324 -2.14 -6.36 -29.26
C LEU C 324 -0.79 -5.81 -29.76
N ASP C 325 -0.30 -6.34 -30.89
CA ASP C 325 0.95 -5.86 -31.49
C ASP C 325 0.83 -4.43 -31.98
N LEU C 326 -0.38 -4.02 -32.37
CA LEU C 326 -0.65 -2.64 -32.76
C LEU C 326 -0.40 -1.75 -31.54
N VAL C 327 -0.87 -2.19 -30.37
CA VAL C 327 -0.63 -1.48 -29.11
C VAL C 327 0.87 -1.40 -28.81
N ARG C 328 1.58 -2.52 -28.95
CA ARG C 328 3.03 -2.52 -28.75
C ARG C 328 3.73 -1.48 -29.65
N LYS C 329 3.33 -1.45 -30.93
CA LYS C 329 3.91 -0.53 -31.90
C LYS C 329 3.69 0.95 -31.54
N ALA C 330 2.50 1.29 -31.07
CA ALA C 330 2.23 2.67 -30.64
C ALA C 330 3.24 3.05 -29.56
N TYR C 331 3.43 2.15 -28.61
CA TYR C 331 4.38 2.35 -27.52
C TYR C 331 5.83 2.48 -27.99
N ALA C 332 6.20 1.77 -29.06
CA ALA C 332 7.54 1.89 -29.65
C ALA C 332 7.75 3.24 -30.34
N ILE C 333 6.71 3.77 -30.98
CA ILE C 333 6.78 5.07 -31.66
C ILE C 333 7.09 6.22 -30.69
N VAL C 334 6.51 6.16 -29.49
CA VAL C 334 6.74 7.18 -28.45
C VAL C 334 8.01 6.96 -27.60
N GLY C 335 8.77 5.90 -27.87
CA GLY C 335 10.06 5.65 -27.20
C GLY C 335 10.06 4.77 -25.97
N THR C 336 8.90 4.27 -25.58
CA THR C 336 8.77 3.46 -24.37
C THR C 336 8.08 2.15 -24.72
N PRO C 337 8.79 1.23 -25.41
CA PRO C 337 8.17 -0.03 -25.83
C PRO C 337 7.76 -0.96 -24.70
N ASP C 338 8.48 -0.93 -23.58
CA ASP C 338 8.15 -1.80 -22.45
C ASP C 338 7.09 -1.20 -21.49
N ASN C 339 6.51 -0.05 -21.82
CA ASN C 339 5.43 0.52 -20.99
C ASN C 339 4.09 -0.22 -21.12
N VAL C 340 3.98 -1.14 -22.07
CA VAL C 340 2.82 -2.00 -22.19
C VAL C 340 3.24 -3.43 -21.84
N LYS C 341 2.56 -4.04 -20.88
CA LYS C 341 2.79 -5.45 -20.53
C LYS C 341 1.59 -6.19 -21.09
N ILE C 342 1.80 -7.31 -21.77
CA ILE C 342 0.68 -8.06 -22.38
C ILE C 342 0.78 -9.56 -22.15
N TYR C 343 -0.30 -10.12 -21.59
CA TYR C 343 -0.42 -11.55 -21.36
C TYR C 343 -1.59 -12.09 -22.18
N HIS C 344 -1.55 -13.40 -22.44
CA HIS C 344 -2.64 -14.13 -23.06
C HIS C 344 -3.16 -15.02 -21.95
N TYR C 345 -4.38 -15.54 -22.11
CA TYR C 345 -4.90 -16.55 -21.21
C TYR C 345 -3.89 -17.69 -21.25
N LYS C 346 -3.77 -18.47 -20.19
CA LYS C 346 -2.83 -19.60 -20.18
C LYS C 346 -3.12 -20.63 -21.27
N LYS C 347 -4.39 -20.88 -21.54
CA LYS C 347 -4.84 -21.81 -22.56
C LYS C 347 -4.32 -21.47 -23.97
N PHE C 348 -4.10 -20.17 -24.22
CA PHE C 348 -3.60 -19.66 -25.48
C PHE C 348 -2.22 -18.99 -25.37
N SER C 349 -1.49 -19.29 -24.29
CA SER C 349 -0.18 -18.71 -24.06
C SER C 349 0.82 -19.23 -25.08
N ASP C 350 0.68 -20.52 -25.39
CA ASP C 350 1.48 -21.20 -26.38
C ASP C 350 1.08 -20.67 -27.78
N PRO C 351 2.06 -20.09 -28.53
CA PRO C 351 1.81 -19.53 -29.87
C PRO C 351 1.03 -20.40 -30.83
N ASP C 352 1.40 -21.68 -30.97
CA ASP C 352 0.70 -22.62 -31.87
C ASP C 352 -0.81 -22.59 -31.74
N THR C 353 -1.33 -22.27 -30.55
CA THR C 353 -2.78 -22.15 -30.35
C THR C 353 -3.38 -20.85 -30.89
N ARG C 354 -2.54 -19.96 -31.40
CA ARG C 354 -2.97 -18.69 -31.96
C ARG C 354 -2.65 -18.63 -33.45
N LYS C 355 -3.36 -17.77 -34.17
CA LYS C 355 -3.14 -17.56 -35.61
C LYS C 355 -2.87 -16.07 -35.85
N ASN C 356 -1.83 -15.80 -36.63
CA ASN C 356 -1.48 -14.46 -37.03
C ASN C 356 -2.26 -14.11 -38.28
N VAL C 357 -3.20 -13.18 -38.15
CA VAL C 357 -3.97 -12.75 -39.30
C VAL C 357 -4.19 -11.26 -39.20
N GLU C 358 -4.26 -10.61 -40.36
CA GLU C 358 -4.50 -9.17 -40.43
C GLU C 358 -5.98 -8.86 -40.44
N TYR C 359 -6.79 -9.84 -40.86
CA TYR C 359 -8.23 -9.73 -40.95
C TYR C 359 -8.90 -11.00 -40.49
N LEU C 360 -9.98 -10.89 -39.72
CA LEU C 360 -10.73 -12.07 -39.26
C LEU C 360 -11.56 -12.60 -40.41
N PRO C 361 -11.94 -13.88 -40.34
CA PRO C 361 -12.74 -14.46 -41.40
C PRO C 361 -14.19 -14.06 -41.26
N GLU C 362 -14.89 -13.90 -42.38
CA GLU C 362 -16.30 -13.53 -42.35
C GLU C 362 -17.15 -14.77 -42.08
N GLY C 363 -18.34 -14.54 -41.55
CA GLY C 363 -19.33 -15.62 -41.39
C GLY C 363 -19.11 -16.57 -40.24
N LEU C 364 -18.56 -16.03 -39.15
CA LEU C 364 -18.26 -16.78 -37.96
C LEU C 364 -19.44 -16.75 -37.02
N ASP C 365 -19.63 -17.84 -36.29
CA ASP C 365 -20.62 -17.85 -35.22
C ASP C 365 -19.88 -17.33 -34.01
N ARG C 366 -20.59 -17.23 -32.88
CA ARG C 366 -20.03 -16.69 -31.64
C ARG C 366 -18.81 -17.45 -31.11
N ASN C 367 -18.94 -18.77 -30.96
CA ASN C 367 -17.86 -19.61 -30.43
C ASN C 367 -16.58 -19.54 -31.24
N GLU C 368 -16.73 -19.59 -32.56
CA GLU C 368 -15.60 -19.51 -33.47
C GLU C 368 -14.91 -18.14 -33.36
N TYR C 369 -15.68 -17.06 -33.25
CA TYR C 369 -15.07 -15.73 -33.05
C TYR C 369 -14.14 -15.72 -31.83
N PHE C 370 -14.66 -16.20 -30.69
CA PHE C 370 -13.88 -16.22 -29.44
C PHE C 370 -12.64 -17.09 -29.50
N ARG C 371 -12.75 -18.26 -30.16
CA ARG C 371 -11.60 -19.15 -30.31
CA ARG C 371 -11.59 -19.14 -30.30
C ARG C 371 -10.55 -18.51 -31.22
N MSE C 372 -11.00 -17.74 -32.22
CA MSE C 372 -10.10 -17.03 -33.13
C MSE C 372 -9.39 -15.86 -32.45
O MSE C 372 -8.30 -15.48 -32.85
CB MSE C 372 -10.86 -16.45 -34.33
CG MSE C 372 -11.17 -17.39 -35.47
SE MSE C 372 -9.60 -18.09 -36.36
CE MSE C 372 -8.57 -16.48 -36.72
N VAL C 373 -10.04 -15.21 -31.47
CA VAL C 373 -9.42 -14.09 -30.75
C VAL C 373 -8.81 -14.49 -29.39
N ASN C 374 -8.69 -15.81 -29.17
CA ASN C 374 -7.96 -16.36 -28.02
C ASN C 374 -8.55 -16.06 -26.65
N VAL C 375 -9.84 -16.33 -26.51
CA VAL C 375 -10.56 -16.13 -25.27
C VAL C 375 -11.00 -17.47 -24.69
N ASP C 376 -10.85 -17.61 -23.37
CA ASP C 376 -11.23 -18.80 -22.60
C ASP C 376 -12.22 -18.30 -21.55
N GLY C 377 -13.51 -18.24 -21.94
CA GLY C 377 -14.60 -17.78 -21.09
C GLY C 377 -14.59 -18.19 -19.63
N PRO C 378 -14.45 -19.51 -19.36
CA PRO C 378 -14.40 -20.00 -17.98
C PRO C 378 -13.33 -19.33 -17.12
N ASN C 379 -12.19 -18.94 -17.73
CA ASN C 379 -11.07 -18.30 -17.02
C ASN C 379 -11.02 -16.78 -17.14
N HIS C 380 -12.19 -16.17 -17.31
CA HIS C 380 -12.32 -14.73 -17.37
C HIS C 380 -12.64 -14.26 -15.94
N TYR C 381 -11.66 -13.61 -15.31
CA TYR C 381 -11.79 -13.02 -13.97
C TYR C 381 -10.68 -11.98 -13.78
N PHE C 382 -10.62 -11.31 -12.62
CA PHE C 382 -9.58 -10.29 -12.42
C PHE C 382 -8.24 -10.94 -12.08
N LYS C 383 -7.27 -10.76 -12.99
CA LYS C 383 -5.97 -11.39 -12.87
C LYS C 383 -5.00 -10.69 -11.88
N SER C 384 -5.29 -10.82 -10.58
CA SER C 384 -4.46 -10.21 -9.53
C SER C 384 -3.06 -10.78 -9.50
N GLU C 385 -2.95 -12.07 -9.78
CA GLU C 385 -1.67 -12.77 -9.83
C GLU C 385 -0.70 -12.23 -10.92
N LEU C 386 -1.22 -11.47 -11.86
CA LEU C 386 -0.44 -10.81 -12.90
C LEU C 386 -0.35 -9.31 -12.66
N VAL C 387 -1.45 -8.72 -12.20
CA VAL C 387 -1.55 -7.28 -11.97
C VAL C 387 -0.84 -6.82 -10.71
N VAL C 388 -0.86 -7.63 -9.65
CA VAL C 388 -0.20 -7.26 -8.39
C VAL C 388 1.32 -7.19 -8.54
N PRO C 389 1.96 -8.25 -9.07
CA PRO C 389 3.41 -8.15 -9.28
C PRO C 389 3.81 -7.02 -10.24
N TRP C 390 2.92 -6.69 -11.19
CA TRP C 390 3.17 -5.61 -12.15
C TRP C 390 3.05 -4.23 -11.50
N LEU C 391 2.03 -4.03 -10.65
CA LEU C 391 1.89 -2.76 -9.94
C LEU C 391 3.03 -2.60 -8.92
N ARG C 392 3.43 -3.69 -8.27
CA ARG C 392 4.57 -3.64 -7.33
C ARG C 392 5.77 -3.01 -8.02
N LYS C 393 6.21 -3.60 -9.13
CA LYS C 393 7.40 -3.11 -9.83
C LYS C 393 7.22 -1.72 -10.43
N LEU C 394 5.99 -1.37 -10.83
CA LEU C 394 5.74 -0.06 -11.41
C LEU C 394 5.80 1.08 -10.38
N LEU C 395 5.12 0.91 -9.25
CA LEU C 395 5.05 1.97 -8.23
C LEU C 395 6.19 2.00 -7.20
N GLU C 396 6.93 0.90 -7.05
CA GLU C 396 8.06 0.87 -6.13
C GLU C 396 9.14 1.85 -6.58
N GLU C 397 9.37 1.94 -7.89
CA GLU C 397 10.32 2.86 -8.53
C GLU C 397 11.66 3.04 -7.79
N TRP D 7 -42.76 -8.90 -2.20
CA TRP D 7 -42.86 -7.53 -2.78
C TRP D 7 -44.07 -7.46 -3.71
N SER D 8 -44.64 -6.26 -3.81
CA SER D 8 -45.81 -6.02 -4.66
C SER D 8 -45.49 -4.99 -5.75
N PRO D 9 -45.88 -5.29 -7.01
CA PRO D 9 -45.63 -4.31 -8.08
C PRO D 9 -46.37 -2.98 -7.87
N LYS D 10 -47.64 -3.04 -7.45
CA LYS D 10 -48.44 -1.83 -7.20
C LYS D 10 -47.81 -0.80 -6.26
N ASP D 11 -46.87 -1.23 -5.42
CA ASP D 11 -46.15 -0.35 -4.50
C ASP D 11 -44.83 0.17 -5.07
N HIS D 12 -44.46 -0.24 -6.28
CA HIS D 12 -43.22 0.20 -6.91
C HIS D 12 -43.40 0.77 -8.31
N ASN D 13 -44.63 1.14 -8.67
CA ASN D 13 -44.95 1.69 -10.00
C ASN D 13 -44.64 3.18 -10.18
N LEU D 14 -44.36 3.87 -9.09
CA LEU D 14 -44.14 5.31 -9.13
C LEU D 14 -42.63 5.52 -8.97
N ILE D 15 -42.06 6.45 -9.76
CA ILE D 15 -40.63 6.72 -9.72
C ILE D 15 -40.36 7.99 -8.91
N LYS D 16 -40.54 7.89 -7.60
CA LYS D 16 -40.34 9.03 -6.69
C LYS D 16 -39.04 8.90 -5.89
N SER D 17 -38.48 10.04 -5.50
CA SER D 17 -37.24 10.07 -4.71
C SER D 17 -37.61 9.79 -3.27
N VAL D 18 -36.80 8.98 -2.57
CA VAL D 18 -37.05 8.67 -1.15
C VAL D 18 -36.15 9.52 -0.24
N ARG D 19 -35.61 10.61 -0.78
CA ARG D 19 -34.72 11.52 -0.07
C ARG D 19 -35.35 12.92 -0.03
N GLU D 20 -34.86 13.74 0.90
CA GLU D 20 -35.33 15.11 1.05
C GLU D 20 -34.76 16.07 -0.01
N ASP D 21 -33.61 15.74 -0.59
CA ASP D 21 -33.02 16.58 -1.65
C ASP D 21 -33.60 16.27 -3.04
N GLY D 22 -34.49 15.29 -3.12
CA GLY D 22 -35.16 14.93 -4.37
C GLY D 22 -34.32 14.21 -5.39
N ARG D 23 -33.23 13.58 -4.95
CA ARG D 23 -32.32 12.86 -5.84
C ARG D 23 -32.63 11.37 -5.85
N PHE D 24 -32.28 10.72 -6.95
CA PHE D 24 -32.51 9.30 -7.14
C PHE D 24 -31.18 8.55 -7.12
N LEU D 25 -31.19 7.36 -6.56
CA LEU D 25 -29.97 6.53 -6.45
C LEU D 25 -29.97 5.55 -7.63
N SER D 26 -31.15 5.03 -7.96
CA SER D 26 -31.28 4.10 -9.08
C SER D 26 -31.13 4.87 -10.38
N SER D 27 -30.33 4.32 -11.30
CA SER D 27 -30.12 4.93 -12.61
C SER D 27 -31.41 5.05 -13.40
N TYR D 28 -32.35 4.14 -13.16
CA TYR D 28 -33.64 4.23 -13.81
C TYR D 28 -34.26 5.54 -13.39
N GLY D 29 -34.26 5.82 -12.08
CA GLY D 29 -34.85 7.05 -11.54
C GLY D 29 -34.19 8.31 -12.05
N VAL D 30 -32.88 8.27 -12.18
CA VAL D 30 -32.14 9.43 -12.67
C VAL D 30 -32.51 9.69 -14.12
N VAL D 31 -32.50 8.65 -14.95
CA VAL D 31 -32.81 8.81 -16.37
C VAL D 31 -34.29 9.10 -16.63
N HIS D 32 -35.19 8.56 -15.81
CA HIS D 32 -36.62 8.84 -15.93
C HIS D 32 -36.91 10.30 -15.61
N ALA D 33 -36.22 10.84 -14.61
CA ALA D 33 -36.34 12.24 -14.25
C ALA D 33 -35.80 13.13 -15.39
N MSE D 34 -34.70 12.75 -16.03
CA MSE D 34 -34.19 13.53 -17.17
C MSE D 34 -35.26 13.72 -18.27
O MSE D 34 -35.46 14.83 -18.77
CB MSE D 34 -32.96 12.88 -17.78
CG MSE D 34 -31.68 12.87 -16.93
SE MSE D 34 -30.23 11.98 -17.91
CE MSE D 34 -30.04 13.33 -19.30
N LEU D 35 -35.93 12.63 -18.64
CA LEU D 35 -36.98 12.68 -19.65
C LEU D 35 -38.14 13.54 -19.17
N ARG D 36 -38.55 13.30 -17.93
CA ARG D 36 -39.62 14.02 -17.27
C ARG D 36 -39.34 15.52 -17.29
N ASN D 37 -38.04 15.88 -17.32
CA ASN D 37 -37.59 17.26 -17.34
C ASN D 37 -37.12 17.79 -18.69
N THR D 38 -37.12 16.94 -19.72
CA THR D 38 -36.79 17.38 -21.06
C THR D 38 -38.03 18.10 -21.53
N GLU D 39 -37.84 19.34 -21.98
CA GLU D 39 -38.94 20.18 -22.45
C GLU D 39 -38.65 20.48 -23.92
N PRO D 40 -39.32 19.76 -24.86
CA PRO D 40 -39.12 19.95 -26.29
C PRO D 40 -39.07 21.40 -26.74
N ARG D 41 -38.07 21.74 -27.53
CA ARG D 41 -37.89 23.10 -28.01
C ARG D 41 -38.97 23.52 -29.00
N TYR D 42 -39.42 22.58 -29.83
CA TYR D 42 -40.45 22.85 -30.83
C TYR D 42 -41.80 22.27 -30.46
N ALA D 43 -42.14 22.35 -29.19
CA ALA D 43 -43.45 21.96 -28.72
C ALA D 43 -44.43 22.99 -29.26
N PHE D 44 -45.65 22.55 -29.56
CA PHE D 44 -46.69 23.45 -30.05
C PHE D 44 -47.22 24.24 -28.87
N HIS D 45 -47.48 25.53 -29.10
CA HIS D 45 -48.08 26.43 -28.10
C HIS D 45 -49.48 26.78 -28.62
N ARG D 46 -50.49 26.62 -27.78
CA ARG D 46 -51.88 26.92 -28.17
C ARG D 46 -52.16 28.41 -28.44
N ASP D 47 -51.37 29.28 -27.83
CA ASP D 47 -51.56 30.73 -27.97
C ASP D 47 -50.73 31.40 -29.08
N PHE D 48 -50.18 30.63 -30.01
CA PHE D 48 -49.43 31.22 -31.13
C PHE D 48 -50.33 32.08 -32.00
N SER D 49 -49.73 33.09 -32.64
CA SER D 49 -50.38 33.93 -33.60
C SER D 49 -50.01 33.28 -34.93
N PRO D 50 -50.47 33.86 -36.06
CA PRO D 50 -50.06 33.28 -37.34
C PRO D 50 -48.57 33.46 -37.68
N LYS D 51 -47.96 34.57 -37.26
CA LYS D 51 -46.54 34.85 -37.53
C LYS D 51 -45.64 33.97 -36.66
N GLU D 52 -46.08 33.72 -35.43
CA GLU D 52 -45.36 32.84 -34.51
C GLU D 52 -45.51 31.37 -34.93
N PHE D 53 -46.62 31.04 -35.59
CA PHE D 53 -46.88 29.67 -36.06
C PHE D 53 -45.91 29.29 -37.19
N ARG D 54 -45.75 30.17 -38.17
CA ARG D 54 -44.88 29.92 -39.31
C ARG D 54 -43.41 29.80 -38.91
N LYS D 55 -42.96 30.73 -38.08
CA LYS D 55 -41.58 30.74 -37.61
C LYS D 55 -41.28 29.39 -36.94
N TRP D 56 -42.11 29.05 -35.97
CA TRP D 56 -42.06 27.76 -35.27
C TRP D 56 -42.09 26.57 -36.23
N GLN D 57 -42.95 26.66 -37.24
CA GLN D 57 -43.12 25.61 -38.23
C GLN D 57 -41.79 25.38 -38.96
N LYS D 58 -41.18 26.47 -39.42
CA LYS D 58 -39.90 26.42 -40.12
C LYS D 58 -38.82 25.85 -39.19
N GLY D 59 -38.85 26.27 -37.92
CA GLY D 59 -37.87 25.80 -36.93
C GLY D 59 -37.99 24.33 -36.63
N LEU D 60 -39.23 23.83 -36.62
CA LEU D 60 -39.49 22.43 -36.40
C LEU D 60 -39.00 21.63 -37.60
N ARG D 61 -39.20 22.18 -38.80
CA ARG D 61 -38.72 21.49 -39.99
C ARG D 61 -37.21 21.40 -39.93
N HIS D 62 -36.53 22.52 -39.67
CA HIS D 62 -35.06 22.48 -39.58
C HIS D 62 -34.53 21.54 -38.50
N ALA D 63 -35.32 21.30 -37.45
CA ALA D 63 -34.92 20.38 -36.38
C ALA D 63 -35.09 18.94 -36.86
N MSE D 64 -36.10 18.71 -37.69
CA MSE D 64 -36.36 17.40 -38.25
C MSE D 64 -35.21 17.02 -39.20
O MSE D 64 -34.67 15.91 -39.12
CB MSE D 64 -37.75 17.37 -38.93
CG MSE D 64 -38.20 16.03 -39.46
SE MSE D 64 -38.54 14.72 -38.12
CE MSE D 64 -40.03 15.55 -37.21
N GLU D 65 -34.81 17.97 -40.04
CA GLU D 65 -33.68 17.79 -40.93
C GLU D 65 -32.42 17.42 -40.15
N GLU D 66 -32.22 18.06 -39.00
CA GLU D 66 -31.05 17.78 -38.17
C GLU D 66 -31.00 16.35 -37.61
N ILE D 67 -32.11 15.85 -37.07
CA ILE D 67 -32.11 14.51 -36.45
C ILE D 67 -32.33 13.34 -37.44
N MSE D 68 -32.81 13.62 -38.65
CA MSE D 68 -33.02 12.55 -39.65
C MSE D 68 -31.80 12.28 -40.51
O MSE D 68 -31.68 11.20 -41.06
CB MSE D 68 -34.26 12.81 -40.52
CG MSE D 68 -35.55 12.73 -39.74
SE MSE D 68 -35.81 11.05 -38.78
CE MSE D 68 -37.23 11.58 -37.61
N LYS D 69 -30.89 13.26 -40.60
CA LYS D 69 -29.61 13.10 -41.29
C LYS D 69 -29.63 12.46 -42.68
N PHE D 70 -30.44 12.99 -43.58
CA PHE D 70 -30.51 12.50 -44.95
C PHE D 70 -29.20 12.80 -45.65
N PRO D 71 -28.62 11.80 -46.34
CA PRO D 71 -27.39 12.09 -47.06
C PRO D 71 -27.63 13.15 -48.12
N GLN D 72 -26.60 13.96 -48.40
CA GLN D 72 -26.68 15.02 -49.39
C GLN D 72 -26.47 14.42 -50.79
N ILE D 73 -25.82 13.27 -50.83
CA ILE D 73 -25.57 12.53 -52.07
C ILE D 73 -26.54 11.36 -52.15
N SER D 76 -26.42 8.77 -58.85
CA SER D 76 -27.69 8.17 -58.42
C SER D 76 -28.39 7.57 -59.63
N PRO D 77 -28.23 6.26 -59.85
CA PRO D 77 -28.88 5.74 -61.05
C PRO D 77 -30.40 5.91 -61.00
N ALA D 78 -30.99 6.19 -62.16
CA ALA D 78 -32.42 6.40 -62.29
C ALA D 78 -33.18 5.09 -62.04
N PRO D 79 -34.34 5.16 -61.38
CA PRO D 79 -35.11 3.94 -61.14
C PRO D 79 -35.65 3.37 -62.45
N VAL D 80 -35.67 2.05 -62.57
CA VAL D 80 -36.15 1.37 -63.77
C VAL D 80 -37.30 0.44 -63.44
N CYS D 81 -38.17 0.21 -64.41
CA CYS D 81 -39.29 -0.69 -64.24
C CYS D 81 -38.81 -2.10 -64.58
N ILE D 82 -38.86 -3.01 -63.61
CA ILE D 82 -38.43 -4.40 -63.84
C ILE D 82 -39.59 -5.33 -64.22
N LYS D 83 -40.83 -4.92 -63.91
CA LYS D 83 -42.04 -5.69 -64.26
C LYS D 83 -43.28 -4.79 -64.43
N ARG D 84 -44.19 -5.25 -65.29
CA ARG D 84 -45.48 -4.61 -65.54
C ARG D 84 -46.43 -5.75 -65.92
N GLU D 85 -47.53 -5.91 -65.18
CA GLU D 85 -48.54 -6.93 -65.49
C GLU D 85 -49.94 -6.30 -65.42
N GLN D 86 -50.84 -6.79 -66.27
CA GLN D 86 -52.21 -6.29 -66.34
C GLN D 86 -53.05 -6.89 -65.22
N ARG D 87 -53.91 -6.07 -64.63
CA ARG D 87 -54.81 -6.51 -63.59
C ARG D 87 -56.21 -6.08 -64.00
N GLU D 88 -57.22 -6.42 -63.20
CA GLU D 88 -58.59 -6.03 -63.49
C GLU D 88 -58.80 -4.53 -63.27
N GLY D 89 -58.75 -3.76 -64.35
CA GLY D 89 -58.96 -2.31 -64.32
C GLY D 89 -57.70 -1.46 -64.24
N TYR D 90 -56.58 -2.06 -63.81
CA TYR D 90 -55.32 -1.33 -63.65
C TYR D 90 -54.14 -2.21 -64.05
N ARG D 91 -52.95 -1.62 -64.11
CA ARG D 91 -51.72 -2.39 -64.36
C ARG D 91 -50.85 -2.28 -63.10
N LEU D 92 -50.14 -3.36 -62.79
CA LEU D 92 -49.26 -3.42 -61.64
C LEU D 92 -47.80 -3.37 -62.09
N GLU D 93 -47.11 -2.30 -61.71
CA GLU D 93 -45.71 -2.16 -62.05
C GLU D 93 -44.85 -2.43 -60.83
N LYS D 94 -43.56 -2.65 -61.07
CA LYS D 94 -42.60 -2.86 -60.00
C LYS D 94 -41.37 -2.11 -60.43
N TRP D 95 -40.91 -1.21 -59.57
CA TRP D 95 -39.74 -0.41 -59.86
C TRP D 95 -38.63 -0.74 -58.88
N GLU D 96 -37.40 -0.50 -59.32
CA GLU D 96 -36.21 -0.77 -58.56
C GLU D 96 -35.52 0.57 -58.44
N PHE D 97 -35.22 1.03 -57.23
CA PHE D 97 -34.47 2.29 -57.10
C PHE D 97 -33.20 2.04 -56.33
N TYR D 98 -32.30 3.02 -56.38
CA TYR D 98 -30.95 2.87 -55.91
C TYR D 98 -30.54 4.08 -55.10
N PRO D 99 -31.10 4.23 -53.89
CA PRO D 99 -31.00 5.39 -53.00
C PRO D 99 -29.67 5.63 -52.28
N LEU D 100 -28.92 4.56 -52.02
CA LEU D 100 -27.61 4.68 -51.40
C LEU D 100 -26.62 3.75 -52.09
N PRO D 101 -25.32 3.96 -51.88
CA PRO D 101 -24.39 3.02 -52.49
C PRO D 101 -24.62 1.66 -51.86
N LYS D 102 -24.59 0.62 -52.68
CA LYS D 102 -24.75 -0.77 -52.24
C LYS D 102 -26.16 -1.17 -51.79
N CYS D 103 -27.14 -0.29 -52.01
CA CYS D 103 -28.53 -0.57 -51.66
C CYS D 103 -29.41 -0.52 -52.90
N VAL D 104 -30.25 -1.55 -53.04
CA VAL D 104 -31.28 -1.57 -54.05
C VAL D 104 -32.56 -1.77 -53.28
N SER D 105 -33.55 -0.94 -53.56
CA SER D 105 -34.84 -1.07 -52.92
C SER D 105 -35.86 -1.16 -54.06
N THR D 106 -37.12 -1.41 -53.72
CA THR D 106 -38.15 -1.57 -54.73
C THR D 106 -39.48 -0.99 -54.27
N PHE D 107 -40.42 -0.85 -55.21
CA PHE D 107 -41.77 -0.43 -54.89
C PHE D 107 -42.75 -0.89 -55.96
N LEU D 108 -44.03 -0.90 -55.61
CA LEU D 108 -45.09 -1.32 -56.55
C LEU D 108 -45.92 -0.10 -56.89
N VAL D 109 -46.44 -0.07 -58.12
CA VAL D 109 -47.26 1.05 -58.58
C VAL D 109 -48.50 0.48 -59.24
N LEU D 110 -49.69 0.91 -58.79
CA LEU D 110 -50.96 0.47 -59.35
C LEU D 110 -51.54 1.63 -60.16
N ILE D 111 -51.51 1.49 -61.49
CA ILE D 111 -51.95 2.52 -62.43
C ILE D 111 -53.28 2.18 -63.10
N PRO D 112 -54.33 3.00 -62.90
CA PRO D 112 -55.58 2.70 -63.59
C PRO D 112 -55.40 2.74 -65.11
N ASP D 113 -56.16 1.93 -65.82
CA ASP D 113 -56.10 1.90 -67.28
C ASP D 113 -56.68 3.15 -67.93
N ASN D 114 -56.31 3.34 -69.19
CA ASN D 114 -56.75 4.46 -70.01
C ASN D 114 -56.77 5.80 -69.30
N ILE D 115 -55.63 6.18 -68.74
CA ILE D 115 -55.50 7.47 -68.07
C ILE D 115 -55.31 8.54 -69.13
N ASN D 116 -56.01 9.66 -68.98
CA ASN D 116 -55.91 10.80 -69.88
C ASN D 116 -55.10 11.91 -69.19
N LYS D 117 -55.75 12.71 -68.35
CA LYS D 117 -55.08 13.80 -67.66
C LYS D 117 -54.32 13.20 -66.49
N PRO D 118 -53.36 13.95 -65.93
CA PRO D 118 -52.68 13.46 -64.74
C PRO D 118 -53.69 13.27 -63.62
N VAL D 119 -53.51 12.23 -62.82
CA VAL D 119 -54.45 11.86 -61.79
C VAL D 119 -53.76 11.87 -60.41
N PRO D 120 -54.52 12.10 -59.31
CA PRO D 120 -53.86 12.05 -58.00
C PRO D 120 -53.21 10.69 -57.70
N ALA D 121 -52.27 10.69 -56.76
CA ALA D 121 -51.55 9.47 -56.35
C ALA D 121 -51.36 9.39 -54.85
N ILE D 122 -51.37 8.15 -54.33
CA ILE D 122 -51.21 7.91 -52.91
C ILE D 122 -49.94 7.07 -52.64
N LEU D 123 -49.12 7.53 -51.71
CA LEU D 123 -47.91 6.82 -51.29
C LEU D 123 -48.32 6.05 -50.05
N CYS D 124 -48.45 4.74 -50.19
CA CYS D 124 -48.97 3.91 -49.11
C CYS D 124 -47.86 3.20 -48.36
N ILE D 125 -47.77 3.46 -47.05
CA ILE D 125 -46.72 2.87 -46.20
C ILE D 125 -47.38 1.85 -45.25
N PRO D 126 -46.78 0.62 -45.13
CA PRO D 126 -47.42 -0.39 -44.31
C PRO D 126 -47.11 -0.27 -42.81
N GLY D 127 -47.76 -1.12 -42.02
CA GLY D 127 -47.55 -1.18 -40.58
C GLY D 127 -46.58 -2.28 -40.31
N SER D 128 -46.14 -2.41 -39.06
CA SER D 128 -45.16 -3.42 -38.65
C SER D 128 -45.59 -4.83 -39.04
N GLY D 129 -44.84 -5.44 -39.94
CA GLY D 129 -45.18 -6.78 -40.45
C GLY D 129 -45.87 -6.70 -41.80
N GLY D 130 -46.26 -5.50 -42.20
CA GLY D 130 -46.90 -5.32 -43.51
C GLY D 130 -45.84 -5.24 -44.60
N ASN D 131 -46.23 -5.60 -45.82
CA ASN D 131 -45.32 -5.54 -46.97
C ASN D 131 -46.05 -4.89 -48.14
N LYS D 132 -45.29 -4.36 -49.10
CA LYS D 132 -45.88 -3.65 -50.24
C LYS D 132 -46.89 -4.50 -51.01
N GLU D 133 -46.58 -5.79 -51.17
CA GLU D 133 -47.47 -6.71 -51.89
C GLU D 133 -48.83 -6.76 -51.20
N GLY D 134 -48.82 -6.77 -49.87
CA GLY D 134 -50.05 -6.77 -49.07
C GLY D 134 -50.90 -5.58 -49.42
N LEU D 135 -50.29 -4.39 -49.36
CA LEU D 135 -50.97 -3.15 -49.69
C LEU D 135 -51.58 -3.11 -51.08
N ALA D 136 -51.06 -3.91 -52.00
CA ALA D 136 -51.56 -3.98 -53.40
C ALA D 136 -52.40 -5.22 -53.66
N GLY D 137 -52.61 -6.06 -52.65
CA GLY D 137 -53.41 -7.27 -52.77
C GLY D 137 -52.78 -8.35 -53.63
N GLU D 138 -51.45 -8.51 -53.49
CA GLU D 138 -50.67 -9.49 -54.25
C GLU D 138 -50.08 -10.53 -53.33
N PRO D 139 -49.94 -11.79 -53.80
CA PRO D 139 -49.25 -12.72 -52.91
C PRO D 139 -47.83 -12.23 -52.63
N GLY D 140 -47.28 -12.66 -51.50
CA GLY D 140 -45.95 -12.27 -51.11
C GLY D 140 -44.87 -12.77 -52.05
N ILE D 141 -43.64 -12.39 -51.76
CA ILE D 141 -42.50 -12.82 -52.59
C ILE D 141 -42.07 -14.23 -52.21
N ALA D 142 -42.31 -14.60 -50.95
CA ALA D 142 -42.03 -15.94 -50.44
C ALA D 142 -43.28 -16.40 -49.69
N PRO D 143 -43.70 -17.67 -49.86
CA PRO D 143 -44.90 -18.21 -49.21
C PRO D 143 -45.16 -17.81 -47.76
N LYS D 144 -44.11 -17.66 -46.96
CA LYS D 144 -44.21 -17.26 -45.56
C LYS D 144 -44.28 -15.74 -45.41
N LEU D 145 -43.65 -15.02 -46.32
CA LEU D 145 -43.64 -13.55 -46.30
C LEU D 145 -44.94 -12.90 -46.81
N ASN D 146 -46.04 -13.66 -46.82
CA ASN D 146 -47.31 -13.12 -47.26
C ASN D 146 -47.90 -12.31 -46.12
N ASP D 147 -48.72 -11.33 -46.50
CA ASP D 147 -49.46 -10.51 -45.57
C ASP D 147 -50.87 -11.04 -45.86
N ARG D 148 -51.90 -10.51 -45.20
CA ARG D 148 -53.27 -10.91 -45.48
C ARG D 148 -53.72 -10.07 -46.66
N TYR D 149 -53.18 -10.39 -47.84
CA TYR D 149 -53.44 -9.63 -49.06
C TYR D 149 -54.89 -9.68 -49.57
N LYS D 150 -55.66 -10.66 -49.10
CA LYS D 150 -57.07 -10.78 -49.47
C LYS D 150 -58.01 -9.90 -48.63
N ASP D 151 -57.52 -9.41 -47.49
CA ASP D 151 -58.34 -8.65 -46.54
C ASP D 151 -58.38 -7.14 -46.88
N PRO D 152 -59.53 -6.63 -47.35
CA PRO D 152 -59.59 -5.19 -47.68
C PRO D 152 -59.38 -4.21 -46.50
N LYS D 153 -59.26 -4.72 -45.27
CA LYS D 153 -58.96 -3.86 -44.12
C LYS D 153 -57.54 -3.33 -44.14
N LEU D 154 -56.66 -4.00 -44.89
CA LEU D 154 -55.25 -3.64 -44.95
C LEU D 154 -54.67 -3.29 -46.33
N THR D 155 -55.40 -3.60 -47.40
CA THR D 155 -54.91 -3.41 -48.77
C THR D 155 -55.04 -1.98 -49.32
N GLN D 156 -54.30 -1.05 -48.72
CA GLN D 156 -54.36 0.38 -49.07
C GLN D 156 -54.31 0.74 -50.55
N ALA D 157 -53.28 0.27 -51.23
CA ALA D 157 -53.03 0.60 -52.63
C ALA D 157 -54.07 -0.01 -53.55
N LEU D 158 -54.42 -1.28 -53.31
CA LEU D 158 -55.48 -1.94 -54.08
C LEU D 158 -56.75 -1.12 -54.00
N ASN D 159 -57.18 -0.79 -52.79
CA ASN D 159 -58.39 0.01 -52.57
C ASN D 159 -58.33 1.37 -53.26
N PHE D 160 -57.16 2.01 -53.20
CA PHE D 160 -57.00 3.33 -53.84
C PHE D 160 -56.94 3.28 -55.36
N VAL D 161 -56.39 2.21 -55.94
CA VAL D 161 -56.37 2.09 -57.42
C VAL D 161 -57.79 1.98 -57.96
N LYS D 162 -58.67 1.30 -57.21
CA LYS D 162 -60.08 1.12 -57.61
C LYS D 162 -60.87 2.44 -57.60
N GLU D 163 -60.39 3.40 -56.81
CA GLU D 163 -61.00 4.72 -56.75
C GLU D 163 -60.60 5.66 -57.89
N GLY D 164 -59.70 5.23 -58.77
CA GLY D 164 -59.27 6.05 -59.89
C GLY D 164 -58.00 6.86 -59.67
N TYR D 165 -57.24 6.54 -58.61
CA TYR D 165 -55.97 7.22 -58.29
C TYR D 165 -54.86 6.20 -58.50
N ILE D 166 -53.65 6.62 -58.89
CA ILE D 166 -52.58 5.64 -58.95
C ILE D 166 -52.11 5.45 -57.51
N ALA D 167 -51.62 4.26 -57.19
CA ALA D 167 -51.23 3.97 -55.82
C ALA D 167 -49.82 3.43 -55.82
N VAL D 168 -49.00 3.95 -54.91
CA VAL D 168 -47.61 3.51 -54.75
C VAL D 168 -47.52 2.82 -53.41
N ALA D 169 -46.97 1.60 -53.40
CA ALA D 169 -46.80 0.82 -52.18
C ALA D 169 -45.31 0.65 -51.92
N VAL D 170 -44.86 0.89 -50.69
CA VAL D 170 -43.43 0.74 -50.33
C VAL D 170 -43.26 -0.30 -49.22
N ASP D 171 -42.02 -0.66 -48.95
CA ASP D 171 -41.71 -1.59 -47.87
C ASP D 171 -41.11 -0.81 -46.73
N ASN D 172 -41.08 -1.45 -45.57
CA ASN D 172 -40.48 -0.90 -44.37
C ASN D 172 -39.15 -1.65 -44.25
N PRO D 173 -38.04 -0.92 -44.03
CA PRO D 173 -36.76 -1.59 -43.90
C PRO D 173 -36.77 -2.87 -43.04
N ALA D 174 -36.09 -3.90 -43.54
CA ALA D 174 -35.97 -5.17 -42.83
C ALA D 174 -37.17 -6.12 -43.02
N ALA D 175 -38.26 -5.63 -43.63
CA ALA D 175 -39.48 -6.41 -43.84
C ALA D 175 -39.83 -6.62 -45.32
N GLY D 176 -40.46 -7.75 -45.61
CA GLY D 176 -40.89 -8.11 -46.96
C GLY D 176 -39.73 -8.51 -47.85
N GLU D 177 -39.64 -7.87 -49.02
CA GLU D 177 -38.57 -8.12 -49.97
C GLU D 177 -37.23 -7.60 -49.42
N ALA D 178 -37.31 -6.69 -48.47
CA ALA D 178 -36.14 -6.12 -47.80
C ALA D 178 -35.72 -6.92 -46.58
N SER D 179 -36.36 -8.07 -46.36
CA SER D 179 -36.07 -8.94 -45.22
C SER D 179 -34.78 -9.71 -45.45
N ASP D 180 -34.38 -10.47 -44.43
CA ASP D 180 -33.15 -11.23 -44.46
C ASP D 180 -33.48 -12.72 -44.64
N LEU D 181 -33.41 -13.54 -43.60
CA LEU D 181 -33.69 -14.98 -43.78
C LEU D 181 -35.05 -15.42 -43.20
N GLU D 182 -35.95 -14.47 -42.97
CA GLU D 182 -37.25 -14.79 -42.38
C GLU D 182 -38.07 -15.74 -43.26
N ARG D 183 -37.94 -15.58 -44.57
CA ARG D 183 -38.66 -16.40 -45.56
C ARG D 183 -38.41 -17.90 -45.49
N TYR D 184 -37.30 -18.29 -44.86
CA TYR D 184 -36.94 -19.69 -44.65
C TYR D 184 -37.35 -20.12 -43.24
N THR D 185 -37.67 -19.14 -42.39
CA THR D 185 -37.99 -19.37 -41.00
C THR D 185 -39.30 -18.70 -40.50
N LEU D 186 -39.18 -17.55 -39.81
CA LEU D 186 -40.30 -16.90 -39.10
C LEU D 186 -41.32 -15.99 -39.86
N GLY D 187 -41.23 -15.94 -41.19
CA GLY D 187 -42.19 -15.17 -42.00
C GLY D 187 -42.33 -13.68 -41.73
N SER D 188 -43.41 -13.29 -41.06
CA SER D 188 -43.71 -11.87 -40.78
C SER D 188 -43.10 -11.29 -39.48
N ASN D 189 -42.29 -12.09 -38.77
CA ASN D 189 -41.62 -11.62 -37.55
C ASN D 189 -40.18 -11.19 -37.88
N TYR D 190 -40.06 -9.95 -38.35
CA TYR D 190 -38.80 -9.40 -38.85
C TYR D 190 -37.89 -8.81 -37.78
N ASP D 191 -36.58 -8.85 -38.03
CA ASP D 191 -35.64 -8.28 -37.08
C ASP D 191 -35.35 -6.82 -37.46
N TYR D 192 -36.26 -5.96 -37.03
CA TYR D 192 -36.16 -4.54 -37.27
C TYR D 192 -35.15 -3.91 -36.32
N ASP D 193 -34.98 -4.55 -35.15
CA ASP D 193 -34.10 -4.05 -34.12
C ASP D 193 -32.62 -4.23 -34.44
N VAL D 194 -32.25 -5.33 -35.10
CA VAL D 194 -30.83 -5.54 -35.41
C VAL D 194 -30.41 -4.59 -36.55
N VAL D 195 -31.29 -4.36 -37.52
CA VAL D 195 -31.02 -3.39 -38.60
C VAL D 195 -30.95 -1.98 -38.00
N SER D 196 -31.83 -1.68 -37.04
CA SER D 196 -31.82 -0.40 -36.35
C SER D 196 -30.50 -0.17 -35.62
N ARG D 197 -30.02 -1.21 -34.93
CA ARG D 197 -28.76 -1.17 -34.19
C ARG D 197 -27.60 -0.74 -35.09
N TYR D 198 -27.45 -1.39 -36.23
CA TYR D 198 -26.41 -0.99 -37.17
C TYR D 198 -26.49 0.50 -37.48
N LEU D 199 -27.67 0.98 -37.86
CA LEU D 199 -27.88 2.39 -38.20
C LEU D 199 -27.52 3.32 -37.06
N LEU D 200 -27.93 2.92 -35.85
CA LEU D 200 -27.67 3.67 -34.64
C LEU D 200 -26.20 3.81 -34.32
N GLU D 201 -25.45 2.71 -34.48
CA GLU D 201 -24.00 2.70 -34.27
C GLU D 201 -23.34 3.77 -35.13
N LEU D 202 -23.82 3.90 -36.35
CA LEU D 202 -23.29 4.84 -37.34
C LEU D 202 -23.89 6.25 -37.30
N GLY D 203 -24.61 6.60 -36.25
CA GLY D 203 -25.16 7.93 -36.10
C GLY D 203 -26.50 8.18 -36.75
N TRP D 204 -27.14 7.12 -37.26
CA TRP D 204 -28.40 7.24 -37.94
C TRP D 204 -29.49 6.56 -37.10
N SER D 205 -30.58 6.15 -37.76
CA SER D 205 -31.70 5.54 -37.07
C SER D 205 -32.54 4.81 -38.08
N TYR D 206 -33.38 3.90 -37.61
CA TYR D 206 -34.29 3.18 -38.46
C TYR D 206 -35.19 4.16 -39.21
N LEU D 207 -35.81 5.04 -38.46
CA LEU D 207 -36.74 5.99 -39.05
C LEU D 207 -36.13 6.96 -40.06
N GLY D 208 -34.86 7.30 -39.86
CA GLY D 208 -34.15 8.18 -40.81
C GLY D 208 -33.85 7.47 -42.10
N TYR D 209 -33.44 6.20 -41.97
CA TYR D 209 -33.11 5.35 -43.10
C TYR D 209 -34.38 5.00 -43.89
N ALA D 210 -35.47 4.72 -43.17
CA ALA D 210 -36.76 4.37 -43.76
C ALA D 210 -37.37 5.55 -44.52
N SER D 211 -37.31 6.73 -43.90
CA SER D 211 -37.83 7.96 -44.48
C SER D 211 -36.97 8.50 -45.62
N TYR D 212 -35.68 8.20 -45.62
CA TYR D 212 -34.83 8.65 -46.72
C TYR D 212 -35.20 7.86 -47.96
N LEU D 213 -35.53 6.59 -47.75
CA LEU D 213 -35.94 5.73 -48.86
C LEU D 213 -37.25 6.20 -49.43
N ASP D 214 -38.27 6.35 -48.58
CA ASP D 214 -39.57 6.79 -49.08
C ASP D 214 -39.48 8.15 -49.75
N MSE D 215 -38.55 9.00 -49.31
CA MSE D 215 -38.38 10.33 -49.91
C MSE D 215 -37.95 10.16 -51.37
O MSE D 215 -38.49 10.84 -52.26
CB MSE D 215 -37.33 11.16 -49.17
CG MSE D 215 -37.20 12.61 -49.67
SE MSE D 215 -38.81 13.69 -49.35
CE MSE D 215 -38.26 15.35 -50.21
N GLN D 216 -36.98 9.29 -51.60
CA GLN D 216 -36.57 9.04 -52.98
C GLN D 216 -37.80 8.66 -53.82
N VAL D 217 -38.53 7.63 -53.39
CA VAL D 217 -39.74 7.21 -54.11
C VAL D 217 -40.65 8.41 -54.39
N LEU D 218 -40.91 9.23 -53.36
CA LEU D 218 -41.74 10.42 -53.53
C LEU D 218 -41.19 11.39 -54.58
N ASN D 219 -39.89 11.63 -54.59
CA ASN D 219 -39.27 12.49 -55.62
C ASN D 219 -39.38 11.87 -57.03
N TRP D 220 -39.53 10.54 -57.11
CA TRP D 220 -39.76 9.85 -58.39
C TRP D 220 -41.20 10.12 -58.85
N MSE D 221 -42.13 10.15 -57.90
CA MSE D 221 -43.54 10.42 -58.21
C MSE D 221 -43.76 11.78 -58.86
O MSE D 221 -44.68 11.96 -59.65
CB MSE D 221 -44.40 10.26 -56.94
CG MSE D 221 -44.45 8.82 -56.41
SE MSE D 221 -45.34 8.63 -54.70
CE MSE D 221 -47.07 9.34 -55.20
N LYS D 222 -42.90 12.75 -58.54
CA LYS D 222 -42.99 14.08 -59.15
C LYS D 222 -42.48 14.13 -60.60
N THR D 223 -41.69 13.14 -61.01
CA THR D 223 -41.15 13.07 -62.37
C THR D 223 -42.02 12.25 -63.34
N GLN D 224 -43.19 11.76 -62.88
CA GLN D 224 -44.12 11.00 -63.73
C GLN D 224 -45.13 11.92 -64.38
N LYS D 225 -45.53 11.59 -65.61
CA LYS D 225 -46.47 12.42 -66.37
C LYS D 225 -47.94 12.21 -65.98
N HIS D 226 -48.30 10.99 -65.59
CA HIS D 226 -49.68 10.67 -65.19
C HIS D 226 -49.98 10.93 -63.71
N ILE D 227 -49.01 11.50 -62.98
CA ILE D 227 -49.22 11.81 -61.57
C ILE D 227 -49.41 13.32 -61.43
N ARG D 228 -50.53 13.71 -60.82
CA ARG D 228 -50.81 15.11 -60.62
C ARG D 228 -49.98 15.57 -59.44
N LYS D 229 -48.90 16.26 -59.77
CA LYS D 229 -47.85 16.75 -58.87
C LYS D 229 -48.35 17.41 -57.59
N ASP D 230 -49.40 18.22 -57.69
CA ASP D 230 -49.93 18.94 -56.55
C ASP D 230 -51.09 18.24 -55.83
N ARG D 231 -51.32 16.96 -56.10
CA ARG D 231 -52.35 16.16 -55.44
C ARG D 231 -51.80 14.79 -55.04
N ILE D 232 -50.62 14.81 -54.43
CA ILE D 232 -49.97 13.60 -53.96
C ILE D 232 -50.30 13.46 -52.49
N VAL D 233 -50.96 12.36 -52.13
CA VAL D 233 -51.33 12.08 -50.74
C VAL D 233 -50.41 10.99 -50.16
N VAL D 234 -49.98 11.14 -48.92
CA VAL D 234 -49.13 10.15 -48.25
C VAL D 234 -49.96 9.50 -47.15
N SER D 235 -50.08 8.17 -47.21
CA SER D 235 -50.91 7.42 -46.27
C SER D 235 -50.09 6.43 -45.48
N GLY D 236 -50.21 6.48 -44.15
CA GLY D 236 -49.45 5.59 -43.28
C GLY D 236 -50.28 4.80 -42.30
N PHE D 237 -50.06 3.49 -42.22
CA PHE D 237 -50.77 2.64 -41.26
C PHE D 237 -49.84 2.21 -40.15
N SER D 238 -50.28 2.39 -38.89
CA SER D 238 -49.50 2.01 -37.69
C SER D 238 -48.07 2.54 -37.86
N LEU D 239 -47.04 1.69 -37.77
CA LEU D 239 -45.64 2.11 -37.99
C LEU D 239 -45.49 3.10 -39.16
N GLY D 240 -46.25 2.87 -40.23
CA GLY D 240 -46.24 3.76 -41.41
C GLY D 240 -46.53 5.23 -41.16
N THR D 241 -47.17 5.56 -40.05
CA THR D 241 -47.43 6.95 -39.73
C THR D 241 -46.15 7.77 -39.42
N GLU D 242 -45.07 7.09 -39.05
CA GLU D 242 -43.82 7.79 -38.72
C GLU D 242 -43.13 8.35 -39.97
N PRO D 243 -42.82 7.51 -40.98
CA PRO D 243 -42.24 8.11 -42.19
C PRO D 243 -43.17 9.10 -42.87
N MSE D 244 -44.48 8.90 -42.74
CA MSE D 244 -45.49 9.85 -43.25
C MSE D 244 -45.22 11.23 -42.65
O MSE D 244 -45.23 12.24 -43.35
CB MSE D 244 -46.90 9.41 -42.86
CG MSE D 244 -48.04 10.16 -43.54
SE MSE D 244 -49.46 10.57 -42.32
CE MSE D 244 -48.58 12.00 -41.36
N MSE D 245 -45.00 11.27 -41.33
CA MSE D 245 -44.69 12.51 -40.62
C MSE D 245 -43.36 13.15 -41.00
O MSE D 245 -43.24 14.38 -41.05
CB MSE D 245 -44.64 12.30 -39.10
CG MSE D 245 -45.97 12.28 -38.40
SE MSE D 245 -45.66 12.28 -36.47
CE MSE D 245 -45.21 10.41 -36.26
N VAL D 246 -42.35 12.32 -41.22
CA VAL D 246 -41.05 12.84 -41.61
C VAL D 246 -41.17 13.41 -43.00
N LEU D 247 -41.75 12.66 -43.93
CA LEU D 247 -41.92 13.15 -45.30
C LEU D 247 -42.71 14.45 -45.31
N GLY D 248 -43.92 14.41 -44.74
CA GLY D 248 -44.79 15.58 -44.67
C GLY D 248 -44.09 16.81 -44.14
N THR D 249 -43.25 16.63 -43.13
CA THR D 249 -42.52 17.70 -42.50
C THR D 249 -41.47 18.31 -43.42
N LEU D 250 -40.62 17.45 -43.97
CA LEU D 250 -39.54 17.88 -44.85
C LEU D 250 -40.00 18.33 -46.23
N ASP D 251 -41.09 17.75 -46.73
CA ASP D 251 -41.63 18.08 -48.05
C ASP D 251 -43.00 18.80 -47.94
N THR D 252 -42.96 20.12 -48.08
CA THR D 252 -44.15 20.97 -47.99
C THR D 252 -45.11 20.90 -49.19
N SER D 253 -44.64 20.35 -50.32
CA SER D 253 -45.47 20.20 -51.52
C SER D 253 -46.47 19.03 -51.46
N ILE D 254 -46.39 18.19 -50.42
CA ILE D 254 -47.33 17.08 -50.25
C ILE D 254 -48.71 17.71 -50.07
N TYR D 255 -49.72 17.11 -50.70
CA TYR D 255 -51.08 17.66 -50.68
C TYR D 255 -51.94 17.32 -49.45
N ALA D 256 -51.92 16.05 -49.04
CA ALA D 256 -52.71 15.61 -47.88
C ALA D 256 -52.12 14.35 -47.22
N PHE D 257 -52.65 14.00 -46.06
CA PHE D 257 -52.12 12.89 -45.26
C PHE D 257 -53.20 12.00 -44.67
N VAL D 258 -52.89 10.71 -44.55
CA VAL D 258 -53.80 9.76 -43.92
C VAL D 258 -53.06 9.20 -42.72
N TYR D 259 -53.46 9.64 -41.53
CA TYR D 259 -52.83 9.20 -40.32
C TYR D 259 -53.64 8.08 -39.65
N ASN D 260 -53.37 6.83 -40.04
CA ASN D 260 -54.09 5.70 -39.46
C ASN D 260 -53.34 5.04 -38.31
N ASP D 261 -53.42 5.68 -37.15
CA ASP D 261 -52.85 5.18 -35.91
C ASP D 261 -53.31 6.17 -34.88
N PHE D 262 -53.31 5.80 -33.62
CA PHE D 262 -53.72 6.77 -32.60
C PHE D 262 -52.59 7.80 -32.48
N LEU D 263 -52.93 9.06 -32.32
CA LEU D 263 -51.92 10.11 -32.20
C LEU D 263 -51.32 9.97 -30.81
N CYS D 264 -50.03 9.62 -30.75
CA CYS D 264 -49.35 9.36 -29.49
C CYS D 264 -48.33 10.41 -29.07
N GLN D 265 -48.34 10.76 -27.79
CA GLN D 265 -47.32 11.63 -27.21
C GLN D 265 -46.40 10.56 -26.62
N THR D 266 -45.43 10.12 -27.43
CA THR D 266 -44.52 9.03 -27.08
C THR D 266 -43.62 9.30 -25.85
N GLN D 267 -43.18 10.55 -25.65
CA GLN D 267 -42.35 10.90 -24.48
C GLN D 267 -43.13 10.63 -23.20
N GLU D 268 -44.34 11.19 -23.12
CA GLU D 268 -45.18 10.98 -21.94
C GLU D 268 -45.43 9.50 -21.68
N ARG D 269 -45.75 8.74 -22.72
CA ARG D 269 -46.00 7.30 -22.57
C ARG D 269 -44.86 6.61 -21.82
N ALA D 270 -43.62 6.87 -22.24
CA ALA D 270 -42.43 6.29 -21.61
C ALA D 270 -42.30 6.63 -20.12
N GLU D 271 -42.75 7.84 -19.76
CA GLU D 271 -42.76 8.36 -18.40
C GLU D 271 -43.84 7.72 -17.52
N VAL D 272 -45.04 7.58 -18.08
CA VAL D 272 -46.19 7.04 -17.36
C VAL D 272 -46.28 5.52 -17.36
N MSE D 273 -45.72 4.85 -18.37
CA MSE D 273 -45.75 3.40 -18.41
C MSE D 273 -44.56 2.87 -17.64
O MSE D 273 -43.48 2.62 -18.21
CB MSE D 273 -45.75 2.88 -19.85
CG MSE D 273 -46.01 1.39 -19.96
SE MSE D 273 -46.27 0.83 -21.81
CE MSE D 273 -47.72 2.04 -22.23
N THR D 274 -44.74 2.74 -16.34
CA THR D 274 -43.67 2.31 -15.44
C THR D 274 -44.12 1.25 -14.44
N MSE D 275 -45.26 0.58 -14.70
CA MSE D 275 -45.73 -0.46 -13.79
C MSE D 275 -44.77 -1.63 -13.97
O MSE D 275 -44.65 -2.16 -15.08
CB MSE D 275 -47.14 -0.94 -14.15
CG MSE D 275 -47.67 -2.08 -13.28
SE MSE D 275 -48.25 -1.50 -11.55
CE MSE D 275 -49.85 -0.54 -12.13
N PRO D 276 -44.08 -2.04 -12.89
CA PRO D 276 -43.17 -3.14 -13.10
C PRO D 276 -43.92 -4.44 -13.30
N ASP D 277 -43.41 -5.28 -14.19
CA ASP D 277 -44.01 -6.59 -14.43
C ASP D 277 -43.60 -7.53 -13.31
N LYS D 278 -44.06 -8.77 -13.39
CA LYS D 278 -43.79 -9.82 -12.39
C LYS D 278 -42.30 -9.96 -11.97
N ASN D 279 -41.38 -9.78 -12.90
CA ASN D 279 -39.94 -9.92 -12.63
C ASN D 279 -39.27 -8.62 -12.13
N GLY D 280 -40.03 -7.54 -12.00
CA GLY D 280 -39.49 -6.26 -11.56
C GLY D 280 -39.12 -5.33 -12.70
N ARG D 281 -39.18 -5.84 -13.93
CA ARG D 281 -38.85 -5.10 -15.14
C ARG D 281 -39.96 -4.10 -15.51
N ARG D 282 -39.55 -2.95 -16.02
CA ARG D 282 -40.44 -1.90 -16.51
C ARG D 282 -40.12 -1.83 -18.01
N PRO D 283 -40.88 -2.58 -18.85
CA PRO D 283 -40.56 -2.62 -20.27
C PRO D 283 -40.81 -1.30 -20.98
N PHE D 284 -39.83 -0.83 -21.75
CA PHE D 284 -39.99 0.43 -22.45
C PHE D 284 -41.20 0.26 -23.39
N PRO D 285 -41.91 1.37 -23.72
CA PRO D 285 -43.11 1.12 -24.55
C PRO D 285 -42.90 0.33 -25.84
N ASN D 286 -41.94 0.75 -26.68
CA ASN D 286 -41.67 0.05 -27.96
CA ASN D 286 -41.66 0.08 -27.97
C ASN D 286 -40.17 -0.23 -28.11
N SER D 287 -39.75 -0.77 -29.26
CA SER D 287 -38.36 -1.14 -29.50
C SER D 287 -37.51 -0.06 -30.18
N ILE D 288 -36.21 -0.31 -30.24
CA ILE D 288 -35.24 0.63 -30.81
C ILE D 288 -35.52 1.00 -32.25
N ARG D 289 -36.36 0.22 -32.94
CA ARG D 289 -36.88 0.58 -34.26
C ARG D 289 -37.48 1.99 -34.19
N HIS D 290 -37.96 2.37 -33.00
CA HIS D 290 -38.53 3.69 -32.78
C HIS D 290 -37.59 4.67 -32.07
N LEU D 291 -36.29 4.38 -32.04
CA LEU D 291 -35.31 5.26 -31.40
C LEU D 291 -34.68 6.18 -32.43
N ILE D 292 -34.78 7.49 -32.18
CA ILE D 292 -34.18 8.51 -33.01
C ILE D 292 -33.55 9.49 -32.01
N PRO D 293 -32.23 9.34 -31.73
CA PRO D 293 -31.61 10.25 -30.77
C PRO D 293 -31.97 11.73 -30.95
N ASP D 294 -32.24 12.39 -29.82
CA ASP D 294 -32.57 13.82 -29.74
C ASP D 294 -33.93 14.20 -30.33
N PHE D 295 -34.78 13.21 -30.57
CA PHE D 295 -36.11 13.46 -31.10
C PHE D 295 -36.89 14.24 -30.06
N TRP D 296 -36.84 13.78 -28.82
CA TRP D 296 -37.63 14.42 -27.75
C TRP D 296 -37.13 15.76 -27.23
N LYS D 297 -35.92 16.15 -27.60
CA LYS D 297 -35.42 17.46 -27.22
C LYS D 297 -35.98 18.51 -28.18
N ASN D 298 -36.75 18.05 -29.16
CA ASN D 298 -37.34 18.91 -30.17
C ASN D 298 -38.83 18.88 -30.26
N PHE D 299 -39.41 17.69 -30.25
CA PHE D 299 -40.83 17.54 -30.42
C PHE D 299 -41.36 16.15 -30.13
N ASN D 300 -42.69 16.06 -30.13
CA ASN D 300 -43.46 14.83 -29.98
C ASN D 300 -44.46 14.81 -31.17
N PHE D 301 -45.08 13.65 -31.44
CA PHE D 301 -45.92 13.53 -32.64
C PHE D 301 -47.02 14.56 -32.80
N PRO D 302 -47.74 14.92 -31.71
CA PRO D 302 -48.75 15.94 -31.85
C PRO D 302 -48.22 17.29 -32.30
N ASP D 303 -46.94 17.56 -32.03
CA ASP D 303 -46.31 18.80 -32.46
C ASP D 303 -46.10 18.76 -33.97
N ILE D 304 -45.51 17.67 -34.43
CA ILE D 304 -45.15 17.49 -35.84
C ILE D 304 -46.39 17.50 -36.75
N VAL D 305 -47.46 16.85 -36.27
CA VAL D 305 -48.72 16.82 -36.98
C VAL D 305 -49.34 18.22 -37.05
N ALA D 306 -49.28 18.94 -35.94
CA ALA D 306 -49.78 20.30 -35.88
C ALA D 306 -49.03 21.17 -36.89
N ALA D 307 -47.73 20.92 -37.03
CA ALA D 307 -46.89 21.66 -37.96
C ALA D 307 -47.12 21.32 -39.46
N LEU D 308 -47.99 20.35 -39.77
CA LEU D 308 -48.32 20.03 -41.17
C LEU D 308 -49.36 21.00 -41.76
N ALA D 309 -50.06 21.73 -40.89
CA ALA D 309 -51.09 22.69 -41.31
C ALA D 309 -50.52 23.75 -42.27
N PRO D 310 -51.38 24.31 -43.15
CA PRO D 310 -52.82 24.13 -43.35
C PRO D 310 -53.24 22.92 -44.20
N ARG D 311 -52.31 22.02 -44.50
CA ARG D 311 -52.59 20.90 -45.39
C ARG D 311 -53.61 19.89 -44.84
N PRO D 312 -54.57 19.42 -45.66
CA PRO D 312 -55.55 18.46 -45.17
C PRO D 312 -54.98 17.16 -44.61
N ILE D 313 -55.55 16.69 -43.50
CA ILE D 313 -55.11 15.45 -42.85
C ILE D 313 -56.28 14.79 -42.15
N ILE D 314 -56.31 13.46 -42.15
CA ILE D 314 -57.33 12.71 -41.41
C ILE D 314 -56.65 11.82 -40.36
N LEU D 315 -57.08 11.92 -39.09
CA LEU D 315 -56.62 11.06 -38.01
C LEU D 315 -57.79 10.13 -37.70
N THR D 316 -57.67 8.87 -38.08
CA THR D 316 -58.76 7.89 -38.02
C THR D 316 -58.86 6.95 -36.81
N GLU D 317 -57.90 6.99 -35.87
CA GLU D 317 -57.93 6.08 -34.73
C GLU D 317 -57.69 6.68 -33.33
N GLY D 318 -58.35 7.80 -33.05
CA GLY D 318 -58.30 8.40 -31.73
C GLY D 318 -56.94 8.80 -31.18
N GLY D 319 -56.86 8.77 -29.86
CA GLY D 319 -55.68 9.22 -29.11
C GLY D 319 -56.27 9.99 -27.96
N LEU D 320 -55.47 10.72 -27.21
CA LEU D 320 -55.98 11.51 -26.08
C LEU D 320 -56.64 12.74 -26.70
N ASP D 321 -57.78 13.16 -26.16
CA ASP D 321 -58.47 14.34 -26.68
C ASP D 321 -57.62 15.61 -26.59
N ARG D 322 -56.72 15.66 -25.61
CA ARG D 322 -55.78 16.76 -25.46
C ARG D 322 -54.95 16.90 -26.74
N ASP D 323 -54.39 15.79 -27.21
CA ASP D 323 -53.52 15.80 -28.39
C ASP D 323 -54.26 16.00 -29.71
N LEU D 324 -55.48 15.48 -29.80
CA LEU D 324 -56.32 15.68 -30.98
C LEU D 324 -56.78 17.13 -31.01
N ASP D 325 -57.21 17.66 -29.87
CA ASP D 325 -57.62 19.05 -29.75
C ASP D 325 -56.45 20.04 -29.93
N LEU D 326 -55.23 19.58 -29.69
CA LEU D 326 -54.05 20.41 -29.94
C LEU D 326 -53.87 20.62 -31.44
N VAL D 327 -54.09 19.56 -32.23
CA VAL D 327 -53.96 19.62 -33.68
C VAL D 327 -55.04 20.53 -34.27
N ARG D 328 -56.28 20.34 -33.82
CA ARG D 328 -57.40 21.18 -34.23
C ARG D 328 -57.12 22.66 -34.04
N LYS D 329 -56.45 23.00 -32.96
CA LYS D 329 -56.10 24.38 -32.66
C LYS D 329 -55.04 24.88 -33.62
N ALA D 330 -54.10 24.01 -33.99
CA ALA D 330 -53.06 24.38 -34.92
C ALA D 330 -53.71 24.87 -36.21
N TYR D 331 -54.59 24.02 -36.75
CA TYR D 331 -55.33 24.33 -37.97
C TYR D 331 -56.20 25.56 -37.88
N ALA D 332 -56.78 25.79 -36.70
CA ALA D 332 -57.60 26.97 -36.48
C ALA D 332 -56.74 28.24 -36.49
N ILE D 333 -55.49 28.14 -36.07
CA ILE D 333 -54.58 29.30 -36.03
C ILE D 333 -54.17 29.81 -37.42
N VAL D 334 -53.95 28.89 -38.36
CA VAL D 334 -53.57 29.25 -39.75
C VAL D 334 -54.75 29.67 -40.64
N GLY D 335 -55.96 29.70 -40.06
CA GLY D 335 -57.15 30.10 -40.80
C GLY D 335 -57.84 29.00 -41.58
N THR D 336 -57.51 27.74 -41.29
CA THR D 336 -58.14 26.61 -41.97
C THR D 336 -58.56 25.51 -40.97
N PRO D 337 -59.46 25.86 -40.01
CA PRO D 337 -59.88 24.89 -38.99
C PRO D 337 -60.55 23.61 -39.48
N ASP D 338 -61.17 23.61 -40.66
CA ASP D 338 -61.81 22.39 -41.21
C ASP D 338 -60.95 21.63 -42.24
N ASN D 339 -59.62 21.65 -42.09
CA ASN D 339 -58.74 20.82 -42.91
C ASN D 339 -58.25 19.59 -42.14
N VAL D 340 -58.56 19.52 -40.84
CA VAL D 340 -58.19 18.34 -40.04
C VAL D 340 -59.46 17.49 -39.84
N LYS D 341 -59.34 16.17 -40.00
CA LYS D 341 -60.49 15.30 -39.83
C LYS D 341 -60.17 14.23 -38.78
N ILE D 342 -60.88 14.28 -37.66
CA ILE D 342 -60.59 13.38 -36.55
C ILE D 342 -61.74 12.42 -36.22
N TYR D 343 -61.40 11.13 -36.14
CA TYR D 343 -62.34 10.06 -35.82
C TYR D 343 -61.71 9.15 -34.77
N HIS D 344 -62.49 8.83 -33.74
CA HIS D 344 -62.06 7.90 -32.69
C HIS D 344 -62.46 6.50 -33.11
N TYR D 345 -62.03 5.50 -32.33
CA TYR D 345 -62.46 4.14 -32.54
C TYR D 345 -63.94 4.10 -32.19
N LYS D 346 -64.65 3.07 -32.64
CA LYS D 346 -66.07 2.97 -32.35
C LYS D 346 -66.32 2.57 -30.89
N LYS D 347 -65.38 1.88 -30.27
CA LYS D 347 -65.53 1.50 -28.88
C LYS D 347 -65.48 2.75 -27.99
N PHE D 348 -64.71 3.76 -28.40
CA PHE D 348 -64.58 5.01 -27.66
C PHE D 348 -65.20 6.23 -28.34
N SER D 349 -66.16 6.01 -29.22
CA SER D 349 -66.82 7.09 -29.95
C SER D 349 -67.83 7.90 -29.10
N ASP D 350 -68.30 7.33 -27.99
CA ASP D 350 -69.19 8.05 -27.07
C ASP D 350 -68.28 8.81 -26.08
N PRO D 351 -68.44 10.15 -25.96
CA PRO D 351 -67.61 10.97 -25.04
C PRO D 351 -67.49 10.50 -23.58
N ASP D 352 -68.50 9.80 -23.07
CA ASP D 352 -68.46 9.28 -21.70
C ASP D 352 -67.46 8.14 -21.52
N THR D 353 -66.89 7.62 -22.61
CA THR D 353 -65.86 6.59 -22.55
C THR D 353 -64.47 7.21 -22.63
N ARG D 354 -64.40 8.55 -22.69
CA ARG D 354 -63.15 9.29 -22.80
C ARG D 354 -63.05 10.34 -21.69
N LYS D 355 -61.82 10.61 -21.24
CA LYS D 355 -61.57 11.57 -20.16
C LYS D 355 -60.72 12.74 -20.66
N ASN D 356 -61.13 13.97 -20.32
CA ASN D 356 -60.32 15.13 -20.61
C ASN D 356 -59.26 15.15 -19.52
N VAL D 357 -58.00 15.21 -19.89
CA VAL D 357 -56.91 15.32 -18.95
C VAL D 357 -55.81 16.12 -19.66
N GLU D 358 -55.18 17.04 -18.93
CA GLU D 358 -54.09 17.83 -19.48
C GLU D 358 -52.79 17.05 -19.36
N TYR D 359 -52.75 16.09 -18.42
CA TYR D 359 -51.59 15.22 -18.17
C TYR D 359 -52.06 13.82 -17.79
N LEU D 360 -51.43 12.79 -18.35
CA LEU D 360 -51.81 11.40 -18.03
C LEU D 360 -51.28 11.06 -16.65
N PRO D 361 -51.95 10.11 -15.96
CA PRO D 361 -51.46 9.72 -14.65
C PRO D 361 -50.17 8.92 -14.72
N GLU D 362 -49.33 9.08 -13.71
CA GLU D 362 -48.07 8.35 -13.61
C GLU D 362 -48.33 6.96 -13.09
N GLY D 363 -47.34 6.09 -13.29
CA GLY D 363 -47.40 4.73 -12.77
C GLY D 363 -48.42 3.79 -13.36
N LEU D 364 -48.67 3.92 -14.66
CA LEU D 364 -49.60 3.06 -15.37
C LEU D 364 -48.90 1.82 -15.88
N ASP D 365 -49.72 0.85 -16.27
CA ASP D 365 -49.26 -0.32 -16.99
C ASP D 365 -49.74 -0.13 -18.42
N ARG D 366 -49.29 -1.00 -19.31
CA ARG D 366 -49.65 -0.96 -20.73
C ARG D 366 -51.15 -0.92 -21.00
N ASN D 367 -51.88 -1.85 -20.40
CA ASN D 367 -53.31 -1.95 -20.61
C ASN D 367 -54.05 -0.67 -20.22
N GLU D 368 -53.71 -0.15 -19.05
CA GLU D 368 -54.32 1.08 -18.51
C GLU D 368 -53.95 2.30 -19.33
N TYR D 369 -52.74 2.32 -19.91
CA TYR D 369 -52.31 3.40 -20.78
C TYR D 369 -53.15 3.49 -22.06
N PHE D 370 -53.30 2.37 -22.76
CA PHE D 370 -54.08 2.35 -24.01
C PHE D 370 -55.49 2.87 -23.80
N ARG D 371 -56.10 2.51 -22.68
CA ARG D 371 -57.44 2.96 -22.35
C ARG D 371 -57.58 4.45 -22.06
N MSE D 372 -56.53 5.07 -21.51
CA MSE D 372 -56.54 6.51 -21.24
C MSE D 372 -56.42 7.27 -22.56
O MSE D 372 -56.89 8.43 -22.65
CB MSE D 372 -55.42 6.92 -20.29
CG MSE D 372 -55.62 6.64 -18.78
SE MSE D 372 -57.05 7.59 -17.85
CE MSE D 372 -56.91 9.38 -18.60
N VAL D 373 -55.77 6.66 -23.55
CA VAL D 373 -55.64 7.26 -24.88
C VAL D 373 -56.66 6.70 -25.90
N ASN D 374 -57.64 5.94 -25.41
CA ASN D 374 -58.82 5.50 -26.21
C ASN D 374 -58.54 4.62 -27.42
N VAL D 375 -57.59 3.72 -27.25
CA VAL D 375 -57.14 2.82 -28.29
C VAL D 375 -57.76 1.44 -28.10
N ASP D 376 -58.51 1.00 -29.12
CA ASP D 376 -59.18 -0.30 -29.16
C ASP D 376 -58.37 -1.17 -30.11
N GLY D 377 -57.42 -1.93 -29.54
CA GLY D 377 -56.52 -2.79 -30.32
C GLY D 377 -57.19 -3.80 -31.26
N PRO D 378 -58.15 -4.58 -30.75
CA PRO D 378 -58.82 -5.58 -31.60
C PRO D 378 -59.38 -5.08 -32.92
N ASN D 379 -59.74 -3.79 -33.00
CA ASN D 379 -60.25 -3.19 -34.23
C ASN D 379 -59.29 -2.15 -34.82
N HIS D 380 -58.01 -2.46 -34.76
CA HIS D 380 -56.94 -1.62 -35.31
C HIS D 380 -56.61 -2.11 -36.73
N TYR D 381 -56.83 -1.25 -37.74
CA TYR D 381 -56.54 -1.56 -39.15
C TYR D 381 -56.77 -0.31 -39.98
N PHE D 382 -56.44 -0.35 -41.28
CA PHE D 382 -56.63 0.82 -42.13
C PHE D 382 -58.12 1.12 -42.37
N LYS D 383 -58.64 2.15 -41.71
CA LYS D 383 -60.08 2.49 -41.79
C LYS D 383 -60.48 3.06 -43.16
N SER D 384 -60.51 2.20 -44.18
CA SER D 384 -60.87 2.59 -45.54
C SER D 384 -62.26 3.21 -45.64
N GLU D 385 -63.19 2.70 -44.83
CA GLU D 385 -64.56 3.22 -44.77
C GLU D 385 -64.60 4.70 -44.38
N LEU D 386 -63.60 5.15 -43.64
CA LEU D 386 -63.43 6.55 -43.27
C LEU D 386 -62.51 7.28 -44.27
N VAL D 387 -61.43 6.61 -44.67
CA VAL D 387 -60.41 7.24 -45.52
C VAL D 387 -60.82 7.43 -46.98
N VAL D 388 -61.62 6.53 -47.53
CA VAL D 388 -62.05 6.67 -48.94
C VAL D 388 -63.05 7.82 -49.13
N PRO D 389 -64.14 7.86 -48.35
CA PRO D 389 -65.10 8.97 -48.52
C PRO D 389 -64.48 10.36 -48.30
N TRP D 390 -63.51 10.42 -47.39
CA TRP D 390 -62.78 11.66 -47.10
C TRP D 390 -62.04 12.12 -48.36
N LEU D 391 -61.31 11.19 -48.98
CA LEU D 391 -60.58 11.48 -50.21
C LEU D 391 -61.48 11.99 -51.34
N ARG D 392 -62.55 11.26 -51.62
CA ARG D 392 -63.51 11.66 -52.64
C ARG D 392 -63.91 13.14 -52.49
N LYS D 393 -64.31 13.50 -51.28
CA LYS D 393 -64.75 14.88 -50.99
C LYS D 393 -63.60 15.89 -51.03
N LEU D 394 -62.39 15.42 -50.71
CA LEU D 394 -61.19 16.26 -50.77
C LEU D 394 -60.82 16.58 -52.22
N LEU D 395 -61.12 15.67 -53.14
CA LEU D 395 -60.86 15.89 -54.55
C LEU D 395 -62.21 16.10 -55.24
N GLU D 396 -62.79 17.27 -54.98
CA GLU D 396 -64.11 17.67 -55.50
C GLU D 396 -64.39 19.13 -55.11
N GLU D 397 -64.29 19.43 -53.82
CA GLU D 397 -64.50 20.78 -53.30
C GLU D 397 -63.39 21.76 -53.73
N TRP E 7 -30.17 -28.97 29.15
CA TRP E 7 -29.10 -28.59 30.12
C TRP E 7 -28.67 -27.15 29.85
N SER E 8 -27.91 -26.58 30.79
CA SER E 8 -27.41 -25.22 30.63
C SER E 8 -25.90 -25.15 30.93
N PRO E 9 -25.12 -24.55 30.02
CA PRO E 9 -23.70 -24.40 30.31
C PRO E 9 -23.41 -23.47 31.50
N LYS E 10 -24.25 -22.45 31.69
CA LYS E 10 -24.07 -21.48 32.79
C LYS E 10 -24.30 -22.05 34.22
N ASP E 11 -24.95 -23.22 34.31
CA ASP E 11 -25.11 -23.89 35.58
C ASP E 11 -23.89 -24.77 35.91
N HIS E 12 -23.04 -25.06 34.91
CA HIS E 12 -21.87 -25.95 35.10
C HIS E 12 -20.49 -25.34 34.82
N ASN E 13 -20.40 -24.00 34.78
CA ASN E 13 -19.11 -23.33 34.51
C ASN E 13 -18.11 -23.27 35.68
N LEU E 14 -18.55 -23.69 36.87
CA LEU E 14 -17.73 -23.64 38.07
C LEU E 14 -17.26 -25.06 38.39
N ILE E 15 -16.04 -25.20 38.91
CA ILE E 15 -15.50 -26.50 39.26
C ILE E 15 -15.43 -26.62 40.78
N LYS E 16 -16.58 -26.90 41.39
CA LYS E 16 -16.67 -27.08 42.83
C LYS E 16 -17.15 -28.50 43.09
N SER E 17 -16.94 -28.96 44.31
CA SER E 17 -17.39 -30.30 44.70
C SER E 17 -18.86 -30.28 45.02
N VAL E 18 -19.44 -31.47 45.06
CA VAL E 18 -20.83 -31.66 45.47
C VAL E 18 -20.89 -32.56 46.72
N ARG E 19 -19.75 -32.71 47.40
CA ARG E 19 -19.62 -33.57 48.58
C ARG E 19 -19.14 -32.79 49.78
N GLU E 20 -19.54 -33.25 50.98
CA GLU E 20 -19.11 -32.61 52.23
C GLU E 20 -17.60 -32.67 52.43
N ASP E 21 -16.97 -33.74 51.93
CA ASP E 21 -15.52 -33.92 52.06
C ASP E 21 -14.70 -33.07 51.08
N GLY E 22 -15.37 -32.39 50.14
CA GLY E 22 -14.73 -31.49 49.17
C GLY E 22 -14.08 -32.16 47.97
N ARG E 23 -14.30 -33.46 47.82
CA ARG E 23 -13.66 -34.24 46.76
C ARG E 23 -14.46 -34.20 45.43
N PHE E 24 -13.82 -34.63 44.34
CA PHE E 24 -14.42 -34.61 42.99
C PHE E 24 -14.42 -35.99 42.36
N LEU E 25 -15.58 -36.46 41.86
CA LEU E 25 -15.65 -37.76 41.16
C LEU E 25 -15.05 -37.64 39.78
N SER E 26 -15.33 -36.53 39.10
CA SER E 26 -14.84 -36.31 37.74
C SER E 26 -13.38 -35.94 37.78
N SER E 27 -12.62 -36.51 36.84
CA SER E 27 -11.18 -36.28 36.73
C SER E 27 -10.86 -34.85 36.33
N TYR E 28 -11.76 -34.20 35.59
CA TYR E 28 -11.53 -32.81 35.22
C TYR E 28 -11.46 -31.99 36.50
N GLY E 29 -12.38 -32.25 37.41
CA GLY E 29 -12.40 -31.57 38.70
C GLY E 29 -11.19 -31.92 39.56
N VAL E 30 -10.78 -33.18 39.51
CA VAL E 30 -9.61 -33.65 40.26
C VAL E 30 -8.34 -32.92 39.84
N VAL E 31 -8.12 -32.85 38.52
CA VAL E 31 -6.91 -32.25 37.96
C VAL E 31 -6.99 -30.71 37.93
N HIS E 32 -8.21 -30.16 37.94
CA HIS E 32 -8.40 -28.70 38.04
C HIS E 32 -8.15 -28.29 39.49
N ALA E 33 -8.42 -29.22 40.42
CA ALA E 33 -8.17 -28.98 41.82
C ALA E 33 -6.65 -28.94 42.04
N MSE E 34 -5.95 -29.92 41.48
CA MSE E 34 -4.48 -30.03 41.59
C MSE E 34 -3.75 -28.76 41.16
O MSE E 34 -2.83 -28.32 41.86
CB MSE E 34 -3.96 -31.21 40.77
CG MSE E 34 -4.21 -32.57 41.40
SE MSE E 34 -3.95 -34.01 40.10
CE MSE E 34 -2.15 -33.59 39.53
N LEU E 35 -4.14 -28.21 40.01
CA LEU E 35 -3.52 -27.00 39.48
C LEU E 35 -3.87 -25.81 40.37
N ARG E 36 -5.10 -25.79 40.85
CA ARG E 36 -5.61 -24.75 41.75
C ARG E 36 -4.71 -24.64 43.00
N ASN E 37 -4.27 -25.78 43.52
CA ASN E 37 -3.44 -25.83 44.72
C ASN E 37 -1.94 -25.71 44.45
N THR E 38 -1.53 -25.95 43.21
CA THR E 38 -0.13 -25.85 42.83
C THR E 38 0.37 -24.42 42.98
N GLU E 39 1.36 -24.21 43.85
CA GLU E 39 1.93 -22.88 44.08
C GLU E 39 3.29 -22.81 43.39
N PRO E 40 3.47 -21.84 42.47
CA PRO E 40 4.78 -21.77 41.80
C PRO E 40 5.93 -21.48 42.78
N ARG E 41 6.96 -22.32 42.74
CA ARG E 41 8.11 -22.24 43.64
C ARG E 41 8.85 -20.90 43.56
N TYR E 42 8.88 -20.29 42.37
CA TYR E 42 9.58 -19.02 42.16
C TYR E 42 8.61 -17.91 41.71
N ALA E 43 7.44 -17.88 42.34
CA ALA E 43 6.49 -16.81 42.10
C ALA E 43 7.07 -15.56 42.76
N PHE E 44 6.80 -14.40 42.20
CA PHE E 44 7.30 -13.14 42.75
C PHE E 44 6.52 -12.71 43.99
N HIS E 45 7.26 -12.28 45.01
CA HIS E 45 6.68 -11.73 46.25
C HIS E 45 6.94 -10.22 46.25
N ARG E 46 5.92 -9.41 46.56
CA ARG E 46 6.07 -7.95 46.59
C ARG E 46 6.89 -7.37 47.74
N ASP E 47 7.12 -8.15 48.79
CA ASP E 47 7.88 -7.67 49.97
C ASP E 47 9.34 -8.17 50.01
N PHE E 48 9.93 -8.46 48.85
CA PHE E 48 11.32 -8.88 48.81
C PHE E 48 12.23 -7.67 49.08
N SER E 49 13.30 -7.91 49.83
CA SER E 49 14.31 -6.90 50.04
C SER E 49 15.11 -6.92 48.76
N PRO E 50 16.10 -6.01 48.61
CA PRO E 50 16.92 -6.09 47.40
C PRO E 50 17.77 -7.36 47.29
N LYS E 51 18.28 -7.88 48.41
CA LYS E 51 19.09 -9.10 48.37
C LYS E 51 18.24 -10.32 48.09
N GLU E 52 17.03 -10.36 48.68
CA GLU E 52 16.11 -11.46 48.46
C GLU E 52 15.64 -11.49 47.00
N PHE E 53 15.64 -10.32 46.34
CA PHE E 53 15.26 -10.23 44.92
C PHE E 53 16.32 -10.88 44.05
N ARG E 54 17.58 -10.53 44.28
CA ARG E 54 18.71 -11.09 43.50
C ARG E 54 18.87 -12.60 43.69
N LYS E 55 18.61 -13.08 44.90
CA LYS E 55 18.69 -14.52 45.22
C LYS E 55 17.58 -15.26 44.46
N TRP E 56 16.34 -14.80 44.63
CA TRP E 56 15.18 -15.39 43.94
C TRP E 56 15.35 -15.37 42.42
N GLN E 57 15.86 -14.24 41.90
CA GLN E 57 16.14 -14.06 40.49
C GLN E 57 17.16 -15.09 40.03
N LYS E 58 18.19 -15.32 40.86
CA LYS E 58 19.22 -16.33 40.58
C LYS E 58 18.63 -17.74 40.58
N GLY E 59 17.69 -18.00 41.50
CA GLY E 59 17.03 -19.31 41.58
C GLY E 59 16.02 -19.52 40.46
N LEU E 60 15.36 -18.45 40.02
CA LEU E 60 14.40 -18.53 38.92
C LEU E 60 15.11 -18.97 37.65
N ARG E 61 16.26 -18.32 37.38
CA ARG E 61 17.09 -18.64 36.20
C ARG E 61 17.52 -20.10 36.22
N HIS E 62 17.88 -20.61 37.40
CA HIS E 62 18.29 -22.02 37.52
C HIS E 62 17.15 -22.99 37.20
N ALA E 63 15.93 -22.65 37.62
CA ALA E 63 14.76 -23.52 37.35
C ALA E 63 14.46 -23.56 35.85
N MSE E 64 14.58 -22.40 35.20
CA MSE E 64 14.38 -22.28 33.75
C MSE E 64 15.37 -23.20 33.03
O MSE E 64 15.04 -23.75 31.98
CB MSE E 64 14.58 -20.83 33.29
CG MSE E 64 14.22 -20.55 31.83
SE MSE E 64 12.34 -20.84 31.36
CE MSE E 64 11.52 -19.52 32.53
N GLU E 65 16.57 -23.38 33.56
CA GLU E 65 17.54 -24.29 32.97
C GLU E 65 17.15 -25.75 33.12
N GLU E 66 16.68 -26.14 34.31
CA GLU E 66 16.32 -27.55 34.54
C GLU E 66 15.12 -27.98 33.68
N ILE E 67 14.17 -27.06 33.45
CA ILE E 67 12.95 -27.39 32.69
C ILE E 67 13.06 -27.18 31.18
N MSE E 68 13.97 -26.30 30.74
CA MSE E 68 14.12 -26.10 29.30
C MSE E 68 14.95 -27.23 28.68
O MSE E 68 14.75 -27.54 27.50
CB MSE E 68 14.69 -24.71 28.98
CG MSE E 68 13.67 -23.61 29.24
SE MSE E 68 12.09 -23.84 28.13
CE MSE E 68 10.80 -22.79 29.13
N LYS E 69 15.81 -27.84 29.49
CA LYS E 69 16.66 -28.98 29.09
C LYS E 69 17.53 -28.76 27.86
N PHE E 70 18.35 -27.73 27.91
CA PHE E 70 19.29 -27.41 26.83
C PHE E 70 20.43 -28.44 26.88
N PRO E 71 20.64 -29.20 25.78
CA PRO E 71 21.75 -30.17 25.78
C PRO E 71 23.10 -29.47 25.80
N SER E 76 29.45 -29.62 16.19
CA SER E 76 28.70 -28.36 16.13
C SER E 76 29.41 -27.34 15.23
N PRO E 77 29.31 -27.51 13.89
CA PRO E 77 29.95 -26.59 12.95
C PRO E 77 29.48 -25.13 13.09
N ALA E 78 30.40 -24.19 12.82
CA ALA E 78 30.09 -22.76 12.90
C ALA E 78 29.18 -22.39 11.71
N PRO E 79 28.27 -21.43 11.89
CA PRO E 79 27.36 -21.05 10.81
C PRO E 79 28.04 -20.57 9.52
N VAL E 80 27.28 -20.59 8.43
CA VAL E 80 27.79 -20.13 7.13
C VAL E 80 26.73 -19.30 6.43
N CYS E 81 27.19 -18.36 5.61
CA CYS E 81 26.32 -17.47 4.86
C CYS E 81 26.04 -18.07 3.48
N ILE E 82 24.75 -18.27 3.16
CA ILE E 82 24.31 -18.84 1.89
C ILE E 82 23.77 -17.80 0.87
N LYS E 83 23.50 -16.58 1.32
CA LYS E 83 23.05 -15.49 0.44
C LYS E 83 23.47 -14.10 0.93
N ARG E 84 23.78 -13.22 -0.01
CA ARG E 84 24.11 -11.82 0.26
C ARG E 84 23.51 -11.01 -0.87
N GLU E 85 22.47 -10.25 -0.55
CA GLU E 85 21.77 -9.43 -1.53
C GLU E 85 21.59 -7.99 -1.07
N GLN E 86 21.81 -7.07 -1.99
CA GLN E 86 21.64 -5.65 -1.70
C GLN E 86 20.14 -5.34 -1.72
N ARG E 87 19.77 -4.31 -0.96
CA ARG E 87 18.40 -3.81 -0.90
C ARG E 87 18.61 -2.30 -0.84
N GLU E 88 17.54 -1.51 -0.86
CA GLU E 88 17.67 -0.04 -0.84
C GLU E 88 18.16 0.49 0.53
N GLY E 89 19.47 0.70 0.67
CA GLY E 89 20.08 1.23 1.91
C GLY E 89 20.60 0.23 2.93
N TYR E 90 20.40 -1.06 2.67
CA TYR E 90 20.87 -2.12 3.56
C TYR E 90 21.06 -3.38 2.74
N ARG E 91 21.72 -4.38 3.32
CA ARG E 91 21.90 -5.66 2.63
C ARG E 91 21.24 -6.78 3.43
N LEU E 92 20.61 -7.72 2.72
CA LEU E 92 19.97 -8.86 3.33
C LEU E 92 20.91 -10.07 3.23
N GLU E 93 21.25 -10.64 4.38
CA GLU E 93 22.12 -11.81 4.46
C GLU E 93 21.31 -12.99 4.95
N LYS E 94 21.50 -14.16 4.34
CA LYS E 94 20.82 -15.37 4.78
C LYS E 94 21.86 -16.35 5.29
N TRP E 95 21.77 -16.70 6.58
CA TRP E 95 22.72 -17.61 7.20
C TRP E 95 22.09 -18.96 7.46
N GLU E 96 22.96 -19.95 7.63
CA GLU E 96 22.56 -21.31 7.89
C GLU E 96 23.36 -21.75 9.12
N PHE E 97 22.68 -22.27 10.15
CA PHE E 97 23.37 -22.82 11.34
C PHE E 97 22.93 -24.26 11.59
N TYR E 98 23.66 -24.93 12.48
CA TYR E 98 23.51 -26.39 12.71
C TYR E 98 23.44 -26.73 14.21
N PRO E 99 22.33 -26.35 14.87
CA PRO E 99 22.16 -26.46 16.34
C PRO E 99 22.14 -27.88 16.93
N LEU E 100 21.60 -28.84 16.21
CA LEU E 100 21.53 -30.22 16.69
C LEU E 100 21.97 -31.17 15.59
N PRO E 101 22.29 -32.43 15.95
CA PRO E 101 22.61 -33.39 14.90
C PRO E 101 21.38 -33.61 14.00
N LYS E 102 21.62 -33.71 12.71
CA LYS E 102 20.59 -33.93 11.68
C LYS E 102 19.56 -32.79 11.53
N CYS E 103 19.88 -31.62 12.08
CA CYS E 103 19.04 -30.44 12.03
C CYS E 103 19.84 -29.30 11.42
N VAL E 104 19.14 -28.46 10.68
CA VAL E 104 19.73 -27.26 10.11
C VAL E 104 18.63 -26.20 10.09
N SER E 105 18.90 -25.07 10.73
CA SER E 105 17.96 -23.97 10.81
C SER E 105 18.59 -22.77 10.12
N THR E 106 17.77 -21.77 9.77
CA THR E 106 18.24 -20.58 9.05
C THR E 106 17.62 -19.29 9.61
N PHE E 107 18.36 -18.19 9.52
CA PHE E 107 17.89 -16.85 9.91
C PHE E 107 18.31 -15.84 8.87
N LEU E 108 17.72 -14.65 8.93
CA LEU E 108 18.03 -13.56 8.00
C LEU E 108 18.66 -12.45 8.83
N VAL E 109 19.53 -11.67 8.19
CA VAL E 109 20.25 -10.57 8.86
C VAL E 109 20.21 -9.32 7.96
N LEU E 110 19.69 -8.21 8.49
CA LEU E 110 19.62 -6.94 7.75
C LEU E 110 20.63 -5.91 8.29
N ILE E 111 21.69 -5.65 7.52
CA ILE E 111 22.76 -4.74 7.93
C ILE E 111 22.70 -3.40 7.16
N PRO E 112 22.58 -2.25 7.87
CA PRO E 112 22.58 -0.97 7.15
C PRO E 112 23.92 -0.74 6.46
N ASP E 113 23.90 0.03 5.39
CA ASP E 113 25.13 0.28 4.64
C ASP E 113 26.07 1.24 5.36
N ASN E 114 27.34 1.19 4.95
CA ASN E 114 28.39 2.07 5.48
C ASN E 114 28.48 2.09 7.00
N ILE E 115 28.47 0.92 7.64
CA ILE E 115 28.61 0.84 9.09
C ILE E 115 30.03 1.25 9.45
N ASN E 116 30.16 2.05 10.51
CA ASN E 116 31.45 2.51 10.97
C ASN E 116 31.68 1.91 12.36
N LYS E 117 30.91 2.37 13.35
CA LYS E 117 31.02 1.87 14.71
C LYS E 117 30.10 0.65 14.81
N PRO E 118 30.29 -0.19 15.85
CA PRO E 118 29.32 -1.28 16.04
C PRO E 118 27.97 -0.67 16.47
N VAL E 119 26.89 -1.09 15.81
CA VAL E 119 25.55 -0.55 16.09
C VAL E 119 24.71 -1.61 16.82
N PRO E 120 23.66 -1.16 17.54
CA PRO E 120 22.73 -2.06 18.23
C PRO E 120 22.17 -3.16 17.31
N ALA E 121 21.76 -4.28 17.91
CA ALA E 121 21.28 -5.43 17.16
C ALA E 121 20.00 -6.04 17.74
N ILE E 122 18.91 -5.98 16.97
CA ILE E 122 17.62 -6.51 17.45
C ILE E 122 17.26 -7.89 16.88
N LEU E 123 17.23 -8.90 17.76
CA LEU E 123 16.84 -10.25 17.38
C LEU E 123 15.32 -10.24 17.31
N CYS E 124 14.78 -10.53 16.12
CA CYS E 124 13.32 -10.50 15.91
C CYS E 124 12.71 -11.90 15.84
N ILE E 125 11.74 -12.15 16.71
CA ILE E 125 11.05 -13.45 16.78
C ILE E 125 9.57 -13.24 16.41
N PRO E 126 9.04 -14.04 15.46
CA PRO E 126 7.67 -13.83 14.99
C PRO E 126 6.55 -14.52 15.77
N GLY E 127 5.32 -14.11 15.49
CA GLY E 127 4.14 -14.67 16.10
C GLY E 127 3.67 -15.92 15.40
N SER E 128 2.56 -16.47 15.88
CA SER E 128 1.99 -17.66 15.29
C SER E 128 1.52 -17.37 13.88
N GLY E 129 1.90 -18.24 12.94
CA GLY E 129 1.57 -18.08 11.53
C GLY E 129 2.58 -17.27 10.72
N GLY E 130 3.41 -16.49 11.40
CA GLY E 130 4.41 -15.64 10.74
C GLY E 130 5.75 -16.33 10.54
N ASN E 131 6.58 -15.75 9.66
CA ASN E 131 7.90 -16.30 9.37
C ASN E 131 8.95 -15.20 9.31
N LYS E 132 10.20 -15.60 9.16
CA LYS E 132 11.32 -14.66 9.13
C LYS E 132 11.37 -13.78 7.89
N GLU E 133 10.79 -14.25 6.80
CA GLU E 133 10.77 -13.47 5.57
C GLU E 133 9.84 -12.28 5.74
N GLY E 134 8.67 -12.55 6.31
CA GLY E 134 7.68 -11.51 6.61
C GLY E 134 8.24 -10.42 7.50
N LEU E 135 9.02 -10.80 8.50
CA LEU E 135 9.64 -9.82 9.39
C LEU E 135 10.66 -8.96 8.65
N ALA E 136 11.30 -9.55 7.64
CA ALA E 136 12.27 -8.85 6.78
C ALA E 136 11.60 -8.01 5.68
N GLY E 137 10.30 -8.17 5.47
CA GLY E 137 9.59 -7.47 4.40
C GLY E 137 9.92 -8.12 3.06
N GLU E 138 10.16 -9.43 3.10
CA GLU E 138 10.50 -10.22 1.92
C GLU E 138 9.41 -11.24 1.67
N PRO E 139 9.28 -11.69 0.41
CA PRO E 139 8.31 -12.73 0.13
C PRO E 139 8.82 -14.07 0.66
N GLY E 140 7.90 -14.96 0.95
CA GLY E 140 8.25 -16.27 1.48
C GLY E 140 8.93 -17.17 0.48
N ILE E 141 9.25 -18.37 0.93
CA ILE E 141 9.92 -19.35 0.10
C ILE E 141 8.97 -19.94 -0.95
N ALA E 142 7.68 -20.00 -0.62
CA ALA E 142 6.66 -20.51 -1.55
C ALA E 142 5.45 -19.57 -1.55
N PRO E 143 4.66 -19.58 -2.65
CA PRO E 143 3.45 -18.74 -2.74
C PRO E 143 2.49 -18.90 -1.55
N LYS E 144 2.26 -20.13 -1.12
CA LYS E 144 1.36 -20.37 0.01
C LYS E 144 1.98 -19.97 1.35
N LEU E 145 3.32 -20.09 1.44
CA LEU E 145 4.03 -19.70 2.66
C LEU E 145 4.51 -18.24 2.62
N ASN E 146 3.65 -17.32 2.18
CA ASN E 146 3.99 -15.89 2.23
C ASN E 146 3.25 -15.25 3.41
N ASP E 147 4.01 -14.50 4.22
CA ASP E 147 3.46 -13.83 5.40
C ASP E 147 2.72 -12.57 4.90
N ARG E 148 2.26 -11.73 5.82
CA ARG E 148 1.67 -10.43 5.47
C ARG E 148 2.83 -9.46 5.35
N TYR E 149 3.72 -9.74 4.39
CA TYR E 149 4.89 -8.90 4.17
C TYR E 149 4.36 -7.63 3.48
N LYS E 150 5.11 -6.55 3.59
CA LYS E 150 4.68 -5.25 3.05
C LYS E 150 3.80 -4.50 4.07
N ASP E 151 3.31 -5.21 5.10
CA ASP E 151 2.50 -4.61 6.15
C ASP E 151 3.49 -4.11 7.19
N PRO E 152 3.61 -2.78 7.37
CA PRO E 152 4.54 -2.29 8.39
C PRO E 152 4.16 -2.71 9.81
N LYS E 153 2.90 -3.10 10.02
CA LYS E 153 2.40 -3.56 11.32
C LYS E 153 2.92 -4.96 11.75
N LEU E 154 3.66 -5.63 10.87
CA LEU E 154 4.27 -6.93 11.20
C LEU E 154 5.74 -7.07 10.82
N THR E 155 6.23 -6.33 9.83
CA THR E 155 7.64 -6.42 9.42
C THR E 155 8.60 -5.83 10.44
N GLN E 156 8.86 -6.58 11.53
CA GLN E 156 9.77 -6.15 12.60
C GLN E 156 11.15 -5.77 12.07
N ALA E 157 11.86 -6.75 11.49
CA ALA E 157 13.23 -6.55 11.00
C ALA E 157 13.42 -5.41 9.99
N LEU E 158 12.42 -5.18 9.13
CA LEU E 158 12.48 -4.08 8.16
C LEU E 158 12.38 -2.72 8.86
N ASN E 159 11.52 -2.63 9.87
CA ASN E 159 11.38 -1.40 10.63
C ASN E 159 12.68 -1.01 11.34
N PHE E 160 13.41 -2.00 11.86
CA PHE E 160 14.65 -1.74 12.60
C PHE E 160 15.87 -1.46 11.74
N VAL E 161 15.99 -2.13 10.59
CA VAL E 161 17.12 -1.88 9.69
C VAL E 161 17.12 -0.42 9.23
N LYS E 162 15.91 0.12 9.02
CA LYS E 162 15.73 1.52 8.63
C LYS E 162 16.09 2.54 9.72
N GLU E 163 16.24 2.09 10.96
CA GLU E 163 16.61 2.95 12.09
C GLU E 163 18.11 2.92 12.35
N GLY E 164 18.85 2.29 11.44
CA GLY E 164 20.31 2.19 11.56
C GLY E 164 20.76 1.04 12.43
N TYR E 165 19.82 0.21 12.89
CA TYR E 165 20.17 -0.95 13.70
C TYR E 165 20.26 -2.10 12.73
N ILE E 166 20.74 -3.24 13.20
CA ILE E 166 20.79 -4.45 12.39
C ILE E 166 19.74 -5.39 12.97
N ALA E 167 18.94 -5.97 12.08
CA ALA E 167 17.82 -6.82 12.47
C ALA E 167 18.06 -8.28 12.09
N VAL E 168 18.02 -9.16 13.09
CA VAL E 168 18.20 -10.60 12.88
C VAL E 168 16.86 -11.32 13.08
N ALA E 169 16.23 -11.72 11.97
CA ALA E 169 14.92 -12.37 11.98
C ALA E 169 15.05 -13.89 12.00
N VAL E 170 14.37 -14.55 12.94
CA VAL E 170 14.40 -16.02 13.08
C VAL E 170 13.03 -16.63 12.80
N ASP E 171 13.00 -17.96 12.66
CA ASP E 171 11.77 -18.74 12.45
C ASP E 171 11.38 -19.41 13.73
N ASN E 172 10.09 -19.73 13.83
CA ASN E 172 9.59 -20.52 14.93
C ASN E 172 9.56 -21.95 14.39
N PRO E 173 9.89 -22.95 15.24
CA PRO E 173 9.90 -24.33 14.72
C PRO E 173 8.57 -24.78 14.08
N ALA E 174 8.65 -25.37 12.90
CA ALA E 174 7.47 -25.83 12.14
C ALA E 174 6.83 -24.73 11.28
N ALA E 175 7.42 -23.52 11.30
CA ALA E 175 6.92 -22.37 10.50
C ALA E 175 7.95 -21.91 9.44
N GLY E 176 7.46 -21.30 8.38
CA GLY E 176 8.29 -20.74 7.31
C GLY E 176 9.12 -21.75 6.55
N GLU E 177 10.43 -21.51 6.48
CA GLU E 177 11.37 -22.41 5.82
C GLU E 177 11.48 -23.72 6.60
N ALA E 178 11.13 -23.68 7.89
CA ALA E 178 11.12 -24.86 8.74
C ALA E 178 9.76 -25.60 8.76
N SER E 179 8.83 -25.22 7.87
CA SER E 179 7.52 -25.88 7.79
C SER E 179 7.66 -27.26 7.14
N ASP E 180 6.55 -27.97 6.94
CA ASP E 180 6.58 -29.32 6.38
C ASP E 180 5.86 -29.40 4.99
N LEU E 181 4.63 -29.90 4.93
CA LEU E 181 3.87 -29.99 3.66
C LEU E 181 2.84 -28.87 3.47
N GLU E 182 2.94 -27.80 4.27
CA GLU E 182 1.98 -26.69 4.18
C GLU E 182 2.16 -25.83 2.93
N ARG E 183 3.37 -25.82 2.36
CA ARG E 183 3.66 -25.04 1.14
C ARG E 183 2.82 -25.49 -0.05
N TYR E 184 2.39 -26.75 -0.03
CA TYR E 184 1.54 -27.31 -1.07
C TYR E 184 0.06 -27.18 -0.69
N THR E 185 -0.25 -27.35 0.59
CA THR E 185 -1.64 -27.40 1.07
C THR E 185 -2.19 -26.20 1.87
N LEU E 186 -2.03 -26.24 3.20
CA LEU E 186 -2.65 -25.28 4.13
C LEU E 186 -1.98 -23.91 4.37
N GLY E 187 -1.01 -23.54 3.53
CA GLY E 187 -0.33 -22.22 3.64
C GLY E 187 0.29 -21.90 4.99
N SER E 188 -0.30 -20.97 5.74
CA SER E 188 0.21 -20.53 7.05
C SER E 188 -0.47 -21.20 8.26
N ASN E 189 -1.29 -22.22 8.02
CA ASN E 189 -1.89 -23.00 9.09
C ASN E 189 -0.89 -24.12 9.37
N TYR E 190 0.21 -23.76 10.03
CA TYR E 190 1.28 -24.69 10.30
C TYR E 190 0.90 -25.71 11.37
N ASP E 191 1.44 -26.92 11.27
CA ASP E 191 1.17 -27.97 12.24
C ASP E 191 2.24 -27.94 13.34
N TYR E 192 2.07 -26.99 14.26
CA TYR E 192 2.97 -26.84 15.40
C TYR E 192 2.79 -27.98 16.41
N ASP E 193 1.57 -28.54 16.45
CA ASP E 193 1.19 -29.55 17.46
C ASP E 193 1.82 -30.92 17.28
N VAL E 194 1.93 -31.38 16.04
CA VAL E 194 2.53 -32.70 15.81
C VAL E 194 4.01 -32.69 16.17
N VAL E 195 4.67 -31.57 15.90
CA VAL E 195 6.09 -31.40 16.24
C VAL E 195 6.27 -31.31 17.76
N SER E 196 5.34 -30.63 18.44
CA SER E 196 5.35 -30.56 19.90
C SER E 196 5.17 -31.96 20.51
N ARG E 197 4.32 -32.79 19.89
CA ARG E 197 4.07 -34.13 20.41
C ARG E 197 5.32 -35.00 20.42
N TYR E 198 6.15 -34.91 19.38
CA TYR E 198 7.41 -35.66 19.37
C TYR E 198 8.33 -35.18 20.49
N LEU E 199 8.47 -33.86 20.58
CA LEU E 199 9.33 -33.24 21.59
C LEU E 199 8.92 -33.63 22.99
N LEU E 200 7.61 -33.70 23.21
CA LEU E 200 7.09 -34.11 24.50
C LEU E 200 7.42 -35.59 24.74
N GLU E 201 7.10 -36.46 23.78
CA GLU E 201 7.42 -37.90 23.87
C GLU E 201 8.87 -38.21 24.28
N LEU E 202 9.81 -37.32 23.92
CA LEU E 202 11.24 -37.47 24.28
C LEU E 202 11.70 -36.59 25.45
N GLY E 203 10.76 -36.17 26.30
CA GLY E 203 11.06 -35.37 27.50
C GLY E 203 11.45 -33.91 27.32
N TRP E 204 11.27 -33.37 26.11
CA TRP E 204 11.63 -31.98 25.82
C TRP E 204 10.32 -31.26 25.52
N SER E 205 10.36 -30.08 24.89
CA SER E 205 9.13 -29.38 24.54
C SER E 205 9.35 -28.42 23.37
N TYR E 206 8.25 -27.95 22.80
CA TYR E 206 8.31 -27.02 21.69
C TYR E 206 9.11 -25.78 22.05
N LEU E 207 8.81 -25.19 23.20
CA LEU E 207 9.49 -24.00 23.69
C LEU E 207 10.93 -24.35 24.08
N GLY E 208 11.14 -25.55 24.61
CA GLY E 208 12.47 -26.03 24.93
C GLY E 208 13.31 -26.06 23.65
N TYR E 209 12.74 -26.63 22.59
CA TYR E 209 13.39 -26.73 21.28
C TYR E 209 13.59 -25.36 20.63
N ALA E 210 12.50 -24.61 20.51
CA ALA E 210 12.51 -23.25 19.91
C ALA E 210 13.51 -22.29 20.58
N SER E 211 13.59 -22.34 21.91
CA SER E 211 14.49 -21.47 22.68
C SER E 211 15.96 -21.80 22.50
N TYR E 212 16.28 -23.09 22.48
CA TYR E 212 17.65 -23.55 22.28
C TYR E 212 18.17 -23.11 20.91
N LEU E 213 17.33 -23.19 19.87
CA LEU E 213 17.74 -22.76 18.53
C LEU E 213 18.00 -21.25 18.47
N ASP E 214 17.09 -20.48 19.08
CA ASP E 214 17.22 -19.03 19.13
C ASP E 214 18.44 -18.60 19.94
N MSE E 215 18.83 -19.40 20.93
CA MSE E 215 20.00 -19.13 21.76
C MSE E 215 21.26 -19.28 20.91
O MSE E 215 22.23 -18.55 21.11
CB MSE E 215 20.06 -20.07 22.97
CG MSE E 215 21.22 -19.81 23.96
SE MSE E 215 21.18 -18.04 24.79
CE MSE E 215 22.92 -18.09 25.68
N GLN E 216 21.24 -20.22 19.96
CA GLN E 216 22.38 -20.42 19.07
C GLN E 216 22.57 -19.18 18.22
N VAL E 217 21.46 -18.61 17.75
CA VAL E 217 21.52 -17.40 16.92
C VAL E 217 22.16 -16.26 17.71
N LEU E 218 21.67 -16.05 18.93
CA LEU E 218 22.16 -15.00 19.83
C LEU E 218 23.64 -15.13 20.23
N ASN E 219 24.15 -16.37 20.28
CA ASN E 219 25.58 -16.61 20.55
C ASN E 219 26.40 -16.21 19.33
N TRP E 220 25.87 -16.54 18.14
CA TRP E 220 26.48 -16.15 16.87
C TRP E 220 26.49 -14.63 16.73
N MSE E 221 25.40 -13.97 17.14
CA MSE E 221 25.31 -12.51 17.06
C MSE E 221 26.46 -11.79 17.78
O MSE E 221 26.98 -10.78 17.28
CB MSE E 221 23.99 -12.02 17.66
CG MSE E 221 22.76 -12.36 16.82
SE MSE E 221 21.15 -11.65 17.65
CE MSE E 221 21.65 -9.77 17.69
N LYS E 222 26.83 -12.35 18.92
CA LYS E 222 27.93 -11.84 19.75
C LYS E 222 29.31 -11.93 19.07
N THR E 223 29.43 -12.77 18.05
CA THR E 223 30.69 -12.97 17.31
C THR E 223 30.83 -12.05 16.07
N GLN E 224 29.88 -11.13 15.88
CA GLN E 224 29.90 -10.20 14.74
C GLN E 224 30.44 -8.85 15.19
N LYS E 225 31.47 -8.37 14.52
CA LYS E 225 32.13 -7.11 14.90
C LYS E 225 31.25 -5.88 14.76
N HIS E 226 30.36 -5.89 13.78
CA HIS E 226 29.46 -4.76 13.55
C HIS E 226 28.29 -4.73 14.55
N ILE E 227 28.08 -5.85 15.25
CA ILE E 227 27.06 -5.95 16.29
C ILE E 227 27.63 -5.46 17.60
N ARG E 228 27.08 -4.36 18.13
CA ARG E 228 27.50 -3.86 19.43
C ARG E 228 27.00 -4.83 20.50
N LYS E 229 27.96 -5.58 21.05
CA LYS E 229 27.74 -6.67 21.99
C LYS E 229 26.99 -6.33 23.30
N ASP E 230 27.06 -5.07 23.76
CA ASP E 230 26.32 -4.68 24.98
C ASP E 230 25.03 -3.92 24.66
N ARG E 231 24.58 -4.01 23.41
CA ARG E 231 23.33 -3.35 23.00
C ARG E 231 22.49 -4.30 22.12
N ILE E 232 22.41 -5.57 22.52
CA ILE E 232 21.61 -6.58 21.82
C ILE E 232 20.22 -6.61 22.44
N VAL E 233 19.24 -6.18 21.67
CA VAL E 233 17.85 -6.14 22.11
C VAL E 233 17.08 -7.30 21.49
N VAL E 234 16.56 -8.22 22.30
CA VAL E 234 15.73 -9.32 21.78
C VAL E 234 14.30 -8.78 21.68
N SER E 235 13.57 -9.18 20.62
CA SER E 235 12.19 -8.72 20.38
C SER E 235 11.26 -9.86 19.95
N GLY E 236 10.05 -9.88 20.48
CA GLY E 236 9.08 -10.92 20.16
C GLY E 236 7.66 -10.41 20.02
N PHE E 237 6.93 -10.99 19.07
CA PHE E 237 5.52 -10.67 18.83
C PHE E 237 4.65 -11.89 19.06
N SER E 238 3.70 -11.80 19.99
CA SER E 238 2.75 -12.90 20.26
C SER E 238 3.53 -14.15 20.72
N LEU E 239 3.39 -15.29 20.03
CA LEU E 239 4.16 -16.51 20.36
C LEU E 239 5.67 -16.25 20.44
N GLY E 240 6.14 -15.17 19.83
CA GLY E 240 7.55 -14.80 19.87
C GLY E 240 8.07 -14.31 21.22
N THR E 241 7.16 -13.99 22.14
CA THR E 241 7.53 -13.52 23.47
C THR E 241 8.00 -14.64 24.40
N GLU E 242 7.66 -15.90 24.09
CA GLU E 242 8.04 -17.04 24.96
C GLU E 242 9.56 -17.30 24.95
N PRO E 243 10.17 -17.60 23.78
CA PRO E 243 11.64 -17.71 23.76
C PRO E 243 12.38 -16.43 24.22
N MSE E 244 11.79 -15.25 24.02
CA MSE E 244 12.36 -13.97 24.48
C MSE E 244 12.54 -14.02 26.00
O MSE E 244 13.56 -13.55 26.53
CB MSE E 244 11.42 -12.81 24.16
CG MSE E 244 12.01 -11.42 24.43
SE MSE E 244 10.71 -10.21 25.24
CE MSE E 244 10.65 -10.94 27.03
N MSE E 245 11.52 -14.53 26.69
CA MSE E 245 11.58 -14.71 28.13
C MSE E 245 12.63 -15.74 28.49
O MSE E 245 13.37 -15.55 29.47
CB MSE E 245 10.25 -15.19 28.70
CG MSE E 245 9.17 -14.14 28.76
SE MSE E 245 7.57 -14.88 29.60
CE MSE E 245 7.09 -16.24 28.32
N VAL E 246 12.70 -16.81 27.72
CA VAL E 246 13.66 -17.88 27.98
C VAL E 246 15.07 -17.33 27.80
N LEU E 247 15.40 -16.89 26.59
CA LEU E 247 16.71 -16.25 26.29
C LEU E 247 17.04 -15.12 27.28
N GLY E 248 16.04 -14.30 27.61
CA GLY E 248 16.22 -13.22 28.57
C GLY E 248 16.55 -13.72 29.97
N THR E 249 15.92 -14.84 30.36
CA THR E 249 16.19 -15.45 31.66
C THR E 249 17.57 -16.11 31.70
N LEU E 250 17.91 -16.86 30.65
CA LEU E 250 19.18 -17.61 30.60
C LEU E 250 20.43 -16.78 30.33
N ASP E 251 20.25 -15.58 29.77
CA ASP E 251 21.36 -14.71 29.41
C ASP E 251 21.13 -13.28 29.94
N THR E 252 21.87 -12.92 30.98
CA THR E 252 21.82 -11.59 31.58
C THR E 252 22.57 -10.53 30.77
N SER E 253 23.25 -10.94 29.69
CA SER E 253 23.99 -10.02 28.82
C SER E 253 23.06 -9.20 27.93
N ILE E 254 21.90 -9.75 27.59
CA ILE E 254 20.95 -9.07 26.69
C ILE E 254 20.69 -7.67 27.24
N TYR E 255 20.73 -6.66 26.38
CA TYR E 255 20.59 -5.28 26.83
C TYR E 255 19.16 -4.83 27.14
N ALA E 256 18.23 -5.16 26.24
CA ALA E 256 16.84 -4.76 26.36
C ALA E 256 15.92 -5.82 25.74
N PHE E 257 14.62 -5.67 26.00
CA PHE E 257 13.61 -6.62 25.53
C PHE E 257 12.37 -5.89 25.02
N VAL E 258 11.69 -6.49 24.04
CA VAL E 258 10.43 -5.97 23.50
C VAL E 258 9.37 -7.08 23.64
N TYR E 259 8.41 -6.89 24.55
CA TYR E 259 7.40 -7.91 24.84
C TYR E 259 6.05 -7.55 24.20
N ASN E 260 5.88 -7.85 22.91
CA ASN E 260 4.66 -7.48 22.20
C ASN E 260 3.56 -8.55 22.27
N ASP E 261 2.93 -8.58 23.44
CA ASP E 261 1.81 -9.44 23.71
C ASP E 261 1.34 -9.01 25.10
N PHE E 262 0.06 -9.26 25.40
CA PHE E 262 -0.45 -8.93 26.72
C PHE E 262 0.27 -9.86 27.70
N LEU E 263 0.52 -9.39 28.93
CA LEU E 263 1.22 -10.21 29.93
C LEU E 263 0.21 -11.18 30.55
N CYS E 264 0.44 -12.48 30.34
CA CYS E 264 -0.50 -13.51 30.80
C CYS E 264 -0.02 -14.39 31.98
N GLN E 265 -0.92 -14.59 32.95
CA GLN E 265 -0.71 -15.48 34.08
C GLN E 265 -1.43 -16.72 33.55
N THR E 266 -0.68 -17.56 32.81
CA THR E 266 -1.30 -18.72 32.12
C THR E 266 -1.95 -19.78 33.02
N GLN E 267 -1.45 -19.95 34.25
CA GLN E 267 -1.99 -20.93 35.19
C GLN E 267 -3.39 -20.53 35.61
N GLU E 268 -3.55 -19.26 35.97
CA GLU E 268 -4.86 -18.74 36.35
C GLU E 268 -5.84 -18.82 35.17
N ARG E 269 -5.37 -18.55 33.95
CA ARG E 269 -6.24 -18.60 32.76
C ARG E 269 -6.83 -19.99 32.56
N ALA E 270 -6.03 -21.03 32.77
CA ALA E 270 -6.48 -22.41 32.66
C ALA E 270 -7.50 -22.74 33.75
N GLU E 271 -7.22 -22.27 34.96
CA GLU E 271 -8.12 -22.49 36.10
C GLU E 271 -9.48 -21.80 35.95
N VAL E 272 -9.47 -20.55 35.47
CA VAL E 272 -10.70 -19.75 35.37
C VAL E 272 -11.54 -19.97 34.10
N MSE E 273 -10.89 -20.12 32.95
CA MSE E 273 -11.62 -20.31 31.67
C MSE E 273 -12.19 -21.74 31.65
O MSE E 273 -11.59 -22.64 31.06
CB MSE E 273 -10.69 -20.07 30.47
CG MSE E 273 -11.42 -19.97 29.12
SE MSE E 273 -10.25 -19.75 27.57
CE MSE E 273 -9.10 -18.26 28.16
N THR E 274 -13.34 -21.91 32.29
CA THR E 274 -13.95 -23.25 32.41
C THR E 274 -15.39 -23.38 31.88
N MSE E 275 -15.93 -22.31 31.32
CA MSE E 275 -17.28 -22.33 30.76
C MSE E 275 -17.31 -23.35 29.61
O MSE E 275 -16.45 -23.31 28.75
CB MSE E 275 -17.65 -20.96 30.20
CG MSE E 275 -18.98 -20.91 29.44
SE MSE E 275 -20.52 -20.86 30.58
CE MSE E 275 -20.21 -19.08 31.32
N PRO E 276 -18.30 -24.27 29.62
CA PRO E 276 -18.41 -25.26 28.55
C PRO E 276 -19.16 -24.78 27.31
N ASP E 277 -18.85 -25.37 26.16
CA ASP E 277 -19.53 -25.03 24.91
C ASP E 277 -20.83 -25.84 24.78
N LYS E 278 -21.47 -25.73 23.62
CA LYS E 278 -22.71 -26.45 23.27
C LYS E 278 -22.67 -27.96 23.55
N ASN E 279 -21.48 -28.56 23.43
CA ASN E 279 -21.27 -29.99 23.69
C ASN E 279 -20.62 -30.31 25.04
N GLY E 280 -20.60 -29.36 25.98
CA GLY E 280 -20.00 -29.59 27.30
C GLY E 280 -18.48 -29.59 27.39
N ARG E 281 -17.79 -29.38 26.26
CA ARG E 281 -16.34 -29.37 26.21
C ARG E 281 -15.80 -28.08 26.82
N ARG E 282 -14.74 -28.22 27.64
CA ARG E 282 -14.10 -27.06 28.27
C ARG E 282 -12.71 -26.90 27.63
N PRO E 283 -12.62 -26.13 26.52
CA PRO E 283 -11.32 -25.99 25.84
C PRO E 283 -10.19 -25.44 26.72
N PHE E 284 -9.01 -26.03 26.60
CA PHE E 284 -7.85 -25.58 27.36
C PHE E 284 -7.41 -24.30 26.64
N PRO E 285 -7.00 -23.26 27.39
CA PRO E 285 -6.63 -21.98 26.78
C PRO E 285 -5.81 -22.00 25.47
N ASN E 286 -4.93 -22.98 25.29
CA ASN E 286 -4.14 -23.07 24.06
C ASN E 286 -3.63 -24.48 23.84
N SER E 287 -3.05 -24.73 22.66
CA SER E 287 -2.57 -26.04 22.25
C SER E 287 -1.30 -26.50 22.96
N ILE E 288 -0.87 -27.74 22.66
CA ILE E 288 0.33 -28.35 23.26
C ILE E 288 1.66 -27.69 22.86
N ARG E 289 1.61 -26.78 21.90
CA ARG E 289 2.74 -25.95 21.53
C ARG E 289 3.20 -25.14 22.75
N HIS E 290 2.25 -24.73 23.61
CA HIS E 290 2.58 -23.96 24.82
C HIS E 290 2.83 -24.84 26.07
N LEU E 291 2.90 -26.16 25.89
CA LEU E 291 3.11 -27.11 26.99
C LEU E 291 4.58 -27.37 27.29
N ILE E 292 4.96 -27.05 28.53
CA ILE E 292 6.29 -27.32 29.08
C ILE E 292 6.01 -28.00 30.42
N PRO E 293 6.35 -29.30 30.56
CA PRO E 293 6.02 -29.96 31.83
C PRO E 293 6.74 -29.37 33.04
N ASP E 294 6.01 -29.19 34.14
CA ASP E 294 6.49 -28.61 35.41
C ASP E 294 6.82 -27.12 35.34
N PHE E 295 6.26 -26.41 34.37
CA PHE E 295 6.48 -24.98 34.23
C PHE E 295 5.81 -24.29 35.42
N TRP E 296 4.51 -24.58 35.62
CA TRP E 296 3.70 -23.97 36.68
C TRP E 296 4.07 -24.38 38.11
N LYS E 297 4.90 -25.41 38.27
CA LYS E 297 5.40 -25.75 39.57
C LYS E 297 6.45 -24.71 39.97
N ASN E 298 6.97 -23.97 38.97
CA ASN E 298 8.00 -22.97 39.17
C ASN E 298 7.54 -21.52 39.00
N PHE E 299 6.83 -21.21 37.92
CA PHE E 299 6.43 -19.82 37.65
C PHE E 299 5.39 -19.57 36.54
N ASN E 300 5.03 -18.29 36.40
CA ASN E 300 4.18 -17.77 35.33
C ASN E 300 4.94 -16.59 34.69
N PHE E 301 4.43 -16.05 33.59
CA PHE E 301 5.14 -14.97 32.88
C PHE E 301 5.37 -13.66 33.67
N PRO E 302 4.48 -13.31 34.64
CA PRO E 302 4.79 -12.07 35.39
C PRO E 302 6.00 -12.22 36.30
N ASP E 303 6.20 -13.43 36.83
CA ASP E 303 7.32 -13.76 37.70
C ASP E 303 8.63 -13.67 36.97
N ILE E 304 8.63 -14.19 35.75
CA ILE E 304 9.80 -14.23 34.87
C ILE E 304 10.14 -12.86 34.29
N VAL E 305 9.12 -12.14 33.82
CA VAL E 305 9.32 -10.80 33.26
C VAL E 305 9.85 -9.84 34.34
N ALA E 306 9.29 -9.92 35.55
CA ALA E 306 9.76 -9.12 36.67
C ALA E 306 11.22 -9.49 36.99
N ALA E 307 11.56 -10.76 36.79
CA ALA E 307 12.92 -11.28 36.98
C ALA E 307 13.95 -10.72 35.98
N LEU E 308 13.49 -10.13 34.87
CA LEU E 308 14.41 -9.50 33.90
C LEU E 308 14.89 -8.12 34.35
N ALA E 309 14.27 -7.56 35.40
CA ALA E 309 14.74 -6.27 35.96
C ALA E 309 16.17 -6.46 36.45
N PRO E 310 16.99 -5.39 36.42
CA PRO E 310 16.77 -3.99 36.02
C PRO E 310 16.96 -3.68 34.51
N ARG E 311 16.89 -4.70 33.65
CA ARG E 311 17.10 -4.47 32.23
C ARG E 311 15.86 -3.88 31.53
N PRO E 312 16.03 -2.77 30.77
CA PRO E 312 14.92 -2.09 30.08
C PRO E 312 14.00 -2.95 29.19
N ILE E 313 12.70 -2.82 29.39
CA ILE E 313 11.73 -3.60 28.64
C ILE E 313 10.49 -2.76 28.40
N ILE E 314 9.72 -3.14 27.38
CA ILE E 314 8.47 -2.48 27.03
C ILE E 314 7.37 -3.53 26.77
N LEU E 315 6.23 -3.39 27.43
CA LEU E 315 5.07 -4.28 27.21
C LEU E 315 4.01 -3.42 26.51
N THR E 316 3.88 -3.64 25.20
CA THR E 316 3.05 -2.80 24.35
C THR E 316 1.56 -3.10 24.27
N GLU E 317 1.13 -4.24 24.82
CA GLU E 317 -0.29 -4.64 24.74
C GLU E 317 -0.99 -4.95 26.07
N GLY E 318 -0.51 -4.33 27.15
CA GLY E 318 -1.13 -4.44 28.45
C GLY E 318 -1.26 -5.82 29.07
N GLY E 319 -2.44 -6.07 29.63
CA GLY E 319 -2.75 -7.31 30.35
C GLY E 319 -3.59 -6.88 31.53
N LEU E 320 -3.73 -7.73 32.54
CA LEU E 320 -4.46 -7.34 33.76
C LEU E 320 -3.51 -6.43 34.57
N ASP E 321 -4.03 -5.35 35.15
CA ASP E 321 -3.22 -4.38 35.91
C ASP E 321 -2.47 -4.98 37.10
N ARG E 322 -3.06 -5.97 37.76
CA ARG E 322 -2.39 -6.66 38.86
C ARG E 322 -1.00 -7.15 38.41
N ASP E 323 -0.94 -7.77 37.24
CA ASP E 323 0.31 -8.36 36.72
C ASP E 323 1.30 -7.35 36.13
N LEU E 324 0.78 -6.29 35.54
CA LEU E 324 1.62 -5.22 35.00
C LEU E 324 2.30 -4.46 36.15
N ASP E 325 1.59 -4.34 37.28
CA ASP E 325 2.11 -3.69 38.49
C ASP E 325 3.13 -4.57 39.19
N LEU E 326 2.89 -5.88 39.19
CA LEU E 326 3.84 -6.83 39.76
C LEU E 326 5.22 -6.57 39.14
N VAL E 327 5.24 -6.34 37.83
CA VAL E 327 6.47 -6.03 37.11
C VAL E 327 7.06 -4.67 37.54
N ARG E 328 6.22 -3.67 37.73
CA ARG E 328 6.66 -2.35 38.18
C ARG E 328 7.37 -2.40 39.53
N LYS E 329 6.76 -3.10 40.48
CA LYS E 329 7.29 -3.26 41.83
C LYS E 329 8.63 -4.01 41.80
N ALA E 330 8.76 -4.99 40.89
CA ALA E 330 10.00 -5.73 40.71
C ALA E 330 11.10 -4.77 40.24
N TYR E 331 10.77 -3.95 39.25
CA TYR E 331 11.69 -2.91 38.76
C TYR E 331 11.91 -1.80 39.80
N ALA E 332 10.92 -1.56 40.65
CA ALA E 332 11.03 -0.59 41.73
C ALA E 332 12.07 -1.08 42.76
N ILE E 333 11.96 -2.34 43.18
CA ILE E 333 12.87 -2.94 44.19
C ILE E 333 14.37 -2.82 43.87
N VAL E 334 14.69 -2.98 42.58
CA VAL E 334 16.06 -2.91 42.09
C VAL E 334 16.54 -1.47 41.82
N GLY E 335 15.71 -0.48 42.16
CA GLY E 335 16.08 0.92 42.00
C GLY E 335 16.06 1.46 40.59
N THR E 336 15.42 0.74 39.66
CA THR E 336 15.30 1.17 38.25
C THR E 336 13.80 1.16 37.86
N PRO E 337 12.96 1.95 38.59
CA PRO E 337 11.51 1.91 38.38
C PRO E 337 11.01 2.32 37.00
N ASP E 338 11.71 3.26 36.36
CA ASP E 338 11.33 3.75 35.04
C ASP E 338 11.94 2.95 33.86
N ASN E 339 12.66 1.87 34.17
CA ASN E 339 13.20 1.00 33.12
C ASN E 339 12.12 0.10 32.50
N VAL E 340 10.98 -0.05 33.18
CA VAL E 340 9.85 -0.84 32.66
C VAL E 340 8.80 0.11 32.10
N LYS E 341 8.56 0.02 30.80
CA LYS E 341 7.57 0.86 30.13
C LYS E 341 6.35 0.00 29.83
N ILE E 342 5.17 0.51 30.18
CA ILE E 342 3.93 -0.22 30.01
C ILE E 342 2.88 0.59 29.26
N TYR E 343 2.21 -0.08 28.31
CA TYR E 343 1.12 0.49 27.53
C TYR E 343 0.00 -0.54 27.43
N HIS E 344 -1.24 -0.07 27.28
CA HIS E 344 -2.40 -0.94 27.04
C HIS E 344 -2.82 -0.70 25.60
N TYR E 345 -3.77 -1.49 25.12
CA TYR E 345 -4.37 -1.24 23.81
C TYR E 345 -5.13 0.05 23.99
N LYS E 346 -5.27 0.83 22.92
CA LYS E 346 -5.98 2.12 22.99
C LYS E 346 -7.44 2.00 23.44
N LYS E 347 -8.04 0.85 23.17
CA LYS E 347 -9.42 0.61 23.59
C LYS E 347 -9.49 0.59 25.12
N PHE E 348 -8.48 -0.01 25.74
CA PHE E 348 -8.41 -0.14 27.19
C PHE E 348 -7.41 0.82 27.86
N SER E 349 -7.08 1.95 27.22
CA SER E 349 -6.14 2.93 27.80
C SER E 349 -6.84 3.80 28.85
N ASP E 350 -8.14 4.00 28.70
CA ASP E 350 -8.94 4.71 29.68
C ASP E 350 -8.98 3.78 30.91
N PRO E 351 -8.53 4.26 32.09
CA PRO E 351 -8.55 3.36 33.26
C PRO E 351 -9.93 2.85 33.70
N ASP E 352 -10.99 3.58 33.34
CA ASP E 352 -12.38 3.16 33.65
C ASP E 352 -12.78 1.88 32.89
N THR E 353 -12.02 1.51 31.87
CA THR E 353 -12.26 0.28 31.11
C THR E 353 -11.49 -0.93 31.69
N ARG E 354 -10.67 -0.70 32.71
CA ARG E 354 -9.89 -1.75 33.37
C ARG E 354 -10.27 -1.87 34.85
N LYS E 355 -10.22 -3.09 35.36
CA LYS E 355 -10.60 -3.38 36.75
C LYS E 355 -9.41 -3.92 37.54
N ASN E 356 -9.23 -3.41 38.75
CA ASN E 356 -8.19 -3.88 39.66
C ASN E 356 -8.74 -4.99 40.56
N VAL E 357 -8.20 -6.20 40.37
CA VAL E 357 -8.56 -7.34 41.19
C VAL E 357 -7.27 -8.10 41.44
N GLU E 358 -7.18 -8.76 42.59
CA GLU E 358 -5.97 -9.53 42.92
C GLU E 358 -6.09 -10.97 42.39
N TYR E 359 -7.30 -11.40 42.05
CA TYR E 359 -7.56 -12.71 41.46
C TYR E 359 -8.68 -12.58 40.44
N LEU E 360 -8.65 -13.45 39.42
CA LEU E 360 -9.67 -13.45 38.39
C LEU E 360 -10.89 -14.26 38.80
N PRO E 361 -12.06 -13.89 38.27
CA PRO E 361 -13.28 -14.63 38.59
C PRO E 361 -13.30 -16.00 37.93
N GLU E 362 -13.81 -16.99 38.65
CA GLU E 362 -13.91 -18.33 38.13
C GLU E 362 -15.10 -18.40 37.19
N GLY E 363 -15.08 -19.42 36.34
CA GLY E 363 -16.18 -19.68 35.42
C GLY E 363 -16.32 -18.78 34.23
N LEU E 364 -15.23 -18.14 33.83
CA LEU E 364 -15.25 -17.27 32.66
C LEU E 364 -15.20 -18.12 31.39
N ASP E 365 -15.66 -17.53 30.29
CA ASP E 365 -15.54 -18.14 28.96
C ASP E 365 -14.41 -17.36 28.28
N ARG E 366 -14.02 -17.77 27.07
CA ARG E 366 -12.91 -17.13 26.35
C ARG E 366 -13.09 -15.63 26.09
N ASN E 367 -14.32 -15.18 25.83
CA ASN E 367 -14.58 -13.76 25.56
C ASN E 367 -14.49 -12.87 26.81
N GLU E 368 -15.06 -13.34 27.91
CA GLU E 368 -15.07 -12.62 29.19
C GLU E 368 -13.68 -12.53 29.80
N TYR E 369 -12.88 -13.57 29.60
CA TYR E 369 -11.51 -13.58 30.08
C TYR E 369 -10.68 -12.47 29.41
N PHE E 370 -10.73 -12.40 28.07
CA PHE E 370 -9.96 -11.39 27.32
C PHE E 370 -10.37 -9.95 27.63
N ARG E 371 -11.62 -9.75 28.04
CA ARG E 371 -12.05 -8.40 28.42
C ARG E 371 -11.57 -8.09 29.85
N MSE E 372 -11.49 -9.11 30.71
CA MSE E 372 -10.96 -8.93 32.08
C MSE E 372 -9.45 -8.66 32.11
O MSE E 372 -8.96 -7.97 33.00
CB MSE E 372 -11.27 -10.16 32.96
CG MSE E 372 -12.71 -10.24 33.43
SE MSE E 372 -13.20 -8.79 34.65
CE MSE E 372 -11.82 -8.96 36.01
N VAL E 373 -8.73 -9.19 31.13
CA VAL E 373 -7.28 -8.99 31.03
C VAL E 373 -6.92 -7.93 29.97
N ASN E 374 -7.92 -7.13 29.57
CA ASN E 374 -7.76 -5.96 28.69
C ASN E 374 -7.07 -6.17 27.35
N VAL E 375 -7.48 -7.20 26.62
CA VAL E 375 -6.94 -7.50 25.30
C VAL E 375 -7.97 -7.19 24.21
N ASP E 376 -7.50 -6.57 23.11
CA ASP E 376 -8.32 -6.22 21.95
C ASP E 376 -7.78 -7.00 20.75
N GLY E 377 -8.43 -8.13 20.45
CA GLY E 377 -8.05 -9.02 19.35
C GLY E 377 -7.81 -8.38 17.99
N PRO E 378 -8.77 -7.56 17.50
CA PRO E 378 -8.61 -6.83 16.25
C PRO E 378 -7.34 -5.98 16.14
N ASN E 379 -6.86 -5.38 17.23
CA ASN E 379 -5.64 -4.54 17.22
C ASN E 379 -4.35 -5.21 17.69
N HIS E 380 -4.28 -6.52 17.55
CA HIS E 380 -3.09 -7.27 17.90
C HIS E 380 -2.16 -7.27 16.68
N TYR E 381 -1.08 -6.50 16.77
CA TYR E 381 -0.05 -6.43 15.74
C TYR E 381 1.15 -5.81 16.42
N PHE E 382 2.32 -5.91 15.79
CA PHE E 382 3.56 -5.39 16.40
C PHE E 382 3.56 -3.86 16.41
N LYS E 383 3.43 -3.30 17.61
CA LYS E 383 3.31 -1.85 17.80
C LYS E 383 4.61 -1.09 17.54
N SER E 384 5.01 -0.98 16.26
CA SER E 384 6.23 -0.26 15.87
C SER E 384 6.16 1.19 16.32
N GLU E 385 4.97 1.82 16.19
CA GLU E 385 4.74 3.22 16.59
C GLU E 385 5.13 3.51 18.05
N LEU E 386 5.01 2.52 18.92
CA LEU E 386 5.44 2.62 20.30
C LEU E 386 6.87 2.07 20.44
N VAL E 387 7.15 0.93 19.80
CA VAL E 387 8.47 0.29 19.88
C VAL E 387 9.63 1.09 19.29
N VAL E 388 9.40 1.77 18.16
CA VAL E 388 10.48 2.53 17.52
C VAL E 388 10.93 3.72 18.39
N PRO E 389 10.00 4.64 18.77
CA PRO E 389 10.39 5.80 19.58
C PRO E 389 10.97 5.48 20.96
N TRP E 390 10.57 4.35 21.55
CA TRP E 390 11.11 3.91 22.84
C TRP E 390 12.58 3.55 22.67
N LEU E 391 12.91 2.92 21.54
CA LEU E 391 14.28 2.52 21.22
C LEU E 391 15.19 3.70 20.89
N ARG E 392 14.65 4.72 20.21
CA ARG E 392 15.44 5.91 19.89
C ARG E 392 16.00 6.49 21.19
N LYS E 393 15.11 6.69 22.16
CA LYS E 393 15.47 7.25 23.46
C LYS E 393 16.34 6.31 24.31
N LEU E 394 16.14 5.01 24.15
CA LEU E 394 16.93 4.02 24.92
C LEU E 394 18.36 4.02 24.41
N LEU E 395 18.52 3.98 23.09
CA LEU E 395 19.83 3.99 22.43
C LEU E 395 20.06 5.36 21.82
N TRP F 7 0.02 -31.27 -6.46
CA TRP F 7 0.85 -32.01 -5.46
C TRP F 7 0.20 -33.37 -5.15
N SER F 8 1.01 -34.39 -4.89
CA SER F 8 0.53 -35.73 -4.58
C SER F 8 1.07 -36.23 -3.23
N PRO F 9 0.19 -36.70 -2.31
CA PRO F 9 0.66 -37.22 -1.02
C PRO F 9 1.68 -38.37 -1.12
N LYS F 10 1.52 -39.24 -2.11
CA LYS F 10 2.44 -40.37 -2.30
C LYS F 10 3.89 -39.99 -2.67
N ASP F 11 4.16 -38.69 -2.87
CA ASP F 11 5.51 -38.19 -3.12
C ASP F 11 6.12 -37.53 -1.87
N HIS F 12 5.39 -37.54 -0.75
CA HIS F 12 5.89 -36.94 0.50
C HIS F 12 5.70 -37.80 1.76
N ASN F 13 5.32 -39.07 1.58
CA ASN F 13 5.10 -39.95 2.72
C ASN F 13 6.39 -40.42 3.39
N LEU F 14 7.50 -40.36 2.67
CA LEU F 14 8.80 -40.76 3.21
C LEU F 14 9.42 -39.51 3.84
N ILE F 15 10.05 -39.67 5.00
CA ILE F 15 10.68 -38.54 5.70
C ILE F 15 12.20 -38.67 5.56
N LYS F 16 12.73 -38.16 4.44
CA LYS F 16 14.16 -38.24 4.13
C LYS F 16 14.75 -36.88 3.88
N SER F 17 16.05 -36.78 4.03
CA SER F 17 16.77 -35.53 3.80
C SER F 17 16.96 -35.33 2.30
N VAL F 18 17.12 -34.08 1.90
CA VAL F 18 17.37 -33.72 0.49
C VAL F 18 18.76 -33.08 0.33
N ARG F 19 19.55 -33.09 1.40
CA ARG F 19 20.89 -32.49 1.44
C ARG F 19 21.97 -33.55 1.46
N GLU F 20 23.19 -33.13 1.10
CA GLU F 20 24.37 -34.01 1.11
C GLU F 20 24.82 -34.38 2.51
N ASP F 21 24.52 -33.53 3.51
CA ASP F 21 24.92 -33.80 4.89
C ASP F 21 23.83 -34.51 5.72
N GLY F 22 22.73 -34.91 5.07
CA GLY F 22 21.65 -35.63 5.73
C GLY F 22 20.81 -34.87 6.76
N ARG F 23 21.02 -33.56 6.89
CA ARG F 23 20.28 -32.74 7.85
C ARG F 23 18.90 -32.39 7.28
N PHE F 24 17.98 -31.98 8.16
CA PHE F 24 16.60 -31.60 7.78
C PHE F 24 16.32 -30.13 8.09
N LEU F 25 15.59 -29.45 7.19
CA LEU F 25 15.14 -28.06 7.43
C LEU F 25 13.77 -28.06 8.09
N SER F 26 12.93 -29.04 7.74
CA SER F 26 11.59 -29.11 8.36
C SER F 26 11.71 -29.64 9.77
N SER F 27 11.17 -28.88 10.73
CA SER F 27 11.16 -29.28 12.14
C SER F 27 10.54 -30.65 12.40
N TYR F 28 9.63 -31.11 11.52
CA TYR F 28 9.02 -32.44 11.62
C TYR F 28 10.10 -33.50 11.34
N GLY F 29 10.90 -33.25 10.30
CA GLY F 29 11.99 -34.14 9.93
C GLY F 29 13.04 -34.26 11.03
N VAL F 30 13.35 -33.15 11.71
CA VAL F 30 14.31 -33.19 12.82
C VAL F 30 13.76 -34.03 13.98
N VAL F 31 12.51 -33.79 14.38
CA VAL F 31 11.91 -34.50 15.53
C VAL F 31 11.68 -35.98 15.21
N HIS F 32 11.31 -36.28 13.97
CA HIS F 32 11.11 -37.66 13.51
C HIS F 32 12.45 -38.40 13.44
N ALA F 33 13.51 -37.63 13.19
CA ALA F 33 14.87 -38.14 13.17
C ALA F 33 15.35 -38.45 14.59
N MSE F 34 14.91 -37.65 15.56
CA MSE F 34 15.26 -37.86 16.98
C MSE F 34 14.63 -39.13 17.52
O MSE F 34 15.27 -39.87 18.28
CB MSE F 34 14.85 -36.65 17.82
CG MSE F 34 15.66 -35.38 17.53
SE MSE F 34 14.89 -33.76 18.29
CE MSE F 34 14.66 -34.41 20.12
N LEU F 35 13.39 -39.40 17.12
CA LEU F 35 12.72 -40.64 17.51
C LEU F 35 13.38 -41.83 16.81
N ARG F 36 13.62 -41.66 15.51
CA ARG F 36 14.25 -42.66 14.63
C ARG F 36 15.57 -43.13 15.24
N ASN F 37 16.32 -42.19 15.80
CA ASN F 37 17.61 -42.51 16.42
C ASN F 37 17.54 -42.55 17.95
N THR F 38 16.42 -43.02 18.51
CA THR F 38 16.25 -43.19 19.97
C THR F 38 16.18 -44.69 20.23
N GLU F 39 17.16 -45.20 20.98
CA GLU F 39 17.25 -46.61 21.27
C GLU F 39 16.79 -46.81 22.70
N PRO F 40 15.59 -47.42 22.88
CA PRO F 40 15.09 -47.61 24.25
C PRO F 40 16.10 -48.39 25.09
N ARG F 41 16.50 -47.79 26.21
CA ARG F 41 17.52 -48.36 27.07
C ARG F 41 17.20 -49.76 27.59
N TYR F 42 15.94 -49.99 27.96
CA TYR F 42 15.51 -51.29 28.48
C TYR F 42 14.77 -52.09 27.43
N ALA F 43 15.27 -52.03 26.19
CA ALA F 43 14.72 -52.84 25.10
C ALA F 43 15.18 -54.27 25.31
N PHE F 44 14.30 -55.23 25.00
CA PHE F 44 14.63 -56.64 25.17
C PHE F 44 15.62 -57.08 24.11
N HIS F 45 16.54 -57.95 24.51
CA HIS F 45 17.52 -58.53 23.61
C HIS F 45 17.24 -60.02 23.62
N ARG F 46 16.99 -60.58 22.43
CA ARG F 46 16.62 -61.99 22.29
C ARG F 46 17.68 -62.94 22.84
N ASP F 47 18.96 -62.57 22.78
CA ASP F 47 20.04 -63.43 23.29
C ASP F 47 20.46 -63.26 24.77
N PHE F 48 19.61 -62.66 25.62
CA PHE F 48 19.92 -62.54 27.05
C PHE F 48 20.16 -63.91 27.70
N SER F 49 20.94 -63.90 28.79
CA SER F 49 21.17 -65.09 29.59
C SER F 49 20.23 -64.92 30.78
N PRO F 50 19.82 -66.02 31.43
CA PRO F 50 18.95 -65.90 32.60
C PRO F 50 19.36 -64.79 33.58
N LYS F 51 20.65 -64.70 33.94
CA LYS F 51 21.12 -63.65 34.85
C LYS F 51 20.86 -62.25 34.30
N GLU F 52 21.14 -62.06 33.00
CA GLU F 52 20.92 -60.78 32.32
C GLU F 52 19.44 -60.43 32.14
N PHE F 53 18.59 -61.46 32.13
CA PHE F 53 17.14 -61.27 31.98
C PHE F 53 16.57 -60.75 33.30
N ARG F 54 17.02 -61.32 34.41
CA ARG F 54 16.58 -60.91 35.75
C ARG F 54 17.15 -59.55 36.18
N LYS F 55 18.30 -59.18 35.63
CA LYS F 55 18.90 -57.87 35.90
C LYS F 55 18.10 -56.85 35.09
N TRP F 56 17.86 -57.17 33.82
CA TRP F 56 17.07 -56.34 32.88
C TRP F 56 15.66 -56.10 33.40
N GLN F 57 14.92 -57.19 33.63
CA GLN F 57 13.54 -57.18 34.16
C GLN F 57 13.40 -56.27 35.38
N LYS F 58 14.32 -56.46 36.34
CA LYS F 58 14.38 -55.65 37.55
C LYS F 58 14.57 -54.18 37.23
N GLY F 59 15.58 -53.90 36.39
CA GLY F 59 15.90 -52.53 35.97
C GLY F 59 14.79 -51.84 35.21
N LEU F 60 14.06 -52.62 34.40
CA LEU F 60 12.92 -52.10 33.61
C LEU F 60 11.81 -51.65 34.56
N ARG F 61 11.55 -52.44 35.61
CA ARG F 61 10.54 -52.11 36.60
C ARG F 61 10.93 -50.79 37.24
N HIS F 62 12.19 -50.67 37.67
CA HIS F 62 12.69 -49.41 38.24
C HIS F 62 12.50 -48.21 37.30
N ALA F 63 12.60 -48.44 35.98
CA ALA F 63 12.42 -47.38 34.98
C ALA F 63 10.95 -46.97 34.81
N MSE F 64 10.03 -47.90 35.08
CA MSE F 64 8.60 -47.64 35.03
C MSE F 64 8.23 -46.69 36.19
O MSE F 64 7.51 -45.71 36.01
CB MSE F 64 7.80 -48.93 35.15
CG MSE F 64 6.26 -48.77 35.01
SE MSE F 64 5.64 -48.37 33.20
CE MSE F 64 6.16 -50.07 32.40
N GLU F 65 8.74 -47.02 37.38
CA GLU F 65 8.55 -46.22 38.59
C GLU F 65 9.03 -44.81 38.32
N GLU F 66 10.26 -44.71 37.80
CA GLU F 66 10.85 -43.43 37.45
CA GLU F 66 10.87 -43.45 37.39
C GLU F 66 9.87 -42.55 36.66
N ILE F 67 9.43 -43.02 35.50
CA ILE F 67 8.55 -42.24 34.61
C ILE F 67 7.09 -42.09 35.06
N MSE F 68 6.52 -43.10 35.72
CA MSE F 68 5.11 -43.03 36.14
C MSE F 68 4.87 -42.04 37.28
O MSE F 68 3.81 -41.43 37.35
CB MSE F 68 4.54 -44.43 36.46
CG MSE F 68 4.34 -45.31 35.24
SE MSE F 68 3.11 -44.53 33.92
CE MSE F 68 3.69 -45.49 32.33
N LYS F 69 5.87 -41.88 38.15
CA LYS F 69 5.83 -40.90 39.26
C LYS F 69 4.70 -41.07 40.29
N PHE F 70 4.53 -42.31 40.75
CA PHE F 70 3.55 -42.67 41.78
C PHE F 70 3.86 -41.95 43.09
N PRO F 71 2.93 -41.10 43.59
CA PRO F 71 3.20 -40.45 44.89
C PRO F 71 3.27 -41.45 46.04
N GLN F 72 3.95 -41.06 47.11
CA GLN F 72 4.13 -41.90 48.29
C GLN F 72 3.84 -41.11 49.55
N SER F 76 -5.12 -40.53 53.43
CA SER F 76 -5.38 -41.79 52.74
C SER F 76 -6.42 -42.66 53.49
N PRO F 77 -7.69 -42.19 53.56
CA PRO F 77 -8.69 -42.99 54.26
C PRO F 77 -8.95 -44.34 53.59
N ALA F 78 -9.55 -45.26 54.34
CA ALA F 78 -9.80 -46.62 53.89
C ALA F 78 -11.02 -46.68 52.97
N PRO F 79 -10.96 -47.54 51.93
CA PRO F 79 -12.13 -47.71 51.06
C PRO F 79 -13.38 -48.17 51.83
N VAL F 80 -14.53 -47.62 51.45
CA VAL F 80 -15.79 -47.95 52.11
C VAL F 80 -16.83 -48.33 51.08
N CYS F 81 -17.69 -49.28 51.43
CA CYS F 81 -18.76 -49.75 50.56
C CYS F 81 -19.95 -48.81 50.72
N ILE F 82 -20.56 -48.42 49.60
CA ILE F 82 -21.70 -47.49 49.61
C ILE F 82 -23.00 -48.08 49.03
N LYS F 83 -22.98 -49.36 48.67
CA LYS F 83 -24.12 -50.09 48.11
C LYS F 83 -23.84 -51.58 48.04
N ARG F 84 -24.90 -52.38 48.15
CA ARG F 84 -24.84 -53.83 48.04
C ARG F 84 -26.16 -54.32 47.47
N GLU F 85 -26.12 -55.00 46.33
CA GLU F 85 -27.35 -55.47 45.68
C GLU F 85 -27.30 -56.94 45.27
N GLN F 86 -28.37 -57.68 45.56
CA GLN F 86 -28.47 -59.09 45.22
C GLN F 86 -28.82 -59.22 43.75
N ARG F 87 -27.94 -59.89 42.99
CA ARG F 87 -28.13 -60.17 41.57
C ARG F 87 -28.37 -61.67 41.49
N GLU F 88 -28.55 -62.21 40.28
CA GLU F 88 -28.80 -63.65 40.14
C GLU F 88 -27.52 -64.49 40.23
N GLY F 89 -27.37 -65.23 41.34
CA GLY F 89 -26.20 -66.09 41.59
C GLY F 89 -24.96 -65.40 42.16
N TYR F 90 -25.06 -64.09 42.43
CA TYR F 90 -23.93 -63.31 42.95
C TYR F 90 -24.47 -61.97 43.47
N ARG F 91 -23.64 -61.22 44.21
CA ARG F 91 -24.05 -59.88 44.67
C ARG F 91 -23.14 -58.83 44.02
N LEU F 92 -23.60 -57.57 44.04
CA LEU F 92 -22.88 -56.45 43.45
C LEU F 92 -22.65 -55.36 44.50
N GLU F 93 -21.38 -55.10 44.81
CA GLU F 93 -21.03 -54.04 45.76
C GLU F 93 -20.40 -52.87 45.02
N LYS F 94 -20.53 -51.68 45.62
CA LYS F 94 -19.95 -50.46 45.06
C LYS F 94 -19.09 -49.84 46.14
N TRP F 95 -17.79 -49.74 45.87
CA TRP F 95 -16.85 -49.22 46.85
C TRP F 95 -16.31 -47.86 46.48
N GLU F 96 -16.17 -46.99 47.48
CA GLU F 96 -15.56 -45.68 47.31
C GLU F 96 -14.16 -45.75 47.89
N PHE F 97 -13.16 -45.21 47.19
CA PHE F 97 -11.80 -45.09 47.74
C PHE F 97 -11.25 -43.68 47.50
N TYR F 98 -10.17 -43.37 48.22
CA TYR F 98 -9.60 -42.03 48.24
C TYR F 98 -8.08 -42.10 48.03
N PRO F 99 -7.64 -42.14 46.74
CA PRO F 99 -6.23 -42.29 46.40
C PRO F 99 -5.35 -41.01 46.50
N LEU F 100 -5.90 -39.86 46.11
CA LEU F 100 -5.16 -38.59 46.18
C LEU F 100 -6.00 -37.60 46.99
N PRO F 101 -5.39 -36.47 47.43
CA PRO F 101 -6.19 -35.44 48.13
C PRO F 101 -7.19 -34.80 47.18
N LYS F 102 -8.40 -34.56 47.67
CA LYS F 102 -9.51 -33.97 46.90
C LYS F 102 -10.00 -34.85 45.75
N CYS F 103 -9.71 -36.15 45.84
CA CYS F 103 -10.11 -37.13 44.82
C CYS F 103 -10.90 -38.23 45.47
N VAL F 104 -11.97 -38.64 44.80
CA VAL F 104 -12.77 -39.79 45.22
C VAL F 104 -13.00 -40.56 43.95
N SER F 105 -12.86 -41.88 44.02
CA SER F 105 -13.04 -42.75 42.88
C SER F 105 -13.85 -43.95 43.35
N THR F 106 -14.37 -44.71 42.38
CA THR F 106 -15.22 -45.84 42.70
C THR F 106 -14.97 -47.05 41.82
N PHE F 107 -15.20 -48.24 42.38
CA PHE F 107 -15.10 -49.48 41.64
C PHE F 107 -16.26 -50.37 42.04
N LEU F 108 -16.68 -51.24 41.12
CA LEU F 108 -17.76 -52.18 41.36
C LEU F 108 -17.12 -53.51 41.68
N VAL F 109 -17.83 -54.37 42.41
CA VAL F 109 -17.30 -55.68 42.80
C VAL F 109 -18.40 -56.71 42.72
N LEU F 110 -18.18 -57.76 41.91
CA LEU F 110 -19.12 -58.86 41.79
C LEU F 110 -18.59 -60.02 42.61
N ILE F 111 -19.42 -60.57 43.51
CA ILE F 111 -19.03 -61.66 44.41
C ILE F 111 -20.02 -62.82 44.30
N PRO F 112 -19.55 -64.03 43.92
CA PRO F 112 -20.48 -65.15 43.88
C PRO F 112 -21.00 -65.49 45.28
N ASP F 113 -22.21 -66.04 45.36
CA ASP F 113 -22.81 -66.37 46.65
C ASP F 113 -22.26 -67.69 47.20
N ASN F 114 -22.38 -67.85 48.51
CA ASN F 114 -21.92 -69.04 49.25
C ASN F 114 -20.45 -69.41 49.02
N ILE F 115 -19.56 -68.41 49.09
CA ILE F 115 -18.13 -68.65 48.92
C ILE F 115 -17.52 -69.20 50.21
N ASN F 116 -16.93 -70.40 50.11
CA ASN F 116 -16.31 -71.07 51.24
C ASN F 116 -14.81 -70.84 51.28
N LYS F 117 -14.12 -71.20 50.19
CA LYS F 117 -12.67 -71.04 50.09
C LYS F 117 -12.33 -69.70 49.43
N PRO F 118 -11.07 -69.24 49.57
CA PRO F 118 -10.70 -68.04 48.82
C PRO F 118 -10.76 -68.41 47.34
N VAL F 119 -11.31 -67.51 46.52
CA VAL F 119 -11.48 -67.76 45.08
C VAL F 119 -10.67 -66.75 44.27
N PRO F 120 -10.26 -67.11 43.04
CA PRO F 120 -9.55 -66.13 42.23
C PRO F 120 -10.37 -64.85 41.95
N ALA F 121 -9.66 -63.74 41.82
CA ALA F 121 -10.27 -62.43 41.57
C ALA F 121 -9.73 -61.89 40.27
N ILE F 122 -10.52 -61.00 39.64
CA ILE F 122 -10.11 -60.39 38.39
CA ILE F 122 -10.13 -60.41 38.37
C ILE F 122 -10.38 -58.89 38.34
N LEU F 123 -9.29 -58.12 38.18
CA LEU F 123 -9.38 -56.67 38.06
C LEU F 123 -9.64 -56.44 36.56
N CYS F 124 -10.83 -55.98 36.22
CA CYS F 124 -11.21 -55.74 34.83
C CYS F 124 -11.06 -54.23 34.52
N ILE F 125 -10.33 -53.92 33.45
CA ILE F 125 -10.11 -52.53 33.00
C ILE F 125 -10.72 -52.39 31.61
N PRO F 126 -11.49 -51.32 31.36
CA PRO F 126 -12.19 -51.16 30.08
C PRO F 126 -11.43 -50.40 29.00
N GLY F 127 -12.05 -50.32 27.84
CA GLY F 127 -11.46 -49.61 26.71
C GLY F 127 -11.96 -48.18 26.60
N SER F 128 -11.53 -47.51 25.55
CA SER F 128 -11.96 -46.16 25.25
C SER F 128 -13.46 -46.25 24.98
N GLY F 129 -14.23 -45.32 25.54
CA GLY F 129 -15.68 -45.33 25.43
C GLY F 129 -16.36 -46.07 26.58
N GLY F 130 -15.84 -47.23 26.96
CA GLY F 130 -16.42 -48.05 28.02
C GLY F 130 -16.29 -47.49 29.44
N ASN F 131 -17.08 -48.07 30.36
CA ASN F 131 -17.07 -47.71 31.77
C ASN F 131 -17.22 -48.97 32.64
N LYS F 132 -17.13 -48.82 33.96
CA LYS F 132 -17.18 -49.99 34.86
C LYS F 132 -18.56 -50.61 34.98
N GLU F 133 -19.61 -49.83 34.70
CA GLU F 133 -20.97 -50.33 34.78
C GLU F 133 -21.19 -51.32 33.62
N GLY F 134 -20.70 -50.96 32.44
CA GLY F 134 -20.79 -51.83 31.26
C GLY F 134 -20.12 -53.18 31.44
N LEU F 135 -19.01 -53.22 32.17
CA LEU F 135 -18.28 -54.47 32.40
C LEU F 135 -19.03 -55.41 33.34
N ALA F 136 -19.85 -54.86 34.22
CA ALA F 136 -20.63 -55.66 35.16
C ALA F 136 -22.06 -55.96 34.67
N GLY F 137 -22.36 -55.60 33.42
CA GLY F 137 -23.67 -55.82 32.84
C GLY F 137 -24.73 -54.92 33.45
N GLU F 138 -24.29 -53.75 33.92
CA GLU F 138 -25.14 -52.78 34.60
C GLU F 138 -25.33 -51.54 33.73
N PRO F 139 -26.50 -50.88 33.83
CA PRO F 139 -26.68 -49.65 33.07
C PRO F 139 -25.78 -48.53 33.63
N GLY F 140 -25.55 -47.49 32.83
CA GLY F 140 -24.71 -46.37 33.24
C GLY F 140 -25.33 -45.53 34.34
N ILE F 141 -24.61 -44.49 34.75
CA ILE F 141 -25.11 -43.57 35.78
C ILE F 141 -26.11 -42.58 35.20
N ALA F 142 -25.96 -42.30 33.91
CA ALA F 142 -26.85 -41.38 33.19
C ALA F 142 -27.26 -42.03 31.88
N PRO F 143 -28.47 -41.70 31.37
CA PRO F 143 -28.97 -42.25 30.09
C PRO F 143 -27.96 -42.27 28.94
N LYS F 144 -27.16 -41.21 28.82
CA LYS F 144 -26.15 -41.12 27.75
C LYS F 144 -24.86 -41.88 28.09
N LEU F 145 -24.57 -42.04 29.38
CA LEU F 145 -23.37 -42.76 29.82
C LEU F 145 -23.51 -44.29 29.85
N ASN F 146 -24.61 -44.84 29.31
CA ASN F 146 -24.81 -46.29 29.20
C ASN F 146 -23.85 -46.88 28.16
N ASP F 147 -23.21 -47.97 28.54
CA ASP F 147 -22.26 -48.70 27.69
C ASP F 147 -23.11 -49.74 26.95
N ARG F 148 -22.46 -50.70 26.28
CA ARG F 148 -23.17 -51.80 25.63
C ARG F 148 -23.28 -52.91 26.68
N TYR F 149 -23.91 -52.59 27.81
CA TYR F 149 -24.02 -53.45 28.99
C TYR F 149 -24.84 -54.74 28.84
N LYS F 150 -25.49 -54.93 27.68
CA LYS F 150 -26.17 -56.18 27.38
C LYS F 150 -25.25 -57.07 26.53
N ASP F 151 -24.27 -56.45 25.85
CA ASP F 151 -23.34 -57.16 24.96
C ASP F 151 -22.27 -57.97 25.73
N PRO F 152 -22.32 -59.32 25.66
CA PRO F 152 -21.31 -60.15 26.35
C PRO F 152 -19.89 -60.04 25.77
N LYS F 153 -19.76 -59.41 24.61
CA LYS F 153 -18.46 -59.17 23.99
C LYS F 153 -17.62 -58.19 24.80
N LEU F 154 -18.28 -57.31 25.55
CA LEU F 154 -17.61 -56.27 26.36
C LEU F 154 -17.80 -56.39 27.88
N THR F 155 -18.79 -57.15 28.34
CA THR F 155 -19.08 -57.26 29.79
C THR F 155 -18.11 -58.21 30.51
N GLN F 156 -16.87 -57.77 30.69
CA GLN F 156 -15.82 -58.61 31.30
C GLN F 156 -16.19 -59.16 32.69
N ALA F 157 -16.47 -58.26 33.63
CA ALA F 157 -16.78 -58.62 35.01
C ALA F 157 -17.91 -59.64 35.13
N LEU F 158 -19.00 -59.40 34.41
CA LEU F 158 -20.15 -60.30 34.42
C LEU F 158 -19.75 -61.69 33.96
N ASN F 159 -18.99 -61.75 32.87
CA ASN F 159 -18.54 -63.03 32.31
C ASN F 159 -17.64 -63.85 33.24
N PHE F 160 -16.92 -63.19 34.15
CA PHE F 160 -16.05 -63.89 35.09
C PHE F 160 -16.76 -64.29 36.37
N VAL F 161 -17.71 -63.47 36.84
CA VAL F 161 -18.49 -63.80 38.04
C VAL F 161 -19.35 -65.04 37.79
N LYS F 162 -19.77 -65.24 36.53
CA LYS F 162 -20.52 -66.43 36.15
C LYS F 162 -19.65 -67.68 36.23
N GLU F 163 -18.34 -67.51 36.04
CA GLU F 163 -17.38 -68.60 36.14
C GLU F 163 -16.99 -68.97 37.58
N GLY F 164 -17.52 -68.24 38.56
CA GLY F 164 -17.25 -68.51 39.97
C GLY F 164 -16.19 -67.63 40.60
N TYR F 165 -15.64 -66.69 39.82
CA TYR F 165 -14.61 -65.77 40.32
C TYR F 165 -15.29 -64.51 40.83
N ILE F 166 -14.58 -63.69 41.59
CA ILE F 166 -15.12 -62.39 41.98
C ILE F 166 -14.55 -61.46 40.91
N ALA F 167 -15.29 -60.42 40.53
CA ALA F 167 -14.87 -59.52 39.44
C ALA F 167 -14.90 -58.07 39.87
N VAL F 168 -13.73 -57.41 39.85
CA VAL F 168 -13.63 -56.00 40.20
C VAL F 168 -13.42 -55.19 38.93
N ALA F 169 -14.39 -54.34 38.61
CA ALA F 169 -14.35 -53.50 37.43
C ALA F 169 -13.97 -52.07 37.82
N VAL F 170 -13.00 -51.49 37.13
CA VAL F 170 -12.57 -50.10 37.39
C VAL F 170 -12.99 -49.21 36.24
N ASP F 171 -12.96 -47.90 36.47
CA ASP F 171 -13.20 -46.89 35.43
C ASP F 171 -11.84 -46.37 34.97
N ASN F 172 -11.82 -45.77 33.78
CA ASN F 172 -10.62 -45.11 33.25
C ASN F 172 -10.86 -43.64 33.60
N PRO F 173 -9.78 -42.84 33.78
CA PRO F 173 -10.02 -41.43 34.10
C PRO F 173 -10.76 -40.68 32.99
N ALA F 174 -11.66 -39.77 33.38
CA ALA F 174 -12.46 -38.98 32.45
C ALA F 174 -13.66 -39.71 31.82
N ALA F 175 -13.84 -41.00 32.11
CA ALA F 175 -14.93 -41.79 31.56
C ALA F 175 -15.85 -42.32 32.66
N GLY F 176 -17.09 -42.60 32.29
CA GLY F 176 -18.10 -43.17 33.20
C GLY F 176 -18.54 -42.24 34.31
N GLU F 177 -18.41 -42.71 35.53
CA GLU F 177 -18.75 -41.94 36.72
C GLU F 177 -17.72 -40.84 36.94
N ALA F 178 -16.50 -41.07 36.43
CA ALA F 178 -15.41 -40.10 36.50
C ALA F 178 -15.40 -39.16 35.30
N SER F 179 -16.51 -39.06 34.56
CA SER F 179 -16.61 -38.17 33.40
C SER F 179 -17.09 -36.82 33.89
N ASP F 180 -17.03 -35.82 33.01
CA ASP F 180 -17.41 -34.46 33.41
C ASP F 180 -18.84 -34.09 32.96
N LEU F 181 -19.00 -33.44 31.80
CA LEU F 181 -20.31 -33.02 31.29
C LEU F 181 -20.75 -33.71 30.01
N GLU F 182 -20.27 -34.92 29.79
CA GLU F 182 -20.67 -35.70 28.61
C GLU F 182 -22.03 -36.38 28.85
N ARG F 183 -22.49 -36.41 30.11
CA ARG F 183 -23.80 -36.99 30.45
C ARG F 183 -24.96 -36.12 29.95
N TYR F 184 -24.71 -34.81 29.85
CA TYR F 184 -25.70 -33.87 29.34
C TYR F 184 -25.58 -33.65 27.82
N THR F 185 -24.49 -34.14 27.23
CA THR F 185 -24.22 -33.89 25.81
C THR F 185 -23.71 -35.10 24.99
N LEU F 186 -22.39 -35.28 24.93
CA LEU F 186 -21.77 -36.28 24.05
C LEU F 186 -21.60 -37.72 24.58
N GLY F 187 -22.42 -38.12 25.55
CA GLY F 187 -22.38 -39.49 26.09
C GLY F 187 -21.00 -40.12 26.31
N SER F 188 -20.67 -41.12 25.48
CA SER F 188 -19.41 -41.86 25.60
C SER F 188 -18.21 -41.26 24.84
N ASN F 189 -18.35 -40.02 24.36
CA ASN F 189 -17.28 -39.30 23.69
C ASN F 189 -16.63 -38.39 24.75
N TYR F 190 -15.85 -39.01 25.63
CA TYR F 190 -15.24 -38.32 26.76
C TYR F 190 -14.05 -37.46 26.37
N ASP F 191 -13.84 -36.36 27.10
CA ASP F 191 -12.70 -35.47 26.84
C ASP F 191 -11.52 -36.00 27.66
N TYR F 192 -10.93 -37.09 27.19
CA TYR F 192 -9.75 -37.69 27.84
C TYR F 192 -8.54 -36.77 27.74
N ASP F 193 -8.49 -35.99 26.66
CA ASP F 193 -7.35 -35.12 26.34
C ASP F 193 -7.14 -33.87 27.23
N VAL F 194 -8.22 -33.19 27.64
CA VAL F 194 -8.07 -32.01 28.52
C VAL F 194 -7.60 -32.43 29.91
N VAL F 195 -8.04 -33.60 30.39
CA VAL F 195 -7.59 -34.12 31.68
C VAL F 195 -6.11 -34.47 31.55
N SER F 196 -5.77 -35.19 30.49
CA SER F 196 -4.37 -35.53 30.20
C SER F 196 -3.47 -34.28 30.14
N ARG F 197 -4.01 -33.16 29.64
CA ARG F 197 -3.25 -31.90 29.53
C ARG F 197 -2.87 -31.33 30.90
N TYR F 198 -3.82 -31.33 31.84
CA TYR F 198 -3.51 -30.89 33.19
C TYR F 198 -2.39 -31.76 33.77
N LEU F 199 -2.58 -33.08 33.67
CA LEU F 199 -1.63 -34.05 34.19
C LEU F 199 -0.24 -33.84 33.64
N LEU F 200 -0.16 -33.60 32.33
CA LEU F 200 1.11 -33.33 31.66
C LEU F 200 1.72 -32.00 32.09
N GLU F 201 0.88 -30.97 32.22
CA GLU F 201 1.35 -29.66 32.68
C GLU F 201 2.04 -29.81 34.03
N LEU F 202 1.38 -30.54 34.94
CA LEU F 202 1.93 -30.77 36.29
C LEU F 202 2.92 -31.95 36.35
N GLY F 203 3.59 -32.28 35.24
CA GLY F 203 4.64 -33.30 35.19
C GLY F 203 4.23 -34.77 35.27
N TRP F 204 2.92 -35.05 35.20
CA TRP F 204 2.44 -36.42 35.32
C TRP F 204 2.00 -36.90 33.92
N SER F 205 1.06 -37.84 33.88
CA SER F 205 0.54 -38.35 32.65
C SER F 205 -0.80 -39.00 32.91
N TYR F 206 -1.55 -39.25 31.85
CA TYR F 206 -2.84 -39.92 31.96
C TYR F 206 -2.67 -41.32 32.52
N LEU F 207 -1.78 -42.09 31.91
CA LEU F 207 -1.53 -43.48 32.33
C LEU F 207 -1.02 -43.59 33.76
N GLY F 208 -0.16 -42.66 34.17
CA GLY F 208 0.40 -42.64 35.51
C GLY F 208 -0.66 -42.39 36.57
N TYR F 209 -1.60 -41.50 36.26
CA TYR F 209 -2.71 -41.17 37.15
C TYR F 209 -3.67 -42.35 37.23
N ALA F 210 -4.00 -42.92 36.07
CA ALA F 210 -4.91 -44.08 35.99
C ALA F 210 -4.30 -45.33 36.64
N SER F 211 -2.99 -45.51 36.50
CA SER F 211 -2.30 -46.64 37.12
C SER F 211 -2.25 -46.50 38.64
N TYR F 212 -2.02 -45.28 39.12
CA TYR F 212 -1.97 -45.02 40.56
C TYR F 212 -3.33 -45.29 41.20
N LEU F 213 -4.40 -44.93 40.51
CA LEU F 213 -5.77 -45.21 40.97
C LEU F 213 -6.07 -46.70 40.96
N ASP F 214 -5.77 -47.37 39.86
CA ASP F 214 -6.03 -48.81 39.77
C ASP F 214 -5.16 -49.61 40.75
N MSE F 215 -3.97 -49.11 41.07
CA MSE F 215 -3.08 -49.80 42.02
C MSE F 215 -3.71 -49.90 43.42
O MSE F 215 -3.62 -50.95 44.06
CB MSE F 215 -1.72 -49.09 42.11
CG MSE F 215 -0.65 -49.76 43.00
SE MSE F 215 -0.11 -51.57 42.48
CE MSE F 215 1.20 -51.90 43.89
N GLN F 216 -4.37 -48.84 43.86
CA GLN F 216 -4.99 -48.85 45.19
C GLN F 216 -6.20 -49.79 45.24
N VAL F 217 -6.81 -50.06 44.08
CA VAL F 217 -7.91 -51.02 44.01
C VAL F 217 -7.30 -52.39 44.24
N LEU F 218 -6.23 -52.67 43.51
CA LEU F 218 -5.49 -53.93 43.67
C LEU F 218 -5.02 -54.10 45.12
N ASN F 219 -4.55 -53.01 45.72
CA ASN F 219 -4.14 -53.06 47.13
C ASN F 219 -5.30 -53.44 48.04
N TRP F 220 -6.48 -52.90 47.75
CA TRP F 220 -7.69 -53.25 48.50
C TRP F 220 -8.07 -54.72 48.30
N MSE F 221 -7.96 -55.21 47.06
CA MSE F 221 -8.30 -56.60 46.72
C MSE F 221 -7.51 -57.59 47.58
O MSE F 221 -8.07 -58.57 48.08
CB MSE F 221 -8.06 -56.88 45.25
CG MSE F 221 -9.03 -56.17 44.30
SE MSE F 221 -8.56 -56.44 42.44
CE MSE F 221 -8.83 -58.36 42.33
N LYS F 222 -6.23 -57.31 47.76
CA LYS F 222 -5.34 -58.15 48.57
C LYS F 222 -5.80 -58.32 50.03
N THR F 223 -6.58 -57.36 50.55
CA THR F 223 -7.07 -57.42 51.94
C THR F 223 -8.49 -58.03 52.09
N GLN F 224 -8.95 -58.76 51.08
CA GLN F 224 -10.27 -59.40 51.12
C GLN F 224 -10.10 -60.89 51.41
N LYS F 225 -10.68 -61.36 52.51
CA LYS F 225 -10.56 -62.78 52.89
C LYS F 225 -11.17 -63.74 51.85
N HIS F 226 -12.22 -63.31 51.15
CA HIS F 226 -12.84 -64.17 50.13
C HIS F 226 -12.05 -64.23 48.80
N ILE F 227 -11.15 -63.28 48.58
CA ILE F 227 -10.27 -63.32 47.41
C ILE F 227 -8.99 -64.07 47.77
N ARG F 228 -8.55 -64.95 46.87
CA ARG F 228 -7.30 -65.65 47.07
C ARG F 228 -6.23 -64.64 46.63
N LYS F 229 -5.30 -64.32 47.52
CA LYS F 229 -4.28 -63.29 47.25
C LYS F 229 -3.26 -63.65 46.17
N ASP F 230 -2.90 -64.93 46.08
CA ASP F 230 -1.90 -65.39 45.09
C ASP F 230 -2.48 -65.89 43.77
N ARG F 231 -3.73 -65.52 43.50
CA ARG F 231 -4.41 -65.88 42.25
C ARG F 231 -5.19 -64.68 41.70
N ILE F 232 -4.59 -63.49 41.80
CA ILE F 232 -5.23 -62.26 41.33
C ILE F 232 -4.78 -61.98 39.89
N VAL F 233 -5.74 -62.04 38.97
CA VAL F 233 -5.52 -61.86 37.55
C VAL F 233 -5.92 -60.45 37.14
N VAL F 234 -5.13 -59.82 36.28
CA VAL F 234 -5.45 -58.49 35.79
C VAL F 234 -5.86 -58.64 34.33
N SER F 235 -6.99 -58.05 33.98
CA SER F 235 -7.51 -58.11 32.62
C SER F 235 -7.71 -56.71 32.07
N GLY F 236 -7.37 -56.52 30.80
CA GLY F 236 -7.52 -55.22 30.14
C GLY F 236 -7.95 -55.34 28.69
N PHE F 237 -8.89 -54.49 28.29
CA PHE F 237 -9.37 -54.44 26.90
C PHE F 237 -9.02 -53.13 26.23
N SER F 238 -8.41 -53.23 25.04
CA SER F 238 -8.06 -52.07 24.25
C SER F 238 -7.20 -51.13 25.10
N LEU F 239 -7.69 -49.92 25.40
CA LEU F 239 -6.95 -48.95 26.24
C LEU F 239 -6.61 -49.51 27.62
N GLY F 240 -7.46 -50.39 28.14
CA GLY F 240 -7.27 -50.99 29.45
C GLY F 240 -5.97 -51.74 29.63
N THR F 241 -5.40 -52.25 28.54
CA THR F 241 -4.14 -53.01 28.57
C THR F 241 -2.90 -52.22 28.96
N GLU F 242 -2.97 -50.89 28.88
CA GLU F 242 -1.82 -50.03 29.26
C GLU F 242 -1.56 -50.05 30.76
N PRO F 243 -2.56 -49.67 31.59
CA PRO F 243 -2.33 -49.76 33.05
C PRO F 243 -2.13 -51.21 33.52
N MSE F 244 -2.61 -52.18 32.76
CA MSE F 244 -2.35 -53.59 33.06
C MSE F 244 -0.84 -53.80 33.01
O MSE F 244 -0.27 -54.45 33.88
CB MSE F 244 -3.01 -54.50 32.01
CG MSE F 244 -3.04 -55.96 32.39
SE MSE F 244 -2.65 -57.10 30.86
CE MSE F 244 -0.72 -56.90 30.91
N MSE F 245 -0.20 -53.25 31.98
CA MSE F 245 1.26 -53.34 31.87
C MSE F 245 1.94 -52.59 33.02
O MSE F 245 2.96 -53.04 33.52
CB MSE F 245 1.77 -52.77 30.54
CG MSE F 245 1.45 -53.64 29.33
SE MSE F 245 2.31 -52.89 27.74
CE MSE F 245 1.54 -51.13 27.79
N VAL F 246 1.38 -51.46 33.41
CA VAL F 246 1.93 -50.69 34.53
C VAL F 246 1.79 -51.51 35.80
N LEU F 247 0.55 -51.81 36.18
CA LEU F 247 0.28 -52.59 37.39
C LEU F 247 1.01 -53.93 37.40
N GLY F 248 1.06 -54.57 36.23
CA GLY F 248 1.75 -55.84 36.05
C GLY F 248 3.26 -55.78 36.22
N THR F 249 3.87 -54.70 35.72
CA THR F 249 5.31 -54.51 35.85
C THR F 249 5.69 -54.15 37.29
N LEU F 250 4.92 -53.26 37.91
CA LEU F 250 5.20 -52.76 39.26
C LEU F 250 4.88 -53.72 40.42
N ASP F 251 3.90 -54.61 40.22
CA ASP F 251 3.47 -55.56 41.23
C ASP F 251 3.70 -56.95 40.66
N THR F 252 4.70 -57.65 41.23
CA THR F 252 5.06 -59.02 40.80
C THR F 252 4.23 -60.14 41.47
N SER F 253 3.23 -59.76 42.26
CA SER F 253 2.35 -60.72 42.93
C SER F 253 1.09 -61.02 42.13
N ILE F 254 0.90 -60.31 41.00
CA ILE F 254 -0.24 -60.56 40.14
C ILE F 254 -0.01 -61.95 39.59
N TYR F 255 -0.99 -62.83 39.69
CA TYR F 255 -0.77 -64.22 39.26
C TYR F 255 -0.67 -64.42 37.75
N ALA F 256 -1.63 -63.87 37.00
CA ALA F 256 -1.65 -64.01 35.55
C ALA F 256 -2.18 -62.72 34.92
N PHE F 257 -2.24 -62.70 33.59
CA PHE F 257 -2.68 -61.53 32.83
C PHE F 257 -3.52 -61.88 31.59
N VAL F 258 -4.23 -60.87 31.09
CA VAL F 258 -5.04 -60.98 29.87
C VAL F 258 -4.87 -59.68 29.08
N TYR F 259 -4.20 -59.77 27.94
CA TYR F 259 -3.90 -58.60 27.11
C TYR F 259 -4.83 -58.61 25.90
N ASN F 260 -6.05 -58.12 26.09
CA ASN F 260 -7.01 -58.09 24.99
C ASN F 260 -6.83 -56.83 24.15
N ASP F 261 -5.78 -56.86 23.32
CA ASP F 261 -5.46 -55.79 22.37
C ASP F 261 -4.31 -56.32 21.54
N PHE F 262 -4.08 -55.73 20.37
CA PHE F 262 -2.95 -56.19 19.56
C PHE F 262 -1.66 -55.60 20.19
N LEU F 263 -0.60 -56.40 20.20
CA LEU F 263 0.68 -55.96 20.75
C LEU F 263 1.26 -54.98 19.74
N CYS F 264 1.63 -53.78 20.19
CA CYS F 264 2.11 -52.72 19.30
C CYS F 264 3.46 -52.13 19.71
N GLN F 265 4.38 -52.04 18.76
CA GLN F 265 5.67 -51.40 18.99
C GLN F 265 5.34 -49.95 18.62
N THR F 266 4.82 -49.21 19.60
CA THR F 266 4.30 -47.85 19.42
C THR F 266 5.28 -46.80 18.91
N GLN F 267 6.58 -46.96 19.20
CA GLN F 267 7.61 -46.03 18.72
C GLN F 267 7.71 -46.17 17.21
N GLU F 268 7.87 -47.41 16.75
CA GLU F 268 7.99 -47.73 15.33
C GLU F 268 6.76 -47.26 14.55
N ARG F 269 5.58 -47.36 15.16
CA ARG F 269 4.31 -46.93 14.56
C ARG F 269 4.30 -45.45 14.25
N ALA F 270 4.77 -44.65 15.21
CA ALA F 270 4.87 -43.19 15.04
C ALA F 270 5.88 -42.83 13.97
N GLU F 271 6.90 -43.66 13.80
CA GLU F 271 7.93 -43.45 12.77
C GLU F 271 7.48 -43.79 11.35
N VAL F 272 6.63 -44.81 11.22
CA VAL F 272 6.20 -45.33 9.91
C VAL F 272 4.86 -44.81 9.39
N MSE F 273 3.98 -44.38 10.30
CA MSE F 273 2.68 -43.82 9.90
C MSE F 273 2.88 -42.33 9.66
O MSE F 273 2.53 -41.50 10.52
CB MSE F 273 1.61 -44.08 10.95
CG MSE F 273 0.19 -43.74 10.46
SE MSE F 273 -1.18 -44.02 11.80
CE MSE F 273 -0.83 -45.90 12.16
N THR F 274 3.47 -42.02 8.51
CA THR F 274 3.78 -40.65 8.12
C THR F 274 3.21 -40.28 6.74
N MSE F 275 2.35 -41.13 6.15
CA MSE F 275 1.69 -40.77 4.89
C MSE F 275 0.79 -39.58 5.21
O MSE F 275 0.02 -39.64 6.16
CB MSE F 275 0.84 -41.93 4.34
CG MSE F 275 -0.13 -41.61 3.16
SE MSE F 275 0.61 -41.44 1.37
CE MSE F 275 1.16 -43.32 1.15
N PRO F 276 0.91 -38.49 4.44
CA PRO F 276 0.05 -37.35 4.72
C PRO F 276 -1.34 -37.53 4.12
N ASP F 277 -2.29 -36.72 4.58
CA ASP F 277 -3.66 -36.74 4.06
C ASP F 277 -3.82 -35.63 3.02
N LYS F 278 -5.05 -35.45 2.53
CA LYS F 278 -5.40 -34.41 1.57
C LYS F 278 -4.91 -33.00 1.96
N ASN F 279 -4.88 -32.70 3.26
CA ASN F 279 -4.47 -31.37 3.75
C ASN F 279 -3.01 -31.24 4.22
N GLY F 280 -2.16 -32.20 3.83
CA GLY F 280 -0.76 -32.15 4.22
C GLY F 280 -0.46 -32.41 5.69
N ARG F 281 -1.46 -32.92 6.42
CA ARG F 281 -1.29 -33.26 7.83
C ARG F 281 -0.91 -34.73 7.94
N ARG F 282 -0.05 -35.03 8.90
CA ARG F 282 0.40 -36.39 9.18
C ARG F 282 -0.08 -36.67 10.59
N PRO F 283 -1.31 -37.21 10.73
CA PRO F 283 -1.85 -37.38 12.07
C PRO F 283 -1.07 -38.38 12.90
N PHE F 284 -0.75 -37.98 14.14
CA PHE F 284 -0.01 -38.84 15.07
C PHE F 284 -0.91 -40.06 15.35
N PRO F 285 -0.32 -41.27 15.47
CA PRO F 285 -1.10 -42.48 15.72
C PRO F 285 -2.25 -42.37 16.74
N ASN F 286 -1.98 -41.77 17.90
CA ASN F 286 -3.00 -41.61 18.96
C ASN F 286 -2.86 -40.28 19.71
N SER F 287 -3.85 -39.92 20.51
CA SER F 287 -3.86 -38.63 21.25
C SER F 287 -2.95 -38.60 22.51
N ILE F 288 -2.81 -37.42 23.09
CA ILE F 288 -1.99 -37.23 24.31
C ILE F 288 -2.42 -38.08 25.53
N ARG F 289 -3.61 -38.67 25.49
CA ARG F 289 -4.01 -39.66 26.49
C ARG F 289 -2.91 -40.73 26.61
N HIS F 290 -2.29 -41.09 25.49
CA HIS F 290 -1.18 -42.06 25.45
C HIS F 290 0.20 -41.37 25.49
N LEU F 291 0.29 -40.17 26.06
CA LEU F 291 1.59 -39.44 26.14
C LEU F 291 2.25 -39.59 27.51
N ILE F 292 3.32 -40.37 27.54
CA ILE F 292 4.13 -40.57 28.76
C ILE F 292 5.53 -40.03 28.45
N PRO F 293 5.81 -38.77 28.81
CA PRO F 293 7.15 -38.23 28.52
C PRO F 293 8.27 -39.20 28.92
N ASP F 294 9.24 -39.40 28.01
CA ASP F 294 10.39 -40.32 28.21
C ASP F 294 10.05 -41.84 28.19
N PHE F 295 8.87 -42.20 27.68
CA PHE F 295 8.47 -43.61 27.62
C PHE F 295 9.40 -44.36 26.70
N TRP F 296 9.54 -43.86 25.47
CA TRP F 296 10.34 -44.53 24.44
C TRP F 296 11.86 -44.54 24.65
N LYS F 297 12.38 -43.67 25.53
CA LYS F 297 13.80 -43.69 25.88
C LYS F 297 14.10 -44.95 26.65
N ASN F 298 13.08 -45.48 27.34
CA ASN F 298 13.20 -46.67 28.15
C ASN F 298 12.71 -47.95 27.47
N PHE F 299 11.52 -47.91 26.86
CA PHE F 299 10.92 -49.12 26.28
C PHE F 299 9.68 -48.91 25.42
N ASN F 300 9.24 -50.02 24.81
CA ASN F 300 8.01 -50.13 24.02
C ASN F 300 7.20 -51.30 24.59
N PHE F 301 5.96 -51.47 24.15
CA PHE F 301 5.08 -52.52 24.73
C PHE F 301 5.62 -53.98 24.67
N PRO F 302 6.11 -54.44 23.50
CA PRO F 302 6.67 -55.81 23.48
C PRO F 302 7.79 -56.06 24.51
N ASP F 303 8.54 -55.03 24.89
CA ASP F 303 9.61 -55.16 25.90
C ASP F 303 9.03 -55.45 27.27
N ILE F 304 8.07 -54.60 27.66
CA ILE F 304 7.39 -54.66 28.96
C ILE F 304 6.57 -55.93 29.14
N VAL F 305 5.85 -56.32 28.08
CA VAL F 305 5.04 -57.55 28.07
C VAL F 305 5.96 -58.77 28.17
N ALA F 306 7.17 -58.66 27.62
CA ALA F 306 8.16 -59.73 27.71
C ALA F 306 8.66 -59.84 29.16
N ALA F 307 8.77 -58.69 29.83
CA ALA F 307 9.27 -58.60 31.21
C ALA F 307 8.33 -59.11 32.30
N LEU F 308 7.12 -59.52 31.93
CA LEU F 308 6.16 -60.09 32.89
C LEU F 308 6.38 -61.60 33.09
N ALA F 309 7.26 -62.21 32.31
CA ALA F 309 7.57 -63.64 32.46
C ALA F 309 8.15 -63.93 33.84
N PRO F 310 7.95 -65.14 34.36
CA PRO F 310 7.23 -66.30 33.79
C PRO F 310 5.71 -66.26 34.04
N ARG F 311 5.22 -65.19 34.66
CA ARG F 311 3.80 -65.09 35.02
C ARG F 311 2.85 -65.19 33.82
N PRO F 312 1.96 -66.19 33.80
CA PRO F 312 1.04 -66.46 32.68
C PRO F 312 0.40 -65.23 32.01
N ILE F 313 0.31 -65.27 30.68
CA ILE F 313 -0.29 -64.15 29.94
C ILE F 313 -0.92 -64.64 28.63
N ILE F 314 -2.11 -64.13 28.34
CA ILE F 314 -2.79 -64.45 27.09
C ILE F 314 -3.01 -63.21 26.25
N LEU F 315 -2.54 -63.26 25.00
CA LEU F 315 -2.77 -62.20 24.01
C LEU F 315 -3.79 -62.79 23.04
N THR F 316 -4.90 -62.09 22.85
CA THR F 316 -6.01 -62.60 22.03
C THR F 316 -6.14 -61.97 20.64
N GLU F 317 -5.67 -60.74 20.49
CA GLU F 317 -5.80 -60.03 19.20
C GLU F 317 -4.50 -59.88 18.39
N GLY F 318 -3.47 -60.64 18.75
CA GLY F 318 -2.22 -60.67 17.97
C GLY F 318 -1.36 -59.42 17.89
N GLY F 319 -0.75 -59.23 16.73
CA GLY F 319 0.16 -58.11 16.44
C GLY F 319 1.08 -58.58 15.35
N LEU F 320 2.22 -57.94 15.18
CA LEU F 320 3.20 -58.36 14.16
C LEU F 320 3.93 -59.61 14.65
N ASP F 321 4.21 -60.54 13.75
CA ASP F 321 4.89 -61.81 14.10
C ASP F 321 6.32 -61.65 14.64
N ARG F 322 6.82 -60.42 14.67
CA ARG F 322 8.11 -60.13 15.26
C ARG F 322 7.89 -59.86 16.75
N ASP F 323 6.96 -58.95 17.05
CA ASP F 323 6.63 -58.54 18.42
C ASP F 323 6.08 -59.66 19.31
N LEU F 324 5.39 -60.63 18.72
CA LEU F 324 4.84 -61.76 19.46
C LEU F 324 5.93 -62.80 19.80
N ASP F 325 6.82 -63.09 18.85
CA ASP F 325 7.93 -64.04 19.04
C ASP F 325 8.98 -63.52 20.05
N LEU F 326 9.10 -62.20 20.13
CA LEU F 326 9.92 -61.52 21.12
C LEU F 326 9.45 -61.97 22.51
N VAL F 327 8.14 -61.96 22.71
CA VAL F 327 7.51 -62.38 23.97
C VAL F 327 7.57 -63.90 24.15
N ARG F 328 7.46 -64.66 23.06
CA ARG F 328 7.60 -66.14 23.13
C ARG F 328 9.00 -66.55 23.58
N LYS F 329 10.01 -65.83 23.07
CA LYS F 329 11.41 -66.04 23.42
C LYS F 329 11.68 -65.59 24.85
N ALA F 330 11.05 -64.50 25.27
CA ALA F 330 11.22 -63.97 26.63
C ALA F 330 10.82 -65.00 27.68
N TYR F 331 9.75 -65.74 27.40
CA TYR F 331 9.24 -66.79 28.28
C TYR F 331 10.00 -68.13 28.18
N ALA F 332 10.65 -68.41 27.06
CA ALA F 332 11.42 -69.65 26.90
C ALA F 332 12.75 -69.55 27.64
N ILE F 333 13.31 -68.35 27.70
CA ILE F 333 14.55 -68.05 28.42
C ILE F 333 14.42 -68.33 29.93
N VAL F 334 13.27 -67.94 30.50
CA VAL F 334 12.99 -68.20 31.93
C VAL F 334 12.59 -69.67 32.18
N GLY F 335 12.55 -70.48 31.10
CA GLY F 335 12.27 -71.91 31.17
C GLY F 335 10.80 -72.26 31.18
N THR F 336 9.94 -71.26 30.94
CA THR F 336 8.49 -71.44 30.99
C THR F 336 7.84 -70.91 29.71
N PRO F 337 8.14 -71.55 28.55
CA PRO F 337 7.61 -71.10 27.26
C PRO F 337 6.10 -71.28 27.08
N ASP F 338 5.53 -72.31 27.70
CA ASP F 338 4.09 -72.61 27.58
C ASP F 338 3.17 -71.67 28.40
N ASN F 339 3.74 -70.72 29.17
CA ASN F 339 2.95 -69.76 29.95
C ASN F 339 2.41 -68.59 29.11
N VAL F 340 3.00 -68.36 27.93
CA VAL F 340 2.50 -67.31 27.05
C VAL F 340 1.55 -67.97 26.07
N LYS F 341 0.40 -67.34 25.84
CA LYS F 341 -0.59 -67.85 24.89
C LYS F 341 -0.84 -66.71 23.92
N ILE F 342 -0.78 -67.01 22.63
CA ILE F 342 -0.97 -65.99 21.61
C ILE F 342 -1.97 -66.45 20.56
N TYR F 343 -2.83 -65.53 20.16
CA TYR F 343 -3.83 -65.76 19.15
C TYR F 343 -3.83 -64.56 18.21
N HIS F 344 -4.15 -64.82 16.95
CA HIS F 344 -4.33 -63.78 15.98
C HIS F 344 -5.82 -63.77 15.71
N TYR F 345 -6.32 -62.65 15.18
CA TYR F 345 -7.72 -62.57 14.76
C TYR F 345 -7.96 -63.73 13.80
N LYS F 346 -9.19 -64.21 13.72
CA LYS F 346 -9.53 -65.32 12.82
C LYS F 346 -9.21 -65.00 11.35
N LYS F 347 -9.36 -63.73 10.98
CA LYS F 347 -9.03 -63.25 9.64
C LYS F 347 -7.53 -63.42 9.35
N PHE F 348 -6.68 -63.32 10.36
CA PHE F 348 -5.24 -63.52 10.16
C PHE F 348 -4.71 -64.75 10.92
N SER F 349 -5.48 -65.83 10.87
CA SER F 349 -5.09 -67.11 11.49
C SER F 349 -4.15 -67.87 10.56
N ASP F 350 -4.45 -67.82 9.26
CA ASP F 350 -3.62 -68.44 8.23
C ASP F 350 -2.24 -67.74 8.16
N PRO F 351 -1.14 -68.51 8.21
CA PRO F 351 0.21 -67.91 8.09
C PRO F 351 0.46 -67.06 6.83
N ASP F 352 -0.16 -67.44 5.71
CA ASP F 352 -0.03 -66.70 4.44
C ASP F 352 -0.54 -65.25 4.49
N THR F 353 -1.49 -64.97 5.40
CA THR F 353 -2.05 -63.61 5.54
C THR F 353 -1.23 -62.66 6.43
N ARG F 354 -0.09 -63.15 6.94
CA ARG F 354 0.83 -62.34 7.74
C ARG F 354 2.19 -62.36 7.05
N LYS F 355 3.04 -61.38 7.40
CA LYS F 355 4.38 -61.28 6.82
C LYS F 355 5.43 -61.10 7.91
N ASN F 356 6.40 -62.01 7.97
CA ASN F 356 7.52 -61.92 8.89
C ASN F 356 8.42 -60.82 8.38
N VAL F 357 8.61 -59.77 9.17
CA VAL F 357 9.50 -58.67 8.82
C VAL F 357 10.17 -58.19 10.09
N GLU F 358 11.46 -57.93 10.02
CA GLU F 358 12.23 -57.46 11.16
C GLU F 358 11.92 -55.98 11.44
N TYR F 359 11.63 -55.23 10.39
CA TYR F 359 11.25 -53.82 10.50
C TYR F 359 10.06 -53.55 9.62
N LEU F 360 9.13 -52.74 10.11
CA LEU F 360 7.99 -52.30 9.30
C LEU F 360 8.52 -51.28 8.31
N PRO F 361 7.86 -51.16 7.14
CA PRO F 361 8.32 -50.21 6.14
C PRO F 361 7.94 -48.78 6.48
N GLU F 362 8.69 -47.82 5.95
CA GLU F 362 8.39 -46.41 6.20
C GLU F 362 7.29 -45.98 5.22
N GLY F 363 6.72 -44.79 5.48
CA GLY F 363 5.73 -44.17 4.60
C GLY F 363 4.37 -44.82 4.49
N LEU F 364 3.91 -45.38 5.61
CA LEU F 364 2.62 -46.06 5.65
C LEU F 364 1.51 -45.11 6.07
N ASP F 365 0.27 -45.50 5.77
CA ASP F 365 -0.91 -44.79 6.26
C ASP F 365 -1.52 -45.72 7.31
N ARG F 366 -2.45 -45.20 8.08
CA ARG F 366 -3.09 -45.96 9.14
C ARG F 366 -3.61 -47.35 8.70
N ASN F 367 -4.35 -47.38 7.59
CA ASN F 367 -4.99 -48.61 7.11
C ASN F 367 -3.97 -49.68 6.68
N GLU F 368 -2.90 -49.25 6.04
CA GLU F 368 -1.82 -50.14 5.63
C GLU F 368 -1.02 -50.61 6.84
N TYR F 369 -0.95 -49.77 7.88
CA TYR F 369 -0.25 -50.14 9.10
C TYR F 369 -0.92 -51.30 9.82
N PHE F 370 -2.23 -51.19 10.02
CA PHE F 370 -3.00 -52.24 10.73
C PHE F 370 -3.03 -53.58 9.99
N ARG F 371 -2.93 -53.58 8.66
CA ARG F 371 -2.88 -54.83 7.91
C ARG F 371 -1.49 -55.47 7.97
N MSE F 372 -0.45 -54.64 8.10
CA MSE F 372 0.93 -55.14 8.31
C MSE F 372 1.09 -55.80 9.69
O MSE F 372 1.87 -56.75 9.83
CB MSE F 372 1.97 -54.01 8.18
CG MSE F 372 2.40 -53.68 6.76
SE MSE F 372 3.31 -55.16 5.85
CE MSE F 372 4.73 -55.58 7.11
N VAL F 373 0.38 -55.28 10.70
CA VAL F 373 0.41 -55.81 12.08
C VAL F 373 -0.79 -56.73 12.39
N ASN F 374 -1.47 -57.21 11.33
CA ASN F 374 -2.53 -58.22 11.44
C ASN F 374 -3.79 -57.85 12.25
N VAL F 375 -4.21 -56.59 12.22
CA VAL F 375 -5.37 -56.13 13.01
C VAL F 375 -6.66 -55.96 12.17
N ASP F 376 -7.69 -56.72 12.56
CA ASP F 376 -9.01 -56.73 11.90
C ASP F 376 -9.95 -55.91 12.78
N GLY F 377 -9.95 -54.59 12.57
CA GLY F 377 -10.74 -53.65 13.36
C GLY F 377 -12.14 -54.08 13.75
N PRO F 378 -12.99 -54.41 12.76
CA PRO F 378 -14.37 -54.85 13.01
C PRO F 378 -14.59 -55.99 14.02
N ASN F 379 -13.59 -56.84 14.26
CA ASN F 379 -13.70 -57.92 15.24
C ASN F 379 -12.92 -57.66 16.54
N HIS F 380 -12.74 -56.38 16.88
CA HIS F 380 -12.04 -55.97 18.10
C HIS F 380 -13.03 -55.89 19.27
N TYR F 381 -12.95 -56.87 20.16
CA TYR F 381 -13.81 -56.90 21.36
C TYR F 381 -13.13 -57.84 22.36
N PHE F 382 -13.58 -57.83 23.60
CA PHE F 382 -12.99 -58.68 24.62
C PHE F 382 -13.30 -60.16 24.31
N LYS F 383 -12.30 -60.89 23.84
CA LYS F 383 -12.49 -62.31 23.48
C LYS F 383 -12.79 -63.18 24.69
N SER F 384 -14.05 -63.20 25.11
CA SER F 384 -14.49 -64.03 26.23
C SER F 384 -14.45 -65.50 25.83
N GLU F 385 -14.70 -65.77 24.55
CA GLU F 385 -14.66 -67.15 24.04
C GLU F 385 -13.26 -67.76 24.15
N LEU F 386 -12.22 -66.94 24.01
CA LEU F 386 -10.83 -67.41 24.11
C LEU F 386 -10.26 -67.34 25.52
N VAL F 387 -10.61 -66.31 26.27
CA VAL F 387 -10.06 -66.09 27.62
C VAL F 387 -10.69 -66.96 28.71
N VAL F 388 -12.02 -67.09 28.71
CA VAL F 388 -12.68 -67.89 29.75
C VAL F 388 -12.11 -69.33 29.81
N PRO F 389 -11.95 -70.03 28.67
CA PRO F 389 -11.32 -71.37 28.68
C PRO F 389 -9.84 -71.35 29.13
N TRP F 390 -9.13 -70.26 28.85
CA TRP F 390 -7.74 -70.12 29.28
C TRP F 390 -7.74 -70.00 30.81
N LEU F 391 -8.68 -69.20 31.32
CA LEU F 391 -8.84 -69.02 32.77
C LEU F 391 -9.34 -70.29 33.46
N ARG F 392 -10.08 -71.14 32.72
CA ARG F 392 -10.53 -72.43 33.26
C ARG F 392 -9.32 -73.33 33.51
N LYS F 393 -8.55 -73.56 32.45
CA LYS F 393 -7.37 -74.44 32.47
C LYS F 393 -6.20 -73.98 33.35
N LEU F 394 -5.97 -72.67 33.42
CA LEU F 394 -4.90 -72.13 34.25
C LEU F 394 -5.23 -72.39 35.72
N LEU F 395 -6.45 -72.01 36.10
CA LEU F 395 -6.92 -72.16 37.47
C LEU F 395 -7.61 -73.52 37.66
#